data_8GKC
#
_entry.id   8GKC
#
_cell.length_a   1.00
_cell.length_b   1.00
_cell.length_c   1.00
_cell.angle_alpha   90.00
_cell.angle_beta   90.00
_cell.angle_gamma   90.00
#
_symmetry.space_group_name_H-M   'P 1'
#
loop_
_entity.id
_entity.type
_entity.pdbx_description
1 polymer 'Fatty acid synthase'
2 non-polymer denifanstat
3 non-polymer 'NADPH DIHYDRO-NICOTINAMIDE-ADENINE-DINUCLEOTIDE PHOSPHATE'
#
_entity_poly.entity_id   1
_entity_poly.type   'polypeptide(L)'
_entity_poly.pdbx_seq_one_letter_code
;GGSPSAAIYNIDTSSESPDHYLVDHTLDGRVLFPATGYLSIVWKTLARALGLGVEQLPVVFEDVVLHQATILPKTGTVSL
EVRLLEASRAFEVSENGNLVVSGKVYQWDDPDPRLFDHPESPTPNPTEPLFLAQAEVYKELRLRGYDYGPHFQGILEASL
EGDSGRLLWKDNWVSFMDTMLQMSILGSAKHGLYLPTRVTAIHIDPATHRQKLYTLQDKAQVADVVVSRWLRVTVAGGVH
ISGLHTESAPRRQQEQQVPILEKFCFTPHTEEGCLSERAALQEELQLCKGLVQALQTKVTQQGLKMVVPGLDGAQIPRDP
SQQELPRLLSAACRLQLNGNLQLELAQVLAQERPKLPEDPLLSGLLDSPALKACLDTAVENMPSLKMKVVEVLAGHGHLY
SRIPGLLSPHPLLQLSYTATDRHPQALEAAQAELQQHDVAQGQWDPADPAPSALGSADLLVCNCAVAALGDPASALSNMV
AALREGGFLLLHTLLRGHPLGDIVAFLTSTEPQYGQGILSQDAWESLFSRVSLRLVGLKKSFYGSTLFLCRRPTPQDSPI
FLPVDDTSFRWVESLKGILADEDSSRPVWLKAINCATSGVVGLVNCLRREPGGNRLRCVLLSNLSSTSHVPEVDPGSAEL
QKVLQGDLVMNVYRDGAWGAFRHFLLEEDKPEEPTAHAFVSTLTRGDLSSIRWVCSSLRHAQPTCPGAQLCTVYYASLNF
RDIMLATGKLSPDAIPGKWTSQDSLLGMEFSGRDASGKRVMGLVPAKGLATSVLLSPDFLWDVPSNWTLEEAASVPVVYS
TAYYALVVRGRVRPGETLLIHSGSGGVGQAAIAIALSLGCRVFTTVGSAEKRAYLQARFPQLDSTSFANSRDTSFEQHVL
WHTGGKGVDLVLNSLAEEKLQASVRCLATHGRFLEIGKFDLSQNHPLGMAIFLKNVTFHGVLLDAFFNESSADWREVWAL
VQAGIRDGVVRPLKCTVFHGAQVEDAFRYMAQGKHIGKVVVQVLAEEPEAVLKGAKPKLMSAISKTFCPAHKSYIIAGGL
GGFGLELAQWLIQRGVQKLVLTSRSGIRTGYQAKQVRRWRRQGVQVQVSTSNISSLEGARGLIAEAAQLGPVGGVFNLAV
VLRDGLLENQTPEFFQDVCKPKYSGTLNLDRVTREACPELDYFVVFSSVSCGRGNAGQSNYGFANSAMERICEKRRHEGL
PGLAVQWGAIGDVGILVETMSTNDTIVSGTLPQRMASCLEVLDLFLNQPHMVLSSFVLAEKAAAYRDRDSQRDLVEAVAH
ILGIRDLAAVNLDSSLADLGLDSLMSVEVRQTLERELNLVLSVREVRQLTLRKLQELSSKADEASELACPTPKEDGLAQQ
QTQLNLRSLLVNPEGPTLMRLNSVQSSERPLFLVHPIEGSTTVFHSLASRLSIPTYGLQCTRAAPLDSIHSLAAYYIDCI
RQVQPEGPYRVAGYSYGACVAFEMCSQLQAQQSPAPTHNSLFLFDGSPTYVLAYTQSYRAKLTPGCEAEAETEAICFFVQ
QFTDMEHNRVLEALLPLKGLEERVAAAVDLIIKSHQGLDRQELSFAARSFYYKLRAAEQYTPKAKYHGNVMLLRAKTGGA
YGEDLGADYNLSQVCDGKVSVHVIEGDHRTLLEGSGLESIISIIHSSLAEPRVSVREGLESRGPHHHHHH
;
_entity_poly.pdbx_strand_id   A,D
#
loop_
_chem_comp.id
_chem_comp.type
_chem_comp.name
_chem_comp.formula
NDP non-polymer 'NADPH DIHYDRO-NICOTINAMIDE-ADENINE-DINUCLEOTIDE PHOSPHATE' 'C21 H30 N7 O17 P3'
X5O non-polymer denifanstat 'C27 H29 N5 O'
#
# COMPACT_ATOMS: atom_id res chain seq x y z
N SER A 5 5.37 -26.33 18.08
CA SER A 5 5.74 -25.27 17.14
C SER A 5 5.78 -23.91 17.83
N ALA A 6 4.84 -23.69 18.74
CA ALA A 6 4.82 -22.45 19.53
C ALA A 6 5.85 -22.54 20.63
N ALA A 7 6.97 -21.83 20.47
CA ALA A 7 7.99 -21.77 21.50
C ALA A 7 7.49 -20.89 22.65
N ILE A 8 7.51 -21.43 23.86
CA ILE A 8 6.99 -20.72 25.02
C ILE A 8 8.16 -20.11 25.78
N TYR A 9 8.02 -18.85 26.17
CA TYR A 9 9.04 -18.15 26.95
C TYR A 9 8.35 -17.60 28.18
N ASN A 10 8.62 -18.23 29.33
CA ASN A 10 8.05 -17.80 30.60
C ASN A 10 8.99 -16.77 31.20
N ILE A 11 8.75 -15.50 30.90
CA ILE A 11 9.56 -14.41 31.42
C ILE A 11 9.24 -14.22 32.89
N ASP A 12 10.20 -14.53 33.75
CA ASP A 12 10.11 -14.32 35.18
C ASP A 12 11.17 -13.30 35.57
N THR A 13 10.75 -12.24 36.24
CA THR A 13 11.67 -11.21 36.70
C THR A 13 12.02 -11.37 38.17
N SER A 14 12.03 -12.61 38.67
CA SER A 14 12.45 -12.86 40.04
C SER A 14 13.98 -12.75 40.15
N SER A 15 14.45 -12.64 41.39
CA SER A 15 15.88 -12.42 41.62
C SER A 15 16.73 -13.57 41.10
N GLU A 16 16.27 -14.81 41.29
CA GLU A 16 17.02 -15.97 40.85
C GLU A 16 16.79 -16.30 39.37
N SER A 17 15.84 -15.63 38.73
CA SER A 17 15.53 -15.92 37.34
C SER A 17 16.62 -15.38 36.41
N PRO A 18 16.88 -16.06 35.30
CA PRO A 18 17.86 -15.53 34.33
C PRO A 18 17.41 -14.23 33.68
N ASP A 19 16.12 -13.94 33.67
CA ASP A 19 15.59 -12.70 33.09
C ASP A 19 15.36 -11.62 34.14
N HIS A 20 16.12 -11.66 35.24
CA HIS A 20 15.96 -10.64 36.27
C HIS A 20 16.40 -9.27 35.78
N TYR A 21 17.37 -9.20 34.87
CA TYR A 21 17.82 -7.92 34.35
C TYR A 21 16.68 -7.11 33.75
N LEU A 22 15.61 -7.77 33.33
CA LEU A 22 14.48 -7.07 32.73
C LEU A 22 13.76 -6.16 33.72
N VAL A 23 14.03 -6.28 35.02
CA VAL A 23 13.46 -5.32 35.96
C VAL A 23 14.05 -3.94 35.75
N ASP A 24 15.22 -3.87 35.10
CA ASP A 24 15.88 -2.61 34.87
C ASP A 24 15.36 -1.89 33.64
N HIS A 25 14.50 -2.50 32.86
CA HIS A 25 13.85 -1.84 31.73
C HIS A 25 12.54 -1.20 32.19
N THR A 26 12.67 -0.16 32.99
CA THR A 26 11.52 0.55 33.55
C THR A 26 11.25 1.81 32.74
N LEU A 27 10.02 1.92 32.23
CA LEU A 27 9.61 3.05 31.41
C LEU A 27 8.36 3.65 32.02
N ASP A 28 8.49 4.85 32.57
CA ASP A 28 7.41 5.51 33.31
C ASP A 28 6.95 4.66 34.49
N GLY A 29 7.91 4.16 35.27
CA GLY A 29 7.59 3.40 36.45
C GLY A 29 7.05 2.01 36.20
N ARG A 30 6.91 1.60 34.94
CA ARG A 30 6.39 0.30 34.58
C ARG A 30 7.52 -0.53 33.99
N VAL A 31 7.70 -1.74 34.52
CA VAL A 31 8.66 -2.69 33.95
C VAL A 31 8.01 -3.25 32.68
N LEU A 32 8.52 -2.84 31.53
CA LEU A 32 8.00 -3.28 30.25
C LEU A 32 8.98 -4.25 29.60
N PHE A 33 8.45 -5.17 28.82
CA PHE A 33 9.31 -6.04 28.04
C PHE A 33 9.90 -5.25 26.88
N PRO A 34 11.21 -5.23 26.72
CA PRO A 34 11.79 -4.45 25.62
C PRO A 34 11.42 -5.02 24.27
N ALA A 35 11.34 -4.14 23.27
CA ALA A 35 11.16 -4.59 21.90
C ALA A 35 12.31 -5.50 21.48
N THR A 36 13.51 -5.18 21.90
CA THR A 36 14.66 -6.04 21.66
C THR A 36 14.56 -7.35 22.44
N GLY A 37 13.79 -7.38 23.53
CA GLY A 37 13.47 -8.65 24.16
C GLY A 37 12.68 -9.55 23.23
N TYR A 38 11.68 -8.98 22.54
CA TYR A 38 10.96 -9.74 21.52
C TYR A 38 11.89 -10.17 20.40
N LEU A 39 12.80 -9.29 20.00
CA LEU A 39 13.76 -9.67 18.95
C LEU A 39 14.59 -10.87 19.38
N SER A 40 15.12 -10.83 20.60
CA SER A 40 15.93 -11.94 21.09
C SER A 40 15.11 -13.22 21.23
N ILE A 41 13.85 -13.08 21.63
CA ILE A 41 12.98 -14.25 21.82
C ILE A 41 12.65 -14.90 20.47
N VAL A 42 12.28 -14.09 19.47
CA VAL A 42 12.04 -14.61 18.13
C VAL A 42 13.31 -15.19 17.54
N TRP A 43 14.45 -14.55 17.83
CA TRP A 43 15.74 -15.05 17.39
C TRP A 43 16.02 -16.44 17.96
N LYS A 44 15.74 -16.62 19.26
CA LYS A 44 15.92 -17.92 19.88
C LYS A 44 14.98 -18.96 19.28
N THR A 45 13.75 -18.57 19.01
CA THR A 45 12.81 -19.49 18.37
C THR A 45 13.29 -19.91 16.99
N LEU A 46 13.77 -18.95 16.20
CA LEU A 46 14.28 -19.27 14.87
C LEU A 46 15.53 -20.13 14.94
N ALA A 47 16.35 -19.93 15.98
CA ALA A 47 17.58 -20.72 16.09
C ALA A 47 17.27 -22.15 16.52
N ARG A 48 16.31 -22.34 17.43
CA ARG A 48 15.86 -23.69 17.74
C ARG A 48 15.21 -24.35 16.53
N ALA A 49 14.43 -23.59 15.76
CA ALA A 49 13.77 -24.15 14.59
C ALA A 49 14.80 -24.64 13.56
N LEU A 50 15.87 -23.88 13.37
CA LEU A 50 16.95 -24.29 12.49
C LEU A 50 18.00 -25.15 13.20
N GLY A 51 17.78 -25.48 14.47
CA GLY A 51 18.72 -26.31 15.21
C GLY A 51 20.06 -25.67 15.47
N LEU A 52 20.09 -24.35 15.67
CA LEU A 52 21.30 -23.61 15.90
C LEU A 52 21.17 -22.79 17.18
N GLY A 53 22.25 -22.11 17.54
CA GLY A 53 22.22 -21.13 18.59
C GLY A 53 22.09 -19.73 18.00
N VAL A 54 21.67 -18.78 18.83
CA VAL A 54 21.50 -17.42 18.36
C VAL A 54 22.85 -16.85 17.93
N GLU A 55 23.91 -17.16 18.67
CA GLU A 55 25.23 -16.67 18.33
C GLU A 55 25.75 -17.24 17.01
N GLN A 56 25.17 -18.36 16.55
CA GLN A 56 25.53 -18.95 15.27
C GLN A 56 24.49 -18.67 14.20
N LEU A 57 23.48 -17.86 14.50
CA LEU A 57 22.40 -17.58 13.58
C LEU A 57 22.34 -16.08 13.29
N PRO A 58 22.99 -15.63 12.23
CA PRO A 58 22.72 -14.27 11.74
C PRO A 58 21.27 -14.17 11.27
N VAL A 59 20.59 -13.10 11.69
CA VAL A 59 19.15 -13.01 11.57
C VAL A 59 18.77 -11.67 10.98
N VAL A 60 17.63 -11.66 10.29
CA VAL A 60 17.04 -10.46 9.72
C VAL A 60 15.59 -10.40 10.15
N PHE A 61 15.23 -9.32 10.82
CA PHE A 61 13.85 -8.96 11.10
C PHE A 61 13.43 -7.89 10.11
N GLU A 62 12.19 -7.95 9.66
CA GLU A 62 11.66 -7.00 8.70
C GLU A 62 10.24 -6.65 9.06
N ASP A 63 9.89 -5.37 8.88
CA ASP A 63 8.53 -4.90 9.10
C ASP A 63 8.02 -5.31 10.47
N VAL A 64 8.89 -5.23 11.47
CA VAL A 64 8.52 -5.58 12.83
C VAL A 64 7.53 -4.56 13.35
N VAL A 65 6.35 -5.04 13.75
CA VAL A 65 5.31 -4.19 14.31
C VAL A 65 5.06 -4.62 15.74
N LEU A 66 5.14 -3.67 16.66
CA LEU A 66 4.90 -3.91 18.07
C LEU A 66 3.48 -3.43 18.38
N HIS A 67 2.56 -4.37 18.54
CA HIS A 67 1.15 -4.05 18.65
C HIS A 67 0.73 -3.67 20.06
N GLN A 68 1.41 -4.17 21.08
CA GLN A 68 1.08 -3.83 22.45
C GLN A 68 2.32 -4.03 23.31
N ALA A 69 2.27 -3.43 24.49
CA ALA A 69 3.36 -3.50 25.45
C ALA A 69 3.08 -4.62 26.44
N THR A 70 4.12 -5.41 26.76
CA THR A 70 4.02 -6.43 27.79
C THR A 70 4.58 -5.87 29.09
N ILE A 71 3.73 -5.81 30.10
CA ILE A 71 4.14 -5.39 31.44
C ILE A 71 4.62 -6.62 32.18
N LEU A 72 5.83 -6.56 32.72
CA LEU A 72 6.36 -7.65 33.51
C LEU A 72 6.00 -7.41 34.97
N PRO A 73 5.13 -8.23 35.57
CA PRO A 73 4.72 -7.97 36.95
C PRO A 73 5.85 -8.25 37.92
N LYS A 74 5.80 -7.57 39.07
CA LYS A 74 6.80 -7.79 40.11
C LYS A 74 6.75 -9.23 40.60
N THR A 75 5.55 -9.75 40.86
CA THR A 75 5.35 -11.14 41.24
C THR A 75 4.55 -11.83 40.15
N GLY A 76 5.06 -12.97 39.68
CA GLY A 76 4.41 -13.72 38.64
C GLY A 76 5.37 -14.04 37.50
N THR A 77 4.76 -14.40 36.37
CA THR A 77 5.50 -14.76 35.16
C THR A 77 4.61 -14.49 33.96
N VAL A 78 5.18 -13.88 32.93
CA VAL A 78 4.46 -13.57 31.70
C VAL A 78 4.89 -14.57 30.65
N SER A 79 3.92 -15.24 30.03
CA SER A 79 4.20 -16.24 29.01
C SER A 79 4.05 -15.63 27.62
N LEU A 80 5.15 -15.63 26.87
CA LEU A 80 5.15 -15.12 25.50
C LEU A 80 5.33 -16.31 24.56
N GLU A 81 4.39 -16.48 23.64
CA GLU A 81 4.43 -17.57 22.67
C GLU A 81 4.94 -17.02 21.35
N VAL A 82 5.94 -17.66 20.78
CA VAL A 82 6.47 -17.28 19.48
C VAL A 82 6.16 -18.41 18.50
N ARG A 83 5.41 -18.08 17.47
CA ARG A 83 5.11 -19.01 16.39
C ARG A 83 5.76 -18.51 15.11
N LEU A 84 6.31 -19.44 14.35
CA LEU A 84 7.07 -19.13 13.15
C LEU A 84 6.36 -19.70 11.92
N LEU A 85 6.29 -18.91 10.86
CA LEU A 85 5.83 -19.35 9.55
C LEU A 85 7.06 -19.30 8.65
N GLU A 86 7.83 -20.39 8.65
CA GLU A 86 9.10 -20.40 7.94
C GLU A 86 8.90 -20.25 6.44
N ALA A 87 7.82 -20.81 5.90
CA ALA A 87 7.56 -20.71 4.47
C ALA A 87 7.31 -19.27 4.05
N SER A 88 6.54 -18.53 4.85
CA SER A 88 6.30 -17.12 4.59
C SER A 88 7.25 -16.21 5.35
N ARG A 89 8.24 -16.77 6.04
CA ARG A 89 9.29 -16.03 6.74
C ARG A 89 8.74 -15.13 7.84
N ALA A 90 7.54 -15.41 8.33
CA ALA A 90 6.90 -14.55 9.31
C ALA A 90 7.08 -15.11 10.71
N PHE A 91 6.86 -14.24 11.69
CA PHE A 91 6.82 -14.64 13.09
C PHE A 91 5.64 -13.94 13.76
N GLU A 92 5.29 -14.46 14.93
CA GLU A 92 4.22 -13.87 15.71
C GLU A 92 4.49 -14.13 17.18
N VAL A 93 4.67 -13.07 17.95
CA VAL A 93 4.75 -13.12 19.41
C VAL A 93 3.39 -12.74 19.95
N SER A 94 2.81 -13.63 20.74
CA SER A 94 1.51 -13.43 21.34
C SER A 94 1.60 -13.63 22.85
N GLU A 95 0.68 -13.01 23.58
CA GLU A 95 0.57 -13.19 25.02
C GLU A 95 -0.89 -13.42 25.35
N ASN A 96 -1.21 -14.62 25.84
CA ASN A 96 -2.58 -15.01 26.14
C ASN A 96 -3.49 -14.87 24.91
N GLY A 97 -2.94 -15.23 23.74
CA GLY A 97 -3.69 -15.18 22.51
C GLY A 97 -3.77 -13.82 21.85
N ASN A 98 -3.17 -12.79 22.45
CA ASN A 98 -3.19 -11.44 21.90
C ASN A 98 -1.90 -11.19 21.15
N LEU A 99 -2.03 -10.75 19.91
CA LEU A 99 -0.85 -10.45 19.09
C LEU A 99 -0.05 -9.33 19.72
N VAL A 100 1.19 -9.62 20.07
CA VAL A 100 2.09 -8.63 20.67
C VAL A 100 3.04 -8.07 19.62
N VAL A 101 3.73 -8.94 18.89
CA VAL A 101 4.70 -8.53 17.88
C VAL A 101 4.46 -9.34 16.61
N SER A 102 4.53 -8.69 15.47
CA SER A 102 4.48 -9.36 14.18
C SER A 102 5.63 -8.87 13.33
N GLY A 103 5.86 -9.57 12.24
CA GLY A 103 6.92 -9.19 11.32
C GLY A 103 7.48 -10.41 10.63
N LYS A 104 8.57 -10.19 9.92
CA LYS A 104 9.27 -11.24 9.20
C LYS A 104 10.59 -11.50 9.91
N VAL A 105 10.92 -12.77 10.08
CA VAL A 105 12.22 -13.14 10.62
C VAL A 105 12.78 -14.26 9.77
N TYR A 106 14.06 -14.16 9.43
CA TYR A 106 14.68 -15.23 8.66
C TYR A 106 16.18 -15.18 8.84
N GLN A 107 16.81 -16.33 8.66
CA GLN A 107 18.26 -16.39 8.71
C GLN A 107 18.87 -15.53 7.63
N TRP A 108 19.83 -14.70 8.01
CA TRP A 108 20.60 -13.93 7.05
C TRP A 108 21.54 -14.88 6.32
N ASP A 109 21.21 -15.19 5.07
CA ASP A 109 21.93 -16.24 4.35
C ASP A 109 23.35 -15.80 4.00
N ASP A 110 23.51 -14.58 3.47
CA ASP A 110 24.80 -14.03 3.09
C ASP A 110 25.04 -12.77 3.91
N PRO A 111 25.48 -12.91 5.16
CA PRO A 111 25.64 -11.72 6.03
C PRO A 111 26.75 -10.82 5.53
N ASP A 112 26.43 -9.54 5.36
CA ASP A 112 27.39 -8.58 4.86
C ASP A 112 27.94 -7.77 6.03
N PRO A 113 29.21 -7.94 6.40
CA PRO A 113 29.80 -7.03 7.39
C PRO A 113 29.84 -5.59 6.94
N ARG A 114 29.90 -5.32 5.63
CA ARG A 114 29.90 -3.96 5.14
C ARG A 114 28.61 -3.22 5.47
N LEU A 115 27.53 -3.95 5.78
CA LEU A 115 26.32 -3.28 6.28
C LEU A 115 26.58 -2.61 7.60
N PHE A 116 27.34 -3.26 8.48
CA PHE A 116 27.62 -2.70 9.80
C PHE A 116 28.84 -1.79 9.74
N ASP A 117 28.84 -0.86 8.78
CA ASP A 117 29.85 0.18 8.70
C ASP A 117 29.19 1.49 9.11
N HIS A 118 29.86 2.24 9.96
CA HIS A 118 29.27 3.45 10.51
C HIS A 118 29.11 4.51 9.43
N PRO A 119 27.91 5.01 9.17
CA PRO A 119 27.74 6.08 8.19
C PRO A 119 28.41 7.36 8.67
N GLU A 120 28.89 8.14 7.71
CA GLU A 120 29.53 9.40 8.03
C GLU A 120 28.51 10.39 8.57
N SER A 121 28.96 11.29 9.44
CA SER A 121 28.06 12.29 9.98
C SER A 121 27.85 13.41 8.97
N PRO A 122 26.65 14.00 8.91
CA PRO A 122 26.44 15.13 7.99
C PRO A 122 27.33 16.32 8.28
N THR A 123 27.70 16.55 9.54
CA THR A 123 28.59 17.63 9.90
C THR A 123 29.58 17.14 10.94
N PRO A 124 30.83 17.62 10.87
CA PRO A 124 31.82 17.22 11.89
C PRO A 124 31.47 17.78 13.25
N ASN A 125 31.87 17.04 14.29
CA ASN A 125 31.60 17.45 15.67
C ASN A 125 32.71 18.38 16.14
N PRO A 126 32.42 19.64 16.44
CA PRO A 126 33.48 20.52 16.95
C PRO A 126 33.83 20.23 18.40
N THR A 127 32.84 20.00 19.25
CA THR A 127 33.05 19.77 20.67
C THR A 127 33.36 18.29 20.93
N GLU A 128 34.53 17.87 20.44
CA GLU A 128 35.01 16.53 20.74
C GLU A 128 35.24 16.30 22.23
N PRO A 129 35.90 17.22 22.97
CA PRO A 129 36.03 16.98 24.42
C PRO A 129 34.72 16.98 25.17
N LEU A 130 33.70 17.66 24.64
CA LEU A 130 32.40 17.75 25.30
C LEU A 130 31.51 16.63 24.77
N PHE A 131 31.32 15.60 25.58
CA PHE A 131 30.42 14.50 25.29
C PHE A 131 29.49 14.27 26.47
N LEU A 132 28.57 13.33 26.31
CA LEU A 132 27.64 12.96 27.37
C LEU A 132 28.14 11.69 28.05
N ALA A 133 28.47 11.78 29.33
CA ALA A 133 28.84 10.60 30.08
C ALA A 133 27.60 9.75 30.36
N GLN A 134 27.84 8.52 30.83
CA GLN A 134 26.75 7.59 31.07
C GLN A 134 25.74 8.15 32.06
N ALA A 135 26.22 8.70 33.17
CA ALA A 135 25.33 9.32 34.14
C ALA A 135 24.54 10.45 33.50
N GLU A 136 25.17 11.25 32.65
CA GLU A 136 24.49 12.34 31.99
C GLU A 136 23.45 11.82 31.00
N VAL A 137 23.82 10.82 30.21
CA VAL A 137 22.90 10.23 29.25
C VAL A 137 21.64 9.75 29.94
N TYR A 138 21.80 9.02 31.05
CA TYR A 138 20.64 8.44 31.68
C TYR A 138 19.90 9.42 32.58
N LYS A 139 20.56 10.49 33.03
CA LYS A 139 19.84 11.59 33.66
C LYS A 139 18.93 12.28 32.65
N GLU A 140 19.43 12.53 31.44
CA GLU A 140 18.59 13.11 30.40
C GLU A 140 17.45 12.17 30.02
N LEU A 141 17.75 10.87 29.89
CA LEU A 141 16.71 9.91 29.52
C LEU A 141 15.64 9.81 30.61
N ARG A 142 16.04 9.75 31.88
CA ARG A 142 15.07 9.68 32.96
C ARG A 142 14.28 10.98 33.07
N LEU A 143 14.88 12.10 32.65
CA LEU A 143 14.10 13.32 32.49
C LEU A 143 13.05 13.16 31.42
N ARG A 144 13.39 12.49 30.32
CA ARG A 144 12.38 12.21 29.30
C ARG A 144 11.38 11.14 29.71
N GLY A 145 11.66 10.39 30.76
CA GLY A 145 10.77 9.36 31.24
C GLY A 145 11.25 7.92 31.11
N TYR A 146 12.55 7.70 30.97
CA TYR A 146 13.11 6.36 30.79
C TYR A 146 13.91 6.01 32.05
N ASP A 147 13.28 5.30 32.98
CA ASP A 147 13.92 4.99 34.26
C ASP A 147 14.71 3.69 34.13
N TYR A 148 15.71 3.73 33.25
CA TYR A 148 16.53 2.55 32.99
C TYR A 148 17.38 2.21 34.20
N GLY A 149 17.36 0.94 34.60
CA GLY A 149 18.19 0.47 35.68
C GLY A 149 19.58 0.13 35.18
N PRO A 150 20.45 -0.32 36.08
CA PRO A 150 21.85 -0.54 35.69
C PRO A 150 22.05 -1.53 34.56
N HIS A 151 21.19 -2.54 34.43
CA HIS A 151 21.38 -3.53 33.37
C HIS A 151 21.11 -2.93 31.99
N PHE A 152 20.20 -1.96 31.90
CA PHE A 152 19.90 -1.30 30.63
C PHE A 152 20.57 0.06 30.52
N GLN A 153 21.54 0.36 31.38
CA GLN A 153 22.30 1.59 31.29
C GLN A 153 23.64 1.31 30.60
N GLY A 154 23.55 1.01 29.31
CA GLY A 154 24.69 0.53 28.56
C GLY A 154 25.37 1.57 27.69
N ILE A 155 24.87 2.80 27.71
CA ILE A 155 25.48 3.89 26.96
C ILE A 155 26.52 4.55 27.86
N LEU A 156 27.80 4.29 27.61
CA LEU A 156 28.85 4.94 28.38
C LEU A 156 29.08 6.36 27.89
N GLU A 157 29.27 6.52 26.58
CA GLU A 157 29.58 7.79 25.98
C GLU A 157 28.57 8.08 24.89
N ALA A 158 28.18 9.34 24.78
CA ALA A 158 27.35 9.79 23.67
C ALA A 158 27.75 11.21 23.32
N SER A 159 27.76 11.50 22.02
CA SER A 159 28.01 12.86 21.58
C SER A 159 26.83 13.74 21.93
N LEU A 160 27.08 15.06 21.98
CA LEU A 160 26.02 16.00 22.33
C LEU A 160 24.86 15.94 21.34
N GLU A 161 25.16 15.77 20.06
CA GLU A 161 24.11 15.64 19.06
C GLU A 161 23.34 14.33 19.21
N GLY A 162 23.90 13.35 19.91
CA GLY A 162 23.24 12.08 20.08
C GLY A 162 23.36 11.15 18.89
N ASP A 163 24.25 11.43 17.96
CA ASP A 163 24.42 10.63 16.75
C ASP A 163 25.55 9.63 16.84
N SER A 164 26.28 9.58 17.94
CA SER A 164 27.40 8.66 18.08
C SER A 164 27.66 8.43 19.55
N GLY A 165 28.31 7.31 19.84
CA GLY A 165 28.66 6.98 21.21
C GLY A 165 29.20 5.57 21.30
N ARG A 166 29.19 5.04 22.51
CA ARG A 166 29.63 3.67 22.74
C ARG A 166 28.66 2.96 23.68
N LEU A 167 28.52 1.66 23.45
CA LEU A 167 27.56 0.81 24.15
C LEU A 167 28.30 -0.37 24.77
N LEU A 168 28.13 -0.57 26.07
CA LEU A 168 28.79 -1.66 26.76
C LEU A 168 28.11 -2.98 26.43
N TRP A 169 28.92 -4.01 26.22
CA TRP A 169 28.43 -5.34 25.89
C TRP A 169 28.50 -6.22 27.13
N LYS A 170 27.34 -6.58 27.67
CA LYS A 170 27.23 -7.43 28.85
C LYS A 170 26.84 -8.86 28.48
N ASP A 171 27.25 -9.32 27.29
CA ASP A 171 26.84 -10.61 26.76
C ASP A 171 25.32 -10.75 26.71
N ASN A 172 24.64 -9.63 26.46
CA ASN A 172 23.18 -9.57 26.48
C ASN A 172 22.72 -8.82 25.24
N TRP A 173 21.98 -9.52 24.39
CA TRP A 173 21.49 -8.90 23.15
C TRP A 173 20.33 -7.94 23.41
N VAL A 174 19.45 -8.30 24.34
CA VAL A 174 18.32 -7.44 24.66
C VAL A 174 18.81 -6.07 25.13
N SER A 175 19.75 -6.07 26.09
CA SER A 175 20.24 -4.81 26.63
C SER A 175 21.00 -4.01 25.59
N PHE A 176 21.82 -4.67 24.78
CA PHE A 176 22.61 -3.96 23.78
C PHE A 176 21.72 -3.30 22.74
N MET A 177 20.73 -4.03 22.23
CA MET A 177 19.85 -3.45 21.23
C MET A 177 18.91 -2.42 21.85
N ASP A 178 18.56 -2.57 23.12
CA ASP A 178 17.80 -1.53 23.79
C ASP A 178 18.61 -0.25 23.94
N THR A 179 19.91 -0.38 24.25
CA THR A 179 20.73 0.82 24.31
C THR A 179 20.96 1.42 22.94
N MET A 180 20.95 0.60 21.90
CA MET A 180 20.89 1.09 20.53
C MET A 180 19.67 1.99 20.34
N LEU A 181 18.50 1.51 20.77
CA LEU A 181 17.29 2.33 20.65
C LEU A 181 17.36 3.57 21.53
N GLN A 182 17.97 3.46 22.71
CA GLN A 182 18.12 4.62 23.59
C GLN A 182 18.97 5.69 22.94
N MET A 183 20.09 5.29 22.33
CA MET A 183 20.94 6.26 21.64
C MET A 183 20.24 6.82 20.42
N SER A 184 19.39 6.02 19.77
CA SER A 184 18.60 6.53 18.65
C SER A 184 17.64 7.62 19.10
N ILE A 185 17.00 7.44 20.26
CA ILE A 185 16.04 8.44 20.75
C ILE A 185 16.70 9.51 21.62
N LEU A 186 18.01 9.43 21.84
CA LEU A 186 18.68 10.42 22.68
C LEU A 186 18.83 11.76 21.96
N GLY A 187 19.17 11.72 20.67
CA GLY A 187 19.34 12.95 19.93
C GLY A 187 18.06 13.43 19.30
N SER A 188 16.95 13.21 19.99
CA SER A 188 15.62 13.53 19.49
C SER A 188 15.19 14.90 19.99
N ALA A 189 14.71 15.74 19.08
CA ALA A 189 14.16 17.03 19.48
C ALA A 189 12.85 16.86 20.23
N LYS A 190 12.08 15.84 19.89
CA LYS A 190 10.82 15.58 20.58
C LYS A 190 11.09 15.16 22.02
N HIS A 191 10.28 15.66 22.93
CA HIS A 191 10.39 15.34 24.35
C HIS A 191 9.25 14.40 24.74
N GLY A 192 9.49 13.59 25.76
CA GLY A 192 8.50 12.64 26.23
C GLY A 192 8.99 11.22 26.05
N LEU A 193 8.11 10.29 26.40
CA LEU A 193 8.40 8.86 26.36
C LEU A 193 8.02 8.32 24.98
N TYR A 194 9.02 8.06 24.15
CA TYR A 194 8.82 7.55 22.81
C TYR A 194 9.16 6.07 22.78
N LEU A 195 8.21 5.23 22.38
CA LEU A 195 8.40 3.80 22.39
C LEU A 195 8.39 3.27 20.96
N PRO A 196 9.22 2.27 20.65
CA PRO A 196 9.20 1.68 19.31
C PRO A 196 7.88 0.99 19.04
N THR A 197 7.36 1.21 17.84
CA THR A 197 6.13 0.53 17.41
C THR A 197 6.40 -0.23 16.13
N ARG A 198 7.29 0.30 15.30
CA ARG A 198 7.66 -0.32 14.04
C ARG A 198 9.16 -0.21 13.86
N VAL A 199 9.75 -1.26 13.27
CA VAL A 199 11.11 -1.20 12.75
C VAL A 199 11.08 -1.80 11.34
N THR A 200 11.64 -1.07 10.38
CA THR A 200 11.61 -1.56 9.01
C THR A 200 12.52 -2.78 8.84
N ALA A 201 13.74 -2.71 9.34
CA ALA A 201 14.66 -3.83 9.20
C ALA A 201 15.64 -3.84 10.37
N ILE A 202 15.99 -5.04 10.81
CA ILE A 202 17.01 -5.25 11.83
C ILE A 202 17.88 -6.41 11.37
N HIS A 203 19.15 -6.13 11.12
CA HIS A 203 20.13 -7.15 10.76
C HIS A 203 21.05 -7.38 11.94
N ILE A 204 21.08 -8.60 12.45
CA ILE A 204 22.00 -8.97 13.50
C ILE A 204 22.91 -10.05 12.95
N ASP A 205 24.19 -9.74 12.84
CA ASP A 205 25.21 -10.72 12.47
C ASP A 205 26.16 -10.88 13.65
N PRO A 206 25.94 -11.87 14.51
CA PRO A 206 26.81 -12.01 15.69
C PRO A 206 28.27 -12.24 15.35
N ALA A 207 28.56 -12.78 14.16
CA ALA A 207 29.95 -13.00 13.77
C ALA A 207 30.73 -11.69 13.71
N THR A 208 30.20 -10.71 12.98
CA THR A 208 30.84 -9.40 12.95
C THR A 208 30.59 -8.60 14.22
N HIS A 209 29.56 -8.95 14.99
CA HIS A 209 29.38 -8.31 16.29
C HIS A 209 30.54 -8.64 17.21
N ARG A 210 31.00 -9.89 17.21
CA ARG A 210 32.16 -10.24 18.01
C ARG A 210 33.41 -9.47 17.57
N GLN A 211 33.54 -9.22 16.27
CA GLN A 211 34.70 -8.50 15.78
C GLN A 211 34.62 -7.02 16.11
N LYS A 212 33.42 -6.44 16.09
CA LYS A 212 33.29 -5.01 16.32
C LYS A 212 33.49 -4.64 17.79
N LEU A 213 33.24 -5.58 18.70
CA LEU A 213 33.41 -5.29 20.12
C LEU A 213 34.90 -5.12 20.45
N TYR A 214 35.21 -4.13 21.27
CA TYR A 214 36.58 -3.91 21.70
C TYR A 214 36.60 -3.61 23.19
N THR A 215 37.77 -3.86 23.79
CA THR A 215 37.95 -3.75 25.23
C THR A 215 38.63 -2.44 25.57
N LEU A 216 38.10 -1.73 26.56
CA LEU A 216 38.70 -0.49 27.02
C LEU A 216 39.69 -0.79 28.14
N GLN A 217 40.24 0.28 28.75
CA GLN A 217 41.13 0.09 29.89
C GLN A 217 40.40 -0.46 31.11
N ASP A 218 39.07 -0.34 31.14
CA ASP A 218 38.25 -0.86 32.22
C ASP A 218 38.00 -2.36 32.08
N LYS A 219 38.52 -2.97 31.00
CA LYS A 219 38.32 -4.38 30.70
C LYS A 219 36.85 -4.71 30.44
N ALA A 220 36.10 -3.72 29.94
CA ALA A 220 34.70 -3.87 29.61
C ALA A 220 34.55 -3.85 28.10
N GLN A 221 33.86 -4.85 27.56
CA GLN A 221 33.63 -4.92 26.13
C GLN A 221 32.64 -3.86 25.72
N VAL A 222 32.98 -3.11 24.67
CA VAL A 222 32.18 -1.98 24.22
C VAL A 222 32.15 -1.97 22.70
N ALA A 223 31.17 -1.28 22.15
CA ALA A 223 31.00 -1.18 20.70
C ALA A 223 30.54 0.22 20.33
N ASP A 224 31.09 0.75 19.24
CA ASP A 224 30.71 2.08 18.79
C ASP A 224 29.33 2.05 18.16
N VAL A 225 28.49 3.01 18.53
CA VAL A 225 27.14 3.14 18.00
C VAL A 225 27.05 4.46 17.25
N VAL A 226 26.39 4.44 16.10
CA VAL A 226 26.17 5.63 15.29
C VAL A 226 24.70 5.67 14.89
N VAL A 227 24.08 6.83 15.09
CA VAL A 227 22.70 7.08 14.68
C VAL A 227 22.73 8.10 13.55
N SER A 228 22.11 7.75 12.43
CA SER A 228 21.99 8.62 11.27
C SER A 228 20.51 8.88 11.06
N ARG A 229 20.07 10.10 11.36
CA ARG A 229 18.69 10.50 11.11
C ARG A 229 18.43 10.76 9.63
N TRP A 230 19.46 11.07 8.86
CA TRP A 230 19.28 11.22 7.42
C TRP A 230 18.98 9.87 6.77
N LEU A 231 19.72 8.84 7.16
CA LEU A 231 19.53 7.50 6.63
C LEU A 231 18.56 6.68 7.47
N ARG A 232 18.07 7.21 8.59
CA ARG A 232 17.22 6.49 9.53
C ARG A 232 17.82 5.14 9.88
N VAL A 233 19.06 5.15 10.37
CA VAL A 233 19.81 3.93 10.59
C VAL A 233 20.67 4.06 11.85
N THR A 234 20.59 3.05 12.71
CA THR A 234 21.42 2.96 13.90
C THR A 234 22.27 1.70 13.79
N VAL A 235 23.59 1.86 13.84
CA VAL A 235 24.51 0.72 13.71
C VAL A 235 25.37 0.66 14.96
N ALA A 236 25.50 -0.54 15.52
CA ALA A 236 26.39 -0.77 16.65
C ALA A 236 26.76 -2.23 16.70
N GLY A 237 28.05 -2.51 16.80
CA GLY A 237 28.50 -3.89 16.79
C GLY A 237 28.06 -4.57 15.52
N GLY A 238 27.38 -5.71 15.69
CA GLY A 238 26.82 -6.42 14.57
C GLY A 238 25.32 -6.33 14.55
N VAL A 239 24.79 -5.17 14.93
CA VAL A 239 23.36 -4.89 14.87
C VAL A 239 23.13 -3.63 14.05
N HIS A 240 22.16 -3.70 13.14
CA HIS A 240 21.81 -2.63 12.24
C HIS A 240 20.29 -2.48 12.29
N ILE A 241 19.81 -1.30 12.67
CA ILE A 241 18.39 -1.03 12.85
C ILE A 241 18.01 0.11 11.91
N SER A 242 17.25 -0.20 10.87
CA SER A 242 16.82 0.79 9.89
C SER A 242 15.31 0.95 9.97
N GLY A 243 14.86 2.20 9.85
CA GLY A 243 13.43 2.48 9.84
C GLY A 243 12.77 2.28 11.18
N LEU A 244 13.46 2.57 12.27
CA LEU A 244 12.85 2.52 13.58
C LEU A 244 11.84 3.64 13.72
N HIS A 245 10.61 3.29 14.03
CA HIS A 245 9.53 4.24 14.22
C HIS A 245 9.09 4.18 15.68
N THR A 246 9.07 5.33 16.34
CA THR A 246 8.66 5.42 17.73
C THR A 246 7.49 6.39 17.83
N GLU A 247 6.52 6.06 18.67
CA GLU A 247 5.42 6.97 18.98
C GLU A 247 5.45 7.32 20.46
N SER A 248 5.01 8.53 20.78
CA SER A 248 5.04 9.01 22.16
C SER A 248 3.98 8.30 22.96
N ALA A 249 4.40 7.49 23.92
CA ALA A 249 3.47 6.87 24.84
C ALA A 249 3.01 7.90 25.87
N PRO A 250 1.71 8.12 26.01
CA PRO A 250 1.24 9.11 26.99
C PRO A 250 1.62 8.70 28.40
N ARG A 251 2.31 9.60 29.10
CA ARG A 251 2.77 9.31 30.45
C ARG A 251 1.59 9.10 31.39
N ARG A 252 1.66 8.04 32.19
CA ARG A 252 0.51 7.63 33.00
C ARG A 252 0.18 8.67 34.05
N GLN A 253 -1.11 8.98 34.18
CA GLN A 253 -1.57 9.95 35.16
C GLN A 253 -1.51 9.41 36.59
N GLN A 254 -1.35 8.09 36.77
CA GLN A 254 -1.23 7.50 38.09
C GLN A 254 0.19 7.69 38.64
N GLU A 255 0.59 8.95 38.70
CA GLU A 255 1.93 9.31 39.17
C GLU A 255 1.91 9.44 40.69
N GLN A 256 2.81 8.73 41.37
CA GLN A 256 2.89 8.78 42.82
C GLN A 256 3.40 10.12 43.34
N GLN A 257 3.87 11.00 42.46
CA GLN A 257 4.33 12.33 42.87
C GLN A 257 3.11 13.24 43.00
N VAL A 258 2.43 13.11 44.14
CA VAL A 258 1.38 14.03 44.53
C VAL A 258 1.98 14.90 45.64
N PRO A 259 2.64 15.99 45.29
CA PRO A 259 3.43 16.72 46.30
C PRO A 259 2.55 17.36 47.35
N ILE A 260 3.08 17.42 48.57
CA ILE A 260 2.50 18.24 49.62
C ILE A 260 3.02 19.65 49.39
N LEU A 261 2.11 20.58 49.16
CA LEU A 261 2.42 21.98 48.92
C LEU A 261 1.97 22.78 50.12
N GLU A 262 2.84 23.68 50.59
CA GLU A 262 2.66 24.33 51.87
C GLU A 262 3.09 25.78 51.78
N LYS A 263 2.75 26.53 52.82
CA LYS A 263 2.97 27.96 52.95
C LYS A 263 3.74 28.24 54.23
N PHE A 264 4.64 29.23 54.15
CA PHE A 264 5.49 29.63 55.27
C PHE A 264 5.24 31.10 55.55
N CYS A 265 4.39 31.38 56.54
CA CYS A 265 4.08 32.74 56.93
C CYS A 265 4.30 32.91 58.42
N PHE A 266 4.65 34.13 58.83
CA PHE A 266 4.81 34.44 60.24
C PHE A 266 3.46 34.39 60.93
N THR A 267 3.32 33.49 61.89
CA THR A 267 2.08 33.26 62.62
C THR A 267 2.21 33.81 64.04
N PRO A 268 1.50 34.88 64.38
CA PRO A 268 1.49 35.34 65.77
C PRO A 268 1.13 34.23 66.75
N HIS A 269 1.71 34.30 67.94
CA HIS A 269 1.35 33.38 69.00
C HIS A 269 -0.04 33.70 69.54
N ASP A 557 17.83 26.51 84.10
CA ASP A 557 19.24 26.67 84.45
C ASP A 557 19.71 28.07 84.09
N SER A 558 21.03 28.25 84.09
CA SER A 558 21.61 29.56 83.77
C SER A 558 21.48 29.82 82.28
N PRO A 559 20.80 30.88 81.85
CA PRO A 559 20.66 31.14 80.42
C PRO A 559 21.98 31.54 79.79
N ILE A 560 22.26 30.95 78.63
CA ILE A 560 23.45 31.28 77.84
C ILE A 560 22.98 31.99 76.58
N PHE A 561 23.28 33.28 76.49
CA PHE A 561 22.84 34.11 75.38
C PHE A 561 23.94 34.19 74.34
N LEU A 562 23.59 33.93 73.09
CA LEU A 562 24.54 33.92 71.98
C LEU A 562 24.05 34.88 70.90
N PRO A 563 24.80 35.94 70.60
CA PRO A 563 24.40 36.85 69.52
C PRO A 563 24.79 36.30 68.16
N VAL A 564 23.79 35.87 67.40
CA VAL A 564 24.02 35.24 66.11
C VAL A 564 23.92 36.27 65.00
N ASP A 565 23.97 37.55 65.37
CA ASP A 565 23.85 38.62 64.39
C ASP A 565 25.17 39.00 63.73
N ASP A 566 26.28 38.40 64.15
CA ASP A 566 27.57 38.75 63.59
C ASP A 566 27.69 38.22 62.16
N THR A 567 28.15 39.08 61.25
CA THR A 567 28.26 38.74 59.84
C THR A 567 29.49 37.92 59.51
N SER A 568 30.40 37.73 60.46
CA SER A 568 31.58 36.90 60.26
C SER A 568 31.38 35.46 60.70
N PHE A 569 30.21 35.13 61.26
CA PHE A 569 29.89 33.80 61.77
C PHE A 569 30.88 33.34 62.85
N ARG A 570 31.49 34.28 63.57
CA ARG A 570 32.41 33.92 64.63
C ARG A 570 31.73 33.26 65.81
N TRP A 571 30.41 33.40 65.93
CA TRP A 571 29.66 32.80 67.03
C TRP A 571 29.47 31.30 66.87
N VAL A 572 29.69 30.75 65.68
CA VAL A 572 29.47 29.32 65.47
C VAL A 572 30.31 28.50 66.44
N GLU A 573 31.62 28.79 66.50
CA GLU A 573 32.48 28.12 67.48
C GLU A 573 31.96 28.36 68.89
N SER A 574 31.50 29.58 69.18
CA SER A 574 30.89 29.85 70.48
C SER A 574 29.70 28.94 70.72
N LEU A 575 28.86 28.75 69.70
CA LEU A 575 27.74 27.82 69.83
C LEU A 575 28.24 26.42 70.15
N LYS A 576 29.37 26.03 69.53
CA LYS A 576 29.97 24.75 69.87
C LYS A 576 30.26 24.65 71.36
N GLY A 577 30.79 25.73 71.94
CA GLY A 577 31.00 25.75 73.38
C GLY A 577 29.70 25.55 74.14
N ILE A 578 28.62 26.21 73.68
CA ILE A 578 27.33 26.03 74.33
C ILE A 578 26.85 24.60 74.18
N LEU A 579 27.31 23.90 73.14
CA LEU A 579 26.94 22.50 72.96
C LEU A 579 27.78 21.57 73.83
N ALA A 580 28.85 22.07 74.43
CA ALA A 580 29.69 21.21 75.26
C ALA A 580 29.02 20.84 76.57
N ASP A 581 28.42 21.83 77.24
CA ASP A 581 27.79 21.58 78.53
C ASP A 581 26.47 20.84 78.34
N GLU A 582 25.94 20.31 79.45
CA GLU A 582 24.68 19.59 79.47
C GLU A 582 23.65 20.22 80.38
N ASP A 583 24.03 20.56 81.62
CA ASP A 583 23.08 21.14 82.55
C ASP A 583 22.85 22.62 82.29
N SER A 584 23.92 23.42 82.28
CA SER A 584 23.80 24.85 82.03
C SER A 584 23.42 25.17 80.58
N SER A 585 23.50 24.19 79.68
CA SER A 585 23.17 24.40 78.28
C SER A 585 21.67 24.25 78.01
N ARG A 586 20.87 23.98 79.03
CA ARG A 586 19.42 23.87 78.82
C ARG A 586 18.81 25.18 78.31
N PRO A 587 19.07 26.35 78.92
CA PRO A 587 18.52 27.59 78.33
C PRO A 587 19.50 28.29 77.40
N VAL A 588 19.70 27.70 76.22
CA VAL A 588 20.53 28.34 75.19
C VAL A 588 19.63 29.27 74.38
N TRP A 589 19.89 30.56 74.46
CA TRP A 589 19.07 31.59 73.82
C TRP A 589 19.96 32.28 72.78
N LEU A 590 19.76 31.91 71.52
CA LEU A 590 20.49 32.56 70.43
C LEU A 590 19.61 33.68 69.86
N LYS A 591 20.11 34.91 69.93
CA LYS A 591 19.34 36.10 69.62
C LYS A 591 19.89 36.78 68.38
N ALA A 592 18.99 37.15 67.47
CA ALA A 592 19.32 37.89 66.26
C ALA A 592 18.66 39.26 66.38
N ILE A 593 19.43 40.26 66.80
CA ILE A 593 18.90 41.58 67.12
C ILE A 593 19.23 42.59 66.02
N ASN A 594 20.48 42.61 65.57
CA ASN A 594 20.91 43.65 64.62
C ASN A 594 20.26 43.45 63.26
N CYS A 595 20.53 42.32 62.62
CA CYS A 595 20.04 42.09 61.26
C CYS A 595 18.63 41.55 61.29
N ALA A 596 17.75 42.13 60.48
CA ALA A 596 16.37 41.69 60.38
C ALA A 596 16.21 40.48 59.45
N THR A 597 17.19 40.19 58.62
CA THR A 597 17.17 39.04 57.73
C THR A 597 18.23 38.03 58.10
N SER A 598 18.44 37.83 59.41
CA SER A 598 19.47 36.90 59.86
C SER A 598 19.14 35.47 59.46
N GLY A 599 17.90 35.05 59.66
CA GLY A 599 17.51 33.71 59.29
C GLY A 599 18.12 32.62 60.14
N VAL A 600 18.03 32.77 61.47
CA VAL A 600 18.44 31.70 62.38
C VAL A 600 17.34 30.66 62.57
N VAL A 601 16.21 30.81 61.89
CA VAL A 601 15.13 29.83 62.03
C VAL A 601 15.57 28.49 61.47
N GLY A 602 16.14 28.48 60.26
CA GLY A 602 16.67 27.24 59.71
C GLY A 602 17.84 26.72 60.51
N LEU A 603 18.66 27.63 61.04
CA LEU A 603 19.75 27.22 61.93
C LEU A 603 19.23 26.40 63.10
N VAL A 604 18.21 26.92 63.79
CA VAL A 604 17.67 26.20 64.95
C VAL A 604 16.97 24.92 64.50
N ASN A 605 16.26 24.97 63.37
CA ASN A 605 15.57 23.79 62.88
C ASN A 605 16.55 22.66 62.59
N CYS A 606 17.72 22.99 62.06
CA CYS A 606 18.72 21.98 61.75
C CYS A 606 19.49 21.55 62.99
N LEU A 607 19.74 22.48 63.92
CA LEU A 607 20.51 22.14 65.10
C LEU A 607 19.70 21.33 66.10
N ARG A 608 18.37 21.46 66.07
CA ARG A 608 17.53 20.69 67.00
C ARG A 608 17.57 19.21 66.66
N ARG A 609 17.85 18.87 65.40
CA ARG A 609 17.96 17.47 65.01
C ARG A 609 19.30 16.86 65.43
N GLU A 610 20.29 17.68 65.72
CA GLU A 610 21.58 17.17 66.17
C GLU A 610 21.46 16.57 67.57
N PRO A 611 22.35 15.65 67.93
CA PRO A 611 22.37 15.14 69.31
C PRO A 611 22.67 16.26 70.29
N GLY A 612 21.79 16.42 71.27
CA GLY A 612 21.89 17.49 72.23
C GLY A 612 21.20 18.78 71.83
N GLY A 613 20.69 18.86 70.61
CA GLY A 613 19.97 20.05 70.16
C GLY A 613 18.71 20.31 70.95
N ASN A 614 17.91 19.25 71.16
CA ASN A 614 16.73 19.39 71.99
C ASN A 614 17.12 19.63 73.45
N ARG A 615 18.16 18.93 73.93
CA ARG A 615 18.64 19.15 75.28
C ARG A 615 19.16 20.58 75.45
N LEU A 616 19.84 21.10 74.43
CA LEU A 616 20.23 22.51 74.44
C LEU A 616 19.03 23.43 74.38
N ARG A 617 17.89 22.93 73.91
CA ARG A 617 16.66 23.72 73.79
C ARG A 617 16.92 25.04 73.08
N CYS A 618 17.47 24.94 71.86
CA CYS A 618 17.82 26.11 71.10
C CYS A 618 16.60 26.98 70.86
N VAL A 619 16.60 28.16 71.46
CA VAL A 619 15.49 29.10 71.36
C VAL A 619 16.01 30.37 70.69
N LEU A 620 15.35 30.78 69.62
CA LEU A 620 15.80 31.92 68.83
C LEU A 620 14.92 33.13 69.09
N LEU A 621 15.52 34.32 68.95
CA LEU A 621 14.84 35.60 69.05
C LEU A 621 15.20 36.38 67.79
N SER A 622 14.31 36.35 66.80
CA SER A 622 14.55 37.01 65.53
C SER A 622 13.76 38.30 65.46
N ASN A 623 14.47 39.42 65.52
CA ASN A 623 13.83 40.74 65.40
C ASN A 623 13.69 41.13 63.92
N LEU A 624 12.88 40.36 63.22
CA LEU A 624 12.65 40.54 61.79
C LEU A 624 11.50 41.52 61.60
N SER A 625 11.83 42.81 61.59
CA SER A 625 10.84 43.86 61.36
C SER A 625 10.68 44.06 59.86
N SER A 626 9.47 43.82 59.35
CA SER A 626 9.22 43.98 57.93
C SER A 626 9.37 45.42 57.48
N THR A 627 8.85 46.37 58.27
CA THR A 627 8.92 47.78 57.92
C THR A 627 9.88 48.50 58.86
N SER A 628 10.44 49.61 58.37
CA SER A 628 11.41 50.36 59.17
C SER A 628 10.73 51.21 60.23
N HIS A 629 9.44 51.51 60.05
CA HIS A 629 8.72 52.32 61.03
C HIS A 629 8.36 51.53 62.29
N VAL A 630 8.37 50.22 62.23
CA VAL A 630 8.02 49.40 63.40
C VAL A 630 9.10 49.54 64.45
N PRO A 631 8.75 49.63 65.74
CA PRO A 631 9.79 49.77 66.77
C PRO A 631 10.46 48.45 67.07
N GLU A 632 11.79 48.51 67.24
CA GLU A 632 12.58 47.33 67.56
C GLU A 632 12.34 46.92 69.00
N VAL A 633 12.07 45.64 69.23
CA VAL A 633 11.83 45.15 70.58
C VAL A 633 13.16 45.11 71.33
N ASP A 634 13.19 45.71 72.52
CA ASP A 634 14.41 45.74 73.31
C ASP A 634 14.65 44.39 73.96
N PRO A 635 15.82 43.76 73.72
CA PRO A 635 16.09 42.45 74.32
C PRO A 635 16.61 42.52 75.75
N GLY A 636 16.81 43.71 76.31
CA GLY A 636 17.26 43.85 77.67
C GLY A 636 16.16 44.32 78.60
N SER A 637 14.92 44.16 78.17
CA SER A 637 13.75 44.62 78.91
C SER A 637 12.89 43.43 79.31
N ALA A 638 11.69 43.72 79.81
CA ALA A 638 10.78 42.67 80.26
C ALA A 638 10.29 41.80 79.12
N GLU A 639 10.46 42.24 77.87
CA GLU A 639 10.05 41.42 76.73
C GLU A 639 10.87 40.13 76.66
N LEU A 640 12.17 40.23 76.90
CA LEU A 640 13.01 39.03 76.91
C LEU A 640 12.61 38.08 78.03
N GLN A 641 12.29 38.63 79.21
CA GLN A 641 11.84 37.79 80.31
C GLN A 641 10.51 37.10 79.97
N LYS A 642 9.60 37.82 79.32
CA LYS A 642 8.33 37.21 78.92
C LYS A 642 8.56 36.11 77.89
N VAL A 643 9.47 36.34 76.94
CA VAL A 643 9.77 35.33 75.94
C VAL A 643 10.39 34.09 76.60
N LEU A 644 11.28 34.31 77.56
CA LEU A 644 11.88 33.17 78.27
C LEU A 644 10.84 32.42 79.08
N GLN A 645 9.90 33.13 79.69
CA GLN A 645 8.83 32.46 80.42
C GLN A 645 7.94 31.66 79.49
N GLY A 646 7.72 32.16 78.27
CA GLY A 646 6.96 31.40 77.29
C GLY A 646 7.66 30.12 76.87
N ASP A 647 8.99 30.15 76.82
CA ASP A 647 9.83 29.01 76.48
C ASP A 647 9.52 28.45 75.09
N LEU A 648 9.07 29.29 74.17
CA LEU A 648 8.82 28.85 72.81
C LEU A 648 10.12 28.48 72.12
N VAL A 649 10.06 27.47 71.25
CA VAL A 649 11.26 27.02 70.55
C VAL A 649 11.79 28.12 69.65
N MET A 650 10.91 28.93 69.08
CA MET A 650 11.29 30.04 68.20
C MET A 650 10.40 31.23 68.51
N ASN A 651 11.00 32.42 68.58
CA ASN A 651 10.26 33.66 68.80
C ASN A 651 10.71 34.67 67.76
N VAL A 652 9.75 35.19 66.99
CA VAL A 652 10.01 36.17 65.95
C VAL A 652 9.15 37.39 66.23
N TYR A 653 9.78 38.56 66.21
CA TYR A 653 9.08 39.83 66.38
C TYR A 653 8.85 40.45 65.01
N ARG A 654 7.57 40.66 64.65
CA ARG A 654 7.19 41.18 63.35
C ARG A 654 6.16 42.27 63.57
N ASP A 655 6.61 43.52 63.49
CA ASP A 655 5.74 44.70 63.50
C ASP A 655 4.80 44.68 64.70
N GLY A 656 5.34 44.30 65.86
CA GLY A 656 4.57 44.27 67.08
C GLY A 656 3.92 42.95 67.42
N ALA A 657 4.17 41.90 66.64
CA ALA A 657 3.61 40.58 66.91
C ALA A 657 4.73 39.62 67.27
N TRP A 658 4.54 38.90 68.38
CA TRP A 658 5.51 37.93 68.87
C TRP A 658 5.01 36.53 68.50
N GLY A 659 5.49 36.02 67.38
CA GLY A 659 5.01 34.73 66.91
C GLY A 659 6.12 33.78 66.47
N ALA A 660 5.82 32.92 65.51
CA ALA A 660 6.78 31.96 64.98
C ALA A 660 6.59 31.86 63.48
N PHE A 661 7.24 30.87 62.87
CA PHE A 661 7.08 30.58 61.45
C PHE A 661 6.51 29.17 61.31
N ARG A 662 5.25 29.08 60.89
CA ARG A 662 4.55 27.81 60.84
C ARG A 662 4.19 27.46 59.40
N HIS A 663 4.08 26.15 59.16
CA HIS A 663 3.75 25.61 57.85
C HIS A 663 2.24 25.39 57.77
N PHE A 664 1.62 25.94 56.73
CA PHE A 664 0.20 25.77 56.49
C PHE A 664 -0.03 25.05 55.17
N LEU A 665 -1.19 24.43 55.02
CA LEU A 665 -1.52 23.77 53.77
C LEU A 665 -1.90 24.80 52.71
N LEU A 666 -1.34 24.64 51.51
CA LEU A 666 -1.64 25.57 50.43
C LEU A 666 -3.01 25.27 49.83
N GLU A 667 -3.73 26.31 49.46
CA GLU A 667 -5.05 26.15 48.87
C GLU A 667 -4.95 25.43 47.54
N GLU A 668 -5.84 24.46 47.33
CA GLU A 668 -5.81 23.66 46.11
C GLU A 668 -6.42 24.39 44.91
N ASP A 669 -7.08 25.52 45.13
CA ASP A 669 -7.69 26.25 44.02
C ASP A 669 -6.61 26.89 43.16
N LYS A 670 -6.71 26.66 41.85
CA LYS A 670 -5.72 27.23 40.94
C LYS A 670 -5.90 28.74 40.83
N PRO A 671 -4.81 29.51 40.86
CA PRO A 671 -4.93 30.97 40.78
C PRO A 671 -5.49 31.39 39.44
N GLU A 672 -6.58 32.14 39.47
CA GLU A 672 -7.25 32.64 38.28
C GLU A 672 -7.11 34.15 38.24
N GLU A 673 -6.87 34.69 37.05
CA GLU A 673 -6.69 36.13 36.88
C GLU A 673 -7.50 36.60 35.70
N PRO A 674 -7.92 37.87 35.70
CA PRO A 674 -8.68 38.40 34.56
C PRO A 674 -7.74 38.84 33.45
N THR A 675 -7.86 38.20 32.29
CA THR A 675 -6.97 38.44 31.17
C THR A 675 -7.79 38.53 29.88
N ALA A 676 -7.22 39.23 28.90
CA ALA A 676 -7.79 39.27 27.55
C ALA A 676 -7.15 38.23 26.64
N HIS A 677 -6.22 37.42 27.15
CA HIS A 677 -5.49 36.46 26.34
C HIS A 677 -5.49 35.13 27.08
N ALA A 678 -6.35 34.21 26.64
CA ALA A 678 -6.48 32.90 27.24
C ALA A 678 -6.68 31.87 26.14
N PHE A 679 -6.44 30.61 26.50
CA PHE A 679 -6.61 29.49 25.59
C PHE A 679 -7.25 28.33 26.34
N VAL A 680 -7.93 27.47 25.60
CA VAL A 680 -8.53 26.27 26.17
C VAL A 680 -7.48 25.19 26.24
N SER A 681 -7.39 24.50 27.38
CA SER A 681 -6.45 23.41 27.54
C SER A 681 -7.02 22.36 28.48
N THR A 682 -6.65 21.11 28.23
CA THR A 682 -6.94 20.01 29.14
C THR A 682 -5.81 19.92 30.15
N LEU A 683 -6.12 20.19 31.42
CA LEU A 683 -5.10 20.13 32.46
C LEU A 683 -4.55 18.73 32.61
N THR A 684 -5.42 17.72 32.59
CA THR A 684 -5.02 16.32 32.58
C THR A 684 -5.41 15.74 31.22
N ARG A 685 -4.45 15.10 30.55
CA ARG A 685 -4.71 14.58 29.22
C ARG A 685 -5.75 13.46 29.27
N GLY A 686 -6.61 13.44 28.26
CA GLY A 686 -7.64 12.43 28.15
C GLY A 686 -8.91 12.71 28.92
N ASP A 687 -8.96 13.79 29.68
CA ASP A 687 -10.11 14.11 30.53
C ASP A 687 -10.74 15.41 30.07
N LEU A 688 -11.93 15.32 29.48
CA LEU A 688 -12.66 16.51 29.06
C LEU A 688 -13.16 17.31 30.26
N SER A 689 -13.27 16.69 31.42
CA SER A 689 -13.68 17.42 32.62
C SER A 689 -12.63 18.45 33.02
N SER A 690 -11.37 18.14 32.79
CA SER A 690 -10.27 19.05 33.12
C SER A 690 -9.97 20.01 31.97
N ILE A 691 -11.01 20.62 31.41
CA ILE A 691 -10.87 21.58 30.33
C ILE A 691 -11.10 22.96 30.89
N ARG A 692 -10.06 23.81 30.83
CA ARG A 692 -10.14 25.12 31.45
C ARG A 692 -9.47 26.14 30.54
N TRP A 693 -9.77 27.41 30.81
CA TRP A 693 -9.07 28.51 30.15
C TRP A 693 -7.85 28.88 30.97
N VAL A 694 -6.69 28.91 30.31
CA VAL A 694 -5.42 29.25 30.92
C VAL A 694 -4.88 30.49 30.24
N CYS A 695 -4.23 31.35 31.02
CA CYS A 695 -3.63 32.55 30.45
C CYS A 695 -2.60 32.17 29.39
N SER A 696 -2.64 32.88 28.26
CA SER A 696 -1.79 32.51 27.14
C SER A 696 -0.52 33.34 27.12
N SER A 697 0.41 32.94 26.24
CA SER A 697 1.68 33.64 26.13
C SER A 697 1.53 35.00 25.48
N LEU A 698 0.36 35.33 24.93
CA LEU A 698 0.14 36.66 24.38
C LEU A 698 -0.22 37.67 25.47
N ARG A 699 -0.61 37.20 26.65
CA ARG A 699 -0.91 38.12 27.76
C ARG A 699 0.37 38.71 28.33
N HIS A 700 1.31 37.85 28.74
CA HIS A 700 2.55 38.28 29.35
C HIS A 700 3.61 38.69 28.34
N ALA A 701 3.39 38.41 27.06
CA ALA A 701 4.33 38.77 26.01
C ALA A 701 3.51 39.18 24.78
N GLN A 702 3.43 40.49 24.54
CA GLN A 702 2.69 41.00 23.40
C GLN A 702 3.66 41.15 22.22
N PRO A 703 3.54 40.35 21.17
CA PRO A 703 4.46 40.48 20.03
C PRO A 703 3.94 41.44 18.97
N THR A 704 4.89 42.10 18.32
CA THR A 704 4.57 43.05 17.25
C THR A 704 5.68 42.97 16.21
N CYS A 705 5.37 42.40 15.05
CA CYS A 705 6.32 42.26 13.97
C CYS A 705 5.56 42.03 12.67
N PRO A 706 6.07 42.53 11.55
CA PRO A 706 5.40 42.27 10.26
C PRO A 706 5.42 40.79 9.92
N GLY A 707 4.39 40.35 9.21
CA GLY A 707 4.22 38.95 8.89
C GLY A 707 3.48 38.15 9.93
N ALA A 708 3.09 38.78 11.04
CA ALA A 708 2.26 38.13 12.05
C ALA A 708 1.24 39.14 12.55
N GLN A 709 0.00 38.70 12.71
CA GLN A 709 -1.11 39.55 13.10
C GLN A 709 -1.79 38.94 14.32
N LEU A 710 -2.14 39.80 15.28
CA LEU A 710 -2.87 39.39 16.47
C LEU A 710 -4.34 39.71 16.25
N CYS A 711 -5.16 38.66 16.14
CA CYS A 711 -6.58 38.79 15.88
C CYS A 711 -7.37 38.36 17.11
N THR A 712 -8.29 39.21 17.53
CA THR A 712 -9.25 38.81 18.55
C THR A 712 -10.18 37.75 18.00
N VAL A 713 -10.28 36.63 18.70
CA VAL A 713 -11.10 35.51 18.29
C VAL A 713 -12.48 35.69 18.88
N TYR A 714 -13.49 35.76 18.02
CA TYR A 714 -14.87 35.77 18.44
C TYR A 714 -15.48 34.37 18.45
N TYR A 715 -15.12 33.55 17.45
CA TYR A 715 -15.61 32.20 17.32
C TYR A 715 -14.46 31.30 16.94
N ALA A 716 -14.31 30.18 17.66
CA ALA A 716 -13.27 29.20 17.39
C ALA A 716 -13.92 27.84 17.20
N SER A 717 -13.65 27.21 16.08
CA SER A 717 -14.31 25.96 15.71
C SER A 717 -13.56 24.78 16.29
N LEU A 718 -14.30 23.80 16.80
CA LEU A 718 -13.73 22.52 17.14
C LEU A 718 -13.61 21.66 15.89
N ASN A 719 -12.57 20.84 15.85
CA ASN A 719 -12.35 19.90 14.77
C ASN A 719 -12.07 18.53 15.37
N PHE A 720 -12.12 17.50 14.52
CA PHE A 720 -11.98 16.14 15.02
C PHE A 720 -10.62 15.93 15.68
N ARG A 721 -9.59 16.61 15.19
CA ARG A 721 -8.27 16.52 15.82
C ARG A 721 -8.30 17.12 17.22
N ASP A 722 -9.08 18.18 17.44
CA ASP A 722 -9.20 18.75 18.77
C ASP A 722 -9.84 17.76 19.74
N ILE A 723 -10.87 17.06 19.29
CA ILE A 723 -11.50 16.04 20.12
C ILE A 723 -10.52 14.92 20.42
N MET A 724 -9.75 14.50 19.42
CA MET A 724 -8.76 13.45 19.64
C MET A 724 -7.68 13.89 20.62
N LEU A 725 -7.28 15.16 20.57
CA LEU A 725 -6.29 15.67 21.49
C LEU A 725 -6.83 15.72 22.92
N ALA A 726 -8.02 16.30 23.08
CA ALA A 726 -8.57 16.49 24.42
C ALA A 726 -8.95 15.17 25.07
N THR A 727 -9.33 14.17 24.26
CA THR A 727 -9.62 12.84 24.79
C THR A 727 -8.37 11.98 24.89
N GLY A 728 -7.20 12.50 24.54
CA GLY A 728 -5.96 11.78 24.69
C GLY A 728 -5.68 10.76 23.61
N LYS A 729 -6.63 10.51 22.71
CA LYS A 729 -6.44 9.53 21.65
C LYS A 729 -5.38 9.95 20.65
N LEU A 730 -5.00 11.22 20.62
CA LEU A 730 -4.01 11.72 19.68
C LEU A 730 -2.91 12.43 20.46
N SER A 731 -1.66 12.10 20.13
CA SER A 731 -0.55 12.69 20.85
C SER A 731 -0.32 14.13 20.38
N PRO A 732 0.03 15.04 21.30
CA PRO A 732 0.29 16.43 20.88
C PRO A 732 1.45 16.55 19.90
N ASP A 733 2.42 15.64 19.95
CA ASP A 733 3.56 15.70 19.05
C ASP A 733 3.22 15.28 17.63
N ALA A 734 2.08 14.60 17.42
CA ALA A 734 1.70 14.20 16.08
C ALA A 734 1.35 15.40 15.21
N ILE A 735 1.00 16.52 15.81
CA ILE A 735 0.73 17.75 15.09
C ILE A 735 2.06 18.40 14.70
N PRO A 736 2.29 18.66 13.41
CA PRO A 736 3.56 19.26 13.00
C PRO A 736 3.71 20.67 13.53
N GLY A 737 4.95 21.05 13.79
CA GLY A 737 5.29 22.36 14.31
C GLY A 737 6.14 22.26 15.56
N LYS A 738 6.59 23.42 16.01
CA LYS A 738 7.41 23.51 17.23
C LYS A 738 6.47 23.79 18.39
N TRP A 739 6.08 22.72 19.09
CA TRP A 739 5.20 22.82 20.24
C TRP A 739 5.93 22.38 21.49
N THR A 740 5.87 23.22 22.53
CA THR A 740 6.49 22.88 23.80
C THR A 740 5.65 21.82 24.52
N SER A 741 6.21 21.30 25.61
CA SER A 741 5.52 20.27 26.38
C SER A 741 4.24 20.82 27.01
N GLN A 742 4.28 22.07 27.47
CA GLN A 742 3.13 22.70 28.11
C GLN A 742 2.19 23.36 27.11
N ASP A 743 2.54 23.38 25.83
CA ASP A 743 1.71 24.03 24.83
C ASP A 743 0.42 23.26 24.62
N SER A 744 -0.69 23.99 24.51
CA SER A 744 -1.99 23.41 24.17
C SER A 744 -2.27 23.69 22.71
N LEU A 745 -2.57 22.63 21.95
CA LEU A 745 -2.73 22.71 20.51
C LEU A 745 -4.19 22.66 20.09
N LEU A 746 -5.11 22.85 21.04
CA LEU A 746 -6.53 22.82 20.73
C LEU A 746 -6.92 24.01 19.86
N GLY A 747 -7.80 23.76 18.90
CA GLY A 747 -8.26 24.81 18.02
C GLY A 747 -7.41 24.93 16.77
N MET A 748 -8.04 24.81 15.61
CA MET A 748 -7.33 24.84 14.34
C MET A 748 -7.88 25.88 13.39
N GLU A 749 -8.82 26.70 13.84
CA GLU A 749 -9.56 27.59 12.95
C GLU A 749 -10.42 28.52 13.78
N PHE A 750 -10.56 29.75 13.32
CA PHE A 750 -11.25 30.76 14.09
C PHE A 750 -11.84 31.80 13.16
N SER A 751 -12.67 32.66 13.73
CA SER A 751 -13.09 33.90 13.09
C SER A 751 -13.12 34.99 14.14
N GLY A 752 -12.97 36.23 13.70
CA GLY A 752 -12.90 37.34 14.64
C GLY A 752 -12.58 38.64 13.95
N ARG A 753 -11.74 39.43 14.59
CA ARG A 753 -11.31 40.72 14.05
C ARG A 753 -9.80 40.88 14.18
N ASP A 754 -9.17 41.36 13.12
CA ASP A 754 -7.74 41.61 13.14
C ASP A 754 -7.45 42.86 13.98
N ALA A 755 -6.19 43.30 14.00
CA ALA A 755 -5.82 44.47 14.80
C ALA A 755 -6.54 45.72 14.32
N SER A 756 -6.69 45.87 13.00
CA SER A 756 -7.39 47.02 12.45
C SER A 756 -8.90 46.97 12.67
N GLY A 757 -9.43 45.86 13.18
CA GLY A 757 -10.84 45.70 13.39
C GLY A 757 -11.58 45.02 12.26
N LYS A 758 -10.90 44.68 11.17
CA LYS A 758 -11.55 44.03 10.04
C LYS A 758 -12.05 42.65 10.46
N ARG A 759 -13.24 42.30 9.98
CA ARG A 759 -13.86 41.03 10.30
C ARG A 759 -13.23 39.95 9.43
N VAL A 760 -12.45 39.06 10.04
CA VAL A 760 -11.66 38.08 9.32
C VAL A 760 -12.00 36.68 9.83
N MET A 761 -11.55 35.68 9.07
CA MET A 761 -11.58 34.29 9.52
C MET A 761 -10.24 33.65 9.15
N GLY A 762 -9.69 32.87 10.06
CA GLY A 762 -8.33 32.39 9.93
C GLY A 762 -8.22 30.90 10.16
N LEU A 763 -7.17 30.34 9.57
CA LEU A 763 -6.81 28.94 9.70
C LEU A 763 -5.44 28.87 10.37
N VAL A 764 -5.36 28.17 11.49
CA VAL A 764 -4.11 28.12 12.25
C VAL A 764 -3.71 26.67 12.47
N PRO A 765 -2.41 26.38 12.62
CA PRO A 765 -2.01 24.99 12.93
C PRO A 765 -2.53 24.52 14.28
N ALA A 766 -2.62 25.41 15.25
CA ALA A 766 -3.03 25.09 16.60
C ALA A 766 -3.32 26.40 17.33
N LYS A 767 -3.69 26.29 18.60
CA LYS A 767 -3.94 27.44 19.47
C LYS A 767 -5.05 28.33 18.94
N GLY A 768 -5.93 27.78 18.10
CA GLY A 768 -7.07 28.54 17.61
C GLY A 768 -8.21 28.66 18.58
N LEU A 769 -8.28 27.76 19.55
CA LEU A 769 -9.30 27.79 20.60
C LEU A 769 -8.85 28.74 21.72
N ALA A 770 -8.80 30.02 21.38
CA ALA A 770 -8.25 31.03 22.27
C ALA A 770 -9.04 32.31 22.13
N THR A 771 -8.78 33.25 23.05
CA THR A 771 -9.39 34.57 22.95
C THR A 771 -8.70 35.44 21.92
N SER A 772 -7.46 35.12 21.56
CA SER A 772 -6.74 35.83 20.53
C SER A 772 -5.78 34.85 19.87
N VAL A 773 -5.45 35.12 18.61
CA VAL A 773 -4.60 34.25 17.81
C VAL A 773 -3.54 35.10 17.13
N LEU A 774 -2.28 34.67 17.22
CA LEU A 774 -1.19 35.28 16.47
C LEU A 774 -0.93 34.40 15.25
N LEU A 775 -1.33 34.89 14.08
CA LEU A 775 -1.22 34.11 12.86
C LEU A 775 -0.80 35.00 11.71
N SER A 776 -0.20 34.40 10.69
CA SER A 776 0.20 35.15 9.52
C SER A 776 -1.05 35.65 8.78
N PRO A 777 -0.98 36.86 8.19
CA PRO A 777 -2.12 37.33 7.38
C PRO A 777 -2.33 36.52 6.11
N ASP A 778 -1.40 35.61 5.78
CA ASP A 778 -1.58 34.72 4.65
C ASP A 778 -2.62 33.65 4.89
N PHE A 779 -2.98 33.41 6.16
CA PHE A 779 -4.00 32.42 6.50
C PHE A 779 -5.30 33.07 6.94
N LEU A 780 -5.54 34.31 6.51
CA LEU A 780 -6.75 35.03 6.83
C LEU A 780 -7.54 35.30 5.56
N TRP A 781 -8.86 35.22 5.67
CA TRP A 781 -9.79 35.67 4.64
C TRP A 781 -10.65 36.77 5.23
N ASP A 782 -11.04 37.73 4.39
CA ASP A 782 -12.05 38.68 4.80
C ASP A 782 -13.40 37.98 4.85
N VAL A 783 -14.14 38.22 5.92
CA VAL A 783 -15.50 37.68 6.00
C VAL A 783 -16.44 38.55 5.17
N PRO A 784 -17.18 37.99 4.23
CA PRO A 784 -18.09 38.81 3.42
C PRO A 784 -19.16 39.48 4.28
N SER A 785 -19.77 40.52 3.71
CA SER A 785 -20.76 41.30 4.45
C SER A 785 -21.95 40.43 4.85
N ASN A 786 -22.43 39.58 3.94
CA ASN A 786 -23.59 38.75 4.24
C ASN A 786 -23.29 37.67 5.27
N TRP A 787 -22.02 37.32 5.46
CA TRP A 787 -21.66 36.30 6.42
C TRP A 787 -21.64 36.86 7.83
N THR A 788 -21.70 35.95 8.80
CA THR A 788 -21.48 36.28 10.19
C THR A 788 -20.16 35.65 10.64
N LEU A 789 -19.63 36.15 11.77
CA LEU A 789 -18.44 35.54 12.35
C LEU A 789 -18.73 34.13 12.82
N GLU A 790 -19.89 33.94 13.46
CA GLU A 790 -20.39 32.61 13.79
C GLU A 790 -20.37 31.70 12.57
N GLU A 791 -20.87 32.18 11.43
CA GLU A 791 -20.87 31.39 10.21
C GLU A 791 -19.44 31.17 9.72
N ALA A 792 -18.65 32.24 9.67
CA ALA A 792 -17.31 32.21 9.10
C ALA A 792 -16.37 31.30 9.86
N ALA A 793 -16.65 31.00 11.13
CA ALA A 793 -15.79 30.16 11.94
C ALA A 793 -15.76 28.71 11.48
N SER A 794 -16.65 28.30 10.58
CA SER A 794 -16.72 26.92 10.14
C SER A 794 -16.08 26.68 8.77
N VAL A 795 -15.61 27.72 8.10
CA VAL A 795 -15.12 27.63 6.73
C VAL A 795 -13.64 27.28 6.62
N PRO A 796 -12.71 27.96 7.34
CA PRO A 796 -11.29 27.78 7.01
C PRO A 796 -10.78 26.35 6.93
N VAL A 797 -10.84 25.57 8.02
CA VAL A 797 -10.29 24.22 7.98
C VAL A 797 -11.01 23.37 6.94
N VAL A 798 -12.32 23.38 7.00
CA VAL A 798 -13.15 22.44 6.25
C VAL A 798 -13.02 22.69 4.75
N TYR A 799 -13.17 23.94 4.33
CA TYR A 799 -13.13 24.25 2.91
C TYR A 799 -11.72 24.29 2.36
N SER A 800 -10.73 24.68 3.17
CA SER A 800 -9.35 24.55 2.72
C SER A 800 -9.00 23.10 2.49
N THR A 801 -9.42 22.21 3.39
CA THR A 801 -9.17 20.79 3.21
C THR A 801 -9.84 20.26 1.95
N ALA A 802 -11.12 20.61 1.77
CA ALA A 802 -11.84 20.12 0.59
C ALA A 802 -11.23 20.65 -0.70
N TYR A 803 -10.82 21.93 -0.72
CA TYR A 803 -10.25 22.51 -1.93
C TYR A 803 -8.89 21.90 -2.23
N TYR A 804 -8.04 21.76 -1.21
CA TYR A 804 -6.75 21.12 -1.39
C TYR A 804 -6.91 19.71 -1.92
N ALA A 805 -7.83 18.94 -1.33
CA ALA A 805 -7.98 17.55 -1.71
C ALA A 805 -8.57 17.40 -3.11
N LEU A 806 -9.66 18.11 -3.40
CA LEU A 806 -10.39 17.89 -4.63
C LEU A 806 -9.73 18.60 -5.82
N VAL A 807 -9.35 19.86 -5.63
CA VAL A 807 -8.88 20.68 -6.73
C VAL A 807 -7.37 20.58 -6.88
N VAL A 808 -6.63 20.91 -5.82
CA VAL A 808 -5.17 20.91 -5.93
C VAL A 808 -4.64 19.49 -6.07
N ARG A 809 -5.11 18.57 -5.23
CA ARG A 809 -4.59 17.21 -5.24
C ARG A 809 -5.37 16.32 -6.22
N GLY A 810 -6.68 16.20 -6.00
CA GLY A 810 -7.46 15.30 -6.83
C GLY A 810 -7.67 15.79 -8.24
N ARG A 811 -7.54 17.10 -8.46
CA ARG A 811 -7.77 17.71 -9.77
C ARG A 811 -9.12 17.30 -10.33
N VAL A 812 -10.16 17.48 -9.53
CA VAL A 812 -11.49 17.06 -9.93
C VAL A 812 -11.94 17.89 -11.13
N ARG A 813 -12.44 17.21 -12.14
CA ARG A 813 -12.96 17.84 -13.33
C ARG A 813 -14.48 17.84 -13.30
N PRO A 814 -15.13 18.78 -14.01
CA PRO A 814 -16.59 18.78 -14.03
C PRO A 814 -17.15 17.47 -14.56
N GLY A 815 -18.19 16.97 -13.89
CA GLY A 815 -18.87 15.78 -14.34
C GLY A 815 -18.25 14.47 -13.91
N GLU A 816 -17.22 14.49 -13.07
CA GLU A 816 -16.57 13.27 -12.61
C GLU A 816 -17.35 12.66 -11.45
N THR A 817 -17.60 11.36 -11.53
CA THR A 817 -18.18 10.65 -10.39
C THR A 817 -17.20 10.67 -9.22
N LEU A 818 -17.73 10.78 -8.01
CA LEU A 818 -16.88 11.08 -6.87
C LEU A 818 -17.56 10.57 -5.61
N LEU A 819 -16.82 9.85 -4.78
CA LEU A 819 -17.31 9.29 -3.53
C LEU A 819 -16.72 10.07 -2.37
N ILE A 820 -17.58 10.73 -1.60
CA ILE A 820 -17.21 11.46 -0.40
C ILE A 820 -17.65 10.63 0.79
N HIS A 821 -16.72 10.31 1.68
CA HIS A 821 -17.06 9.61 2.91
C HIS A 821 -17.40 10.62 3.99
N SER A 822 -18.39 10.29 4.81
CA SER A 822 -18.86 11.15 5.88
C SER A 822 -19.26 12.54 5.34
N GLY A 823 -20.10 12.52 4.31
CA GLY A 823 -20.51 13.75 3.66
C GLY A 823 -21.29 14.68 4.55
N SER A 824 -21.78 14.19 5.68
CA SER A 824 -22.47 15.06 6.64
C SER A 824 -21.49 15.89 7.46
N GLY A 825 -20.26 15.40 7.63
CA GLY A 825 -19.26 16.13 8.36
C GLY A 825 -18.84 17.38 7.63
N GLY A 826 -18.00 18.17 8.29
CA GLY A 826 -17.55 19.42 7.72
C GLY A 826 -16.81 19.25 6.41
N VAL A 827 -15.70 18.51 6.43
CA VAL A 827 -14.90 18.32 5.22
C VAL A 827 -15.75 17.64 4.15
N GLY A 828 -16.58 16.68 4.54
CA GLY A 828 -17.46 16.04 3.58
C GLY A 828 -18.45 17.00 2.95
N GLN A 829 -19.05 17.86 3.78
CA GLN A 829 -20.01 18.84 3.25
C GLN A 829 -19.33 19.80 2.29
N ALA A 830 -18.11 20.23 2.63
CA ALA A 830 -17.38 21.12 1.74
C ALA A 830 -17.02 20.44 0.43
N ALA A 831 -16.61 19.17 0.49
CA ALA A 831 -16.31 18.43 -0.73
C ALA A 831 -17.55 18.26 -1.59
N ILE A 832 -18.70 18.04 -0.96
CA ILE A 832 -19.96 17.97 -1.71
C ILE A 832 -20.24 19.30 -2.39
N ALA A 833 -20.05 20.41 -1.67
CA ALA A 833 -20.29 21.72 -2.26
C ALA A 833 -19.37 21.96 -3.45
N ILE A 834 -18.10 21.60 -3.31
CA ILE A 834 -17.14 21.81 -4.40
C ILE A 834 -17.51 20.94 -5.59
N ALA A 835 -17.83 19.67 -5.35
CA ALA A 835 -18.15 18.76 -6.44
C ALA A 835 -19.43 19.17 -7.16
N LEU A 836 -20.45 19.58 -6.41
CA LEU A 836 -21.71 19.98 -7.04
C LEU A 836 -21.58 21.34 -7.73
N SER A 837 -20.63 22.17 -7.30
CA SER A 837 -20.32 23.37 -8.05
C SER A 837 -19.75 23.04 -9.42
N LEU A 838 -19.12 21.88 -9.56
CA LEU A 838 -18.58 21.43 -10.82
C LEU A 838 -19.50 20.46 -11.55
N GLY A 839 -20.71 20.24 -11.04
CA GLY A 839 -21.62 19.30 -11.68
C GLY A 839 -21.14 17.86 -11.65
N CYS A 840 -20.48 17.46 -10.57
CA CYS A 840 -19.97 16.12 -10.41
C CYS A 840 -21.03 15.23 -9.79
N ARG A 841 -21.10 13.98 -10.23
CA ARG A 841 -21.96 13.01 -9.57
C ARG A 841 -21.33 12.63 -8.24
N VAL A 842 -22.13 12.68 -7.18
CA VAL A 842 -21.63 12.51 -5.81
C VAL A 842 -22.30 11.30 -5.19
N PHE A 843 -21.48 10.36 -4.73
CA PHE A 843 -21.88 9.29 -3.83
C PHE A 843 -21.34 9.63 -2.46
N THR A 844 -22.22 9.91 -1.51
CA THR A 844 -21.78 10.25 -0.17
C THR A 844 -22.22 9.18 0.80
N THR A 845 -21.33 8.85 1.74
CA THR A 845 -21.65 7.91 2.79
C THR A 845 -21.96 8.66 4.08
N VAL A 846 -23.12 8.37 4.66
CA VAL A 846 -23.53 8.95 5.93
C VAL A 846 -23.91 7.83 6.89
N GLY A 847 -23.76 8.10 8.17
CA GLY A 847 -23.99 7.12 9.20
C GLY A 847 -25.39 7.02 9.73
N SER A 848 -26.28 7.94 9.37
CA SER A 848 -27.64 7.90 9.88
C SER A 848 -28.60 8.42 8.82
N ALA A 849 -29.88 8.12 9.02
CA ALA A 849 -30.92 8.64 8.13
C ALA A 849 -31.13 10.14 8.33
N GLU A 850 -30.89 10.63 9.54
CA GLU A 850 -31.00 12.07 9.77
C GLU A 850 -29.92 12.83 9.02
N LYS A 851 -28.71 12.27 8.95
CA LYS A 851 -27.65 12.89 8.18
C LYS A 851 -27.95 12.82 6.68
N ARG A 852 -28.54 11.71 6.24
CA ARG A 852 -29.05 11.61 4.87
C ARG A 852 -30.04 12.73 4.58
N ALA A 853 -31.00 12.94 5.47
CA ALA A 853 -32.02 13.96 5.27
C ALA A 853 -31.40 15.35 5.26
N TYR A 854 -30.44 15.58 6.15
CA TYR A 854 -29.78 16.88 6.19
C TYR A 854 -29.04 17.16 4.90
N LEU A 855 -28.32 16.15 4.37
CA LEU A 855 -27.59 16.35 3.13
C LEU A 855 -28.54 16.53 1.95
N GLN A 856 -29.67 15.83 1.97
CA GLN A 856 -30.66 15.99 0.91
C GLN A 856 -31.24 17.40 0.92
N ALA A 857 -31.57 17.92 2.11
CA ALA A 857 -32.11 19.27 2.21
C ALA A 857 -31.07 20.31 1.85
N ARG A 858 -29.82 20.09 2.28
CA ARG A 858 -28.77 21.08 2.08
C ARG A 858 -28.33 21.13 0.63
N PHE A 859 -28.09 19.96 0.02
CA PHE A 859 -27.67 19.86 -1.37
C PHE A 859 -28.79 19.18 -2.16
N PRO A 860 -29.70 19.94 -2.76
CA PRO A 860 -30.81 19.31 -3.51
C PRO A 860 -30.37 18.59 -4.76
N GLN A 861 -29.12 18.76 -5.20
CA GLN A 861 -28.62 18.06 -6.37
C GLN A 861 -28.39 16.57 -6.11
N LEU A 862 -28.33 16.16 -4.84
CA LEU A 862 -28.14 14.76 -4.50
C LEU A 862 -29.48 14.04 -4.55
N ASP A 863 -29.52 12.90 -5.23
CA ASP A 863 -30.73 12.11 -5.30
C ASP A 863 -30.66 10.97 -4.30
N SER A 864 -31.65 10.07 -4.35
CA SER A 864 -31.69 8.96 -3.41
C SER A 864 -30.52 8.00 -3.59
N THR A 865 -30.03 7.81 -4.81
CA THR A 865 -28.94 6.90 -5.08
C THR A 865 -27.58 7.51 -4.78
N SER A 866 -27.54 8.77 -4.36
CA SER A 866 -26.31 9.43 -3.98
C SER A 866 -25.80 8.99 -2.61
N PHE A 867 -26.63 8.37 -1.80
CA PHE A 867 -26.35 8.16 -0.38
C PHE A 867 -26.11 6.70 -0.10
N ALA A 868 -25.10 6.42 0.70
CA ALA A 868 -24.75 5.07 1.14
C ALA A 868 -24.40 5.10 2.62
N ASN A 869 -24.07 3.95 3.18
CA ASN A 869 -23.75 3.80 4.59
C ASN A 869 -22.25 3.99 4.81
N SER A 870 -21.89 4.77 5.82
CA SER A 870 -20.50 4.93 6.20
C SER A 870 -20.09 4.02 7.34
N ARG A 871 -21.04 3.39 8.03
CA ARG A 871 -20.75 2.52 9.16
C ARG A 871 -20.60 1.06 8.77
N ASP A 872 -20.70 0.76 7.48
CA ASP A 872 -20.45 -0.58 6.96
C ASP A 872 -19.63 -0.46 5.70
N THR A 873 -19.31 -1.60 5.11
CA THR A 873 -18.60 -1.66 3.84
C THR A 873 -19.56 -1.69 2.65
N SER A 874 -20.87 -1.76 2.91
CA SER A 874 -21.86 -1.89 1.84
C SER A 874 -21.87 -0.68 0.90
N PHE A 875 -21.26 0.44 1.29
CA PHE A 875 -21.10 1.54 0.35
C PHE A 875 -20.33 1.10 -0.90
N GLU A 876 -19.41 0.14 -0.75
CA GLU A 876 -18.73 -0.41 -1.91
C GLU A 876 -19.72 -1.02 -2.90
N GLN A 877 -20.63 -1.86 -2.41
CA GLN A 877 -21.59 -2.48 -3.30
C GLN A 877 -22.53 -1.45 -3.90
N HIS A 878 -22.96 -0.48 -3.09
CA HIS A 878 -23.84 0.57 -3.59
C HIS A 878 -23.17 1.36 -4.71
N VAL A 879 -21.91 1.75 -4.50
CA VAL A 879 -21.19 2.53 -5.49
C VAL A 879 -20.97 1.71 -6.76
N LEU A 880 -20.44 0.49 -6.61
CA LEU A 880 -20.13 -0.33 -7.78
C LEU A 880 -21.39 -0.68 -8.57
N TRP A 881 -22.53 -0.77 -7.90
CA TRP A 881 -23.77 -0.99 -8.63
C TRP A 881 -24.21 0.27 -9.36
N HIS A 882 -24.31 1.39 -8.64
CA HIS A 882 -24.87 2.59 -9.23
C HIS A 882 -23.91 3.28 -10.18
N THR A 883 -22.67 2.82 -10.26
CA THR A 883 -21.70 3.34 -11.22
C THR A 883 -21.47 2.39 -12.38
N GLY A 884 -22.19 1.27 -12.44
CA GLY A 884 -21.98 0.30 -13.50
C GLY A 884 -20.77 -0.58 -13.34
N GLY A 885 -20.29 -0.77 -12.11
CA GLY A 885 -19.09 -1.53 -11.87
C GLY A 885 -17.81 -0.81 -12.18
N LYS A 886 -17.89 0.41 -12.71
CA LYS A 886 -16.69 1.12 -13.12
C LYS A 886 -15.94 1.69 -11.92
N GLY A 887 -16.67 2.30 -11.00
CA GLY A 887 -16.08 2.94 -9.85
C GLY A 887 -16.34 4.43 -9.86
N VAL A 888 -15.64 5.16 -8.99
CA VAL A 888 -15.75 6.61 -8.94
C VAL A 888 -14.40 7.20 -9.35
N ASP A 889 -14.43 8.41 -9.89
CA ASP A 889 -13.19 9.05 -10.33
C ASP A 889 -12.37 9.53 -9.15
N LEU A 890 -13.02 9.87 -8.03
CA LEU A 890 -12.34 10.33 -6.84
C LEU A 890 -12.97 9.68 -5.62
N VAL A 891 -12.17 9.49 -4.58
CA VAL A 891 -12.66 9.03 -3.27
C VAL A 891 -12.02 9.90 -2.22
N LEU A 892 -12.78 10.82 -1.64
CA LEU A 892 -12.34 11.58 -0.48
C LEU A 892 -12.67 10.73 0.74
N ASN A 893 -11.65 10.06 1.28
CA ASN A 893 -11.85 9.01 2.28
C ASN A 893 -11.34 9.46 3.63
N SER A 894 -12.20 9.35 4.65
CA SER A 894 -11.81 9.49 6.03
C SER A 894 -12.10 8.22 6.83
N LEU A 895 -12.61 7.18 6.18
CA LEU A 895 -12.91 5.91 6.83
C LEU A 895 -11.63 5.12 7.05
N ALA A 896 -11.71 4.09 7.89
CA ALA A 896 -10.52 3.40 8.34
C ALA A 896 -10.68 1.89 8.19
N GLU A 897 -9.54 1.20 8.19
CA GLU A 897 -9.44 -0.27 8.23
C GLU A 897 -10.17 -0.84 7.01
N GLU A 898 -11.05 -1.82 7.17
CA GLU A 898 -11.70 -2.43 6.02
C GLU A 898 -12.51 -1.40 5.24
N LYS A 899 -13.09 -0.42 5.93
CA LYS A 899 -13.84 0.64 5.28
C LYS A 899 -12.96 1.46 4.35
N LEU A 900 -11.67 1.57 4.64
CA LEU A 900 -10.74 2.15 3.68
C LEU A 900 -10.55 1.23 2.49
N GLN A 901 -10.35 -0.07 2.74
CA GLN A 901 -10.10 -1.00 1.65
C GLN A 901 -11.27 -1.05 0.69
N ALA A 902 -12.50 -1.13 1.22
CA ALA A 902 -13.68 -1.03 0.38
C ALA A 902 -13.66 0.27 -0.43
N SER A 903 -13.29 1.39 0.22
CA SER A 903 -13.18 2.65 -0.50
C SER A 903 -12.17 2.56 -1.63
N VAL A 904 -11.07 1.82 -1.41
CA VAL A 904 -10.10 1.63 -2.48
C VAL A 904 -10.69 0.78 -3.58
N ARG A 905 -11.54 -0.17 -3.21
CA ARG A 905 -12.20 -1.02 -4.20
C ARG A 905 -13.29 -0.28 -4.96
N CYS A 906 -13.66 0.92 -4.50
CA CYS A 906 -14.63 1.74 -5.22
C CYS A 906 -13.99 2.58 -6.31
N LEU A 907 -12.67 2.59 -6.42
CA LEU A 907 -11.99 3.43 -7.39
C LEU A 907 -12.19 2.92 -8.80
N ALA A 908 -12.38 3.86 -9.73
CA ALA A 908 -12.44 3.57 -11.14
C ALA A 908 -11.03 3.61 -11.73
N THR A 909 -10.92 3.30 -13.01
CA THR A 909 -9.67 3.50 -13.71
C THR A 909 -9.34 4.99 -13.77
N HIS A 910 -8.07 5.31 -13.53
CA HIS A 910 -7.59 6.67 -13.37
C HIS A 910 -8.20 7.35 -12.14
N GLY A 911 -8.68 6.55 -11.19
CA GLY A 911 -9.30 7.11 -10.01
C GLY A 911 -8.28 7.71 -9.07
N ARG A 912 -8.70 8.75 -8.35
CA ARG A 912 -7.86 9.43 -7.38
C ARG A 912 -8.41 9.19 -5.99
N PHE A 913 -7.61 8.55 -5.14
CA PHE A 913 -7.99 8.24 -3.77
C PHE A 913 -7.30 9.23 -2.85
N LEU A 914 -8.06 10.18 -2.32
CA LEU A 914 -7.54 11.22 -1.44
C LEU A 914 -7.77 10.77 -0.01
N GLU A 915 -6.69 10.41 0.68
CA GLU A 915 -6.77 9.91 2.05
C GLU A 915 -6.56 11.08 3.00
N ILE A 916 -7.64 11.54 3.63
CA ILE A 916 -7.55 12.59 4.64
C ILE A 916 -7.69 12.03 6.04
N GLY A 917 -8.03 10.76 6.20
CA GLY A 917 -7.96 10.12 7.49
C GLY A 917 -6.53 9.78 7.86
N LYS A 918 -6.34 9.39 9.11
CA LYS A 918 -4.99 9.19 9.64
C LYS A 918 -4.76 7.81 10.26
N PHE A 919 -5.80 7.05 10.59
CA PHE A 919 -5.61 5.82 11.36
C PHE A 919 -4.80 4.79 10.58
N ASP A 920 -5.22 4.47 9.36
CA ASP A 920 -4.49 3.51 8.55
C ASP A 920 -3.12 4.05 8.16
N LEU A 921 -3.02 5.37 7.98
CA LEU A 921 -1.73 5.98 7.69
C LEU A 921 -0.79 5.85 8.89
N SER A 922 -1.27 6.21 10.08
CA SER A 922 -0.43 6.16 11.26
C SER A 922 -0.06 4.73 11.66
N GLN A 923 -0.94 3.77 11.38
CA GLN A 923 -0.68 2.38 11.74
C GLN A 923 0.15 1.64 10.70
N ASN A 924 0.50 2.29 9.60
CA ASN A 924 1.26 1.66 8.51
C ASN A 924 0.54 0.41 8.00
N HIS A 925 -0.78 0.50 7.89
CA HIS A 925 -1.56 -0.62 7.42
C HIS A 925 -1.22 -0.91 5.96
N PRO A 926 -1.25 -2.17 5.54
CA PRO A 926 -0.88 -2.49 4.16
C PRO A 926 -1.94 -2.04 3.17
N LEU A 927 -1.48 -1.57 2.02
CA LEU A 927 -2.33 -1.26 0.89
C LEU A 927 -1.87 -2.10 -0.29
N GLY A 928 -2.75 -2.98 -0.78
CA GLY A 928 -2.43 -3.77 -1.94
C GLY A 928 -2.20 -2.93 -3.17
N MET A 929 -1.08 -3.14 -3.84
CA MET A 929 -0.65 -2.30 -4.94
C MET A 929 -1.32 -2.63 -6.25
N ALA A 930 -2.07 -3.73 -6.33
CA ALA A 930 -2.80 -4.06 -7.55
C ALA A 930 -3.77 -2.97 -7.97
N ILE A 931 -4.24 -2.17 -7.03
CA ILE A 931 -5.12 -1.05 -7.37
C ILE A 931 -4.43 -0.10 -8.33
N PHE A 932 -3.12 0.07 -8.20
CA PHE A 932 -2.39 0.96 -9.09
C PHE A 932 -2.28 0.42 -10.50
N LEU A 933 -2.68 -0.84 -10.73
CA LEU A 933 -2.82 -1.33 -12.09
C LEU A 933 -3.97 -0.66 -12.82
N LYS A 934 -4.86 0.03 -12.11
CA LYS A 934 -5.96 0.76 -12.71
C LYS A 934 -5.62 2.21 -13.01
N ASN A 935 -4.34 2.54 -13.17
CA ASN A 935 -3.89 3.91 -13.37
C ASN A 935 -4.34 4.81 -12.23
N VAL A 936 -4.37 4.25 -11.03
CA VAL A 936 -4.96 4.91 -9.87
C VAL A 936 -3.89 5.74 -9.18
N THR A 937 -4.28 6.94 -8.75
CA THR A 937 -3.43 7.82 -7.96
C THR A 937 -3.88 7.75 -6.50
N PHE A 938 -2.94 7.65 -5.59
CA PHE A 938 -3.21 7.63 -4.15
C PHE A 938 -2.54 8.83 -3.50
N HIS A 939 -3.35 9.79 -3.06
CA HIS A 939 -2.88 10.99 -2.41
C HIS A 939 -2.97 10.82 -0.91
N GLY A 940 -1.88 11.09 -0.21
CA GLY A 940 -1.95 11.31 1.22
C GLY A 940 -2.13 12.79 1.46
N VAL A 941 -3.34 13.21 1.82
CA VAL A 941 -3.69 14.62 1.86
C VAL A 941 -3.62 15.07 3.31
N LEU A 942 -2.73 16.02 3.58
CA LEU A 942 -2.52 16.58 4.91
C LEU A 942 -2.43 18.10 4.78
N LEU A 943 -3.51 18.79 5.14
CA LEU A 943 -3.51 20.24 5.09
C LEU A 943 -2.56 20.85 6.13
N ASP A 944 -2.28 20.13 7.22
CA ASP A 944 -1.38 20.62 8.24
C ASP A 944 0.04 20.83 7.75
N ALA A 945 0.37 20.29 6.57
CA ALA A 945 1.67 20.57 5.97
C ALA A 945 1.79 22.00 5.45
N PHE A 946 0.70 22.76 5.41
CA PHE A 946 0.74 24.12 4.90
C PHE A 946 1.17 25.14 5.94
N PHE A 947 1.31 24.75 7.20
CA PHE A 947 1.74 25.63 8.26
C PHE A 947 3.24 25.58 8.52
N ASN A 948 3.95 24.66 7.86
CA ASN A 948 5.39 24.51 8.04
C ASN A 948 6.21 25.34 7.05
N GLU A 949 5.77 25.42 5.80
CA GLU A 949 6.46 26.20 4.78
C GLU A 949 5.71 27.47 4.38
N SER A 950 4.39 27.39 4.23
CA SER A 950 3.55 28.55 3.92
C SER A 950 3.98 29.24 2.63
N SER A 951 4.30 28.46 1.61
CA SER A 951 4.74 28.99 0.33
C SER A 951 3.52 29.34 -0.53
N ALA A 952 3.74 29.54 -1.83
CA ALA A 952 2.64 29.75 -2.75
C ALA A 952 1.75 28.53 -2.90
N ASP A 953 2.20 27.35 -2.46
CA ASP A 953 1.34 26.18 -2.48
C ASP A 953 0.14 26.37 -1.57
N TRP A 954 0.35 27.00 -0.40
CA TRP A 954 -0.80 27.35 0.43
C TRP A 954 -1.61 28.47 -0.20
N ARG A 955 -0.95 29.44 -0.82
CA ARG A 955 -1.68 30.54 -1.44
C ARG A 955 -2.59 30.05 -2.55
N GLU A 956 -2.26 28.93 -3.18
CA GLU A 956 -3.17 28.34 -4.15
C GLU A 956 -4.48 27.91 -3.49
N VAL A 957 -4.39 27.20 -2.37
CA VAL A 957 -5.58 26.77 -1.65
C VAL A 957 -6.32 27.99 -1.10
N TRP A 958 -5.58 29.01 -0.66
CA TRP A 958 -6.20 30.23 -0.16
C TRP A 958 -7.00 30.90 -1.26
N ALA A 959 -6.42 31.03 -2.45
CA ALA A 959 -7.12 31.65 -3.57
C ALA A 959 -8.32 30.82 -3.99
N LEU A 960 -8.22 29.49 -3.90
CA LEU A 960 -9.36 28.64 -4.18
C LEU A 960 -10.49 28.89 -3.19
N VAL A 961 -10.18 29.00 -1.90
CA VAL A 961 -11.20 29.29 -0.91
C VAL A 961 -11.80 30.67 -1.15
N GLN A 962 -10.96 31.67 -1.43
CA GLN A 962 -11.46 33.03 -1.66
C GLN A 962 -12.34 33.09 -2.90
N ALA A 963 -11.96 32.39 -3.97
CA ALA A 963 -12.79 32.33 -5.16
C ALA A 963 -14.11 31.63 -4.89
N GLY A 964 -14.08 30.51 -4.17
CA GLY A 964 -15.31 29.85 -3.79
C GLY A 964 -16.19 30.73 -2.92
N ILE A 965 -15.57 31.62 -2.15
CA ILE A 965 -16.32 32.57 -1.35
C ILE A 965 -17.01 33.60 -2.24
N ARG A 966 -16.28 34.18 -3.19
CA ARG A 966 -16.88 35.19 -4.05
C ARG A 966 -17.83 34.59 -5.08
N ASP A 967 -17.66 33.30 -5.40
CA ASP A 967 -18.58 32.61 -6.30
C ASP A 967 -19.72 31.92 -5.58
N GLY A 968 -19.82 32.06 -4.27
CA GLY A 968 -20.90 31.44 -3.53
C GLY A 968 -20.78 29.95 -3.34
N VAL A 969 -19.72 29.33 -3.85
CA VAL A 969 -19.54 27.90 -3.69
C VAL A 969 -19.25 27.54 -2.25
N VAL A 970 -18.31 28.26 -1.63
CA VAL A 970 -17.99 28.06 -0.22
C VAL A 970 -19.13 28.67 0.59
N ARG A 971 -19.89 27.82 1.26
CA ARG A 971 -20.99 28.29 2.07
C ARG A 971 -20.80 27.81 3.50
N PRO A 972 -21.07 28.65 4.49
CA PRO A 972 -20.86 28.24 5.88
C PRO A 972 -21.72 27.04 6.25
N LEU A 973 -21.14 26.14 7.03
CA LEU A 973 -21.86 24.97 7.48
C LEU A 973 -22.79 25.34 8.64
N LYS A 974 -23.60 24.36 9.04
CA LYS A 974 -24.39 24.52 10.25
C LYS A 974 -23.46 24.55 11.46
N CYS A 975 -23.72 25.46 12.38
CA CYS A 975 -22.87 25.67 13.54
C CYS A 975 -23.66 25.46 14.82
N THR A 976 -23.27 24.47 15.60
CA THR A 976 -23.76 24.31 16.96
C THR A 976 -22.83 25.07 17.89
N VAL A 977 -23.35 26.10 18.55
CA VAL A 977 -22.53 27.07 19.26
C VAL A 977 -22.62 26.84 20.76
N PHE A 978 -21.47 26.70 21.39
CA PHE A 978 -21.34 26.71 22.84
C PHE A 978 -20.58 27.96 23.22
N HIS A 979 -21.07 28.67 24.24
CA HIS A 979 -20.39 29.88 24.69
C HIS A 979 -19.04 29.51 25.28
N GLY A 980 -18.15 30.50 25.33
CA GLY A 980 -16.81 30.27 25.86
C GLY A 980 -16.79 29.86 27.31
N ALA A 981 -17.86 30.14 28.06
CA ALA A 981 -17.89 29.76 29.47
C ALA A 981 -17.97 28.25 29.65
N GLN A 982 -18.50 27.54 28.65
CA GLN A 982 -18.60 26.08 28.70
C GLN A 982 -18.01 25.50 27.41
N VAL A 983 -16.71 25.27 27.42
CA VAL A 983 -16.01 24.69 26.28
C VAL A 983 -15.97 23.18 26.46
N GLU A 984 -15.98 22.73 27.71
CA GLU A 984 -15.96 21.30 27.98
C GLU A 984 -17.18 20.62 27.38
N ASP A 985 -18.36 21.23 27.52
CA ASP A 985 -19.57 20.67 26.95
C ASP A 985 -19.50 20.61 25.44
N ALA A 986 -18.90 21.61 24.80
CA ALA A 986 -18.69 21.52 23.35
C ALA A 986 -17.85 20.30 22.99
N PHE A 987 -16.80 20.04 23.78
CA PHE A 987 -15.93 18.91 23.49
C PHE A 987 -16.65 17.59 23.67
N ARG A 988 -17.34 17.40 24.80
CA ARG A 988 -18.02 16.12 25.01
C ARG A 988 -19.23 15.99 24.10
N TYR A 989 -19.79 17.10 23.64
CA TYR A 989 -20.89 17.03 22.68
C TYR A 989 -20.37 16.54 21.33
N MET A 990 -19.26 17.12 20.86
CA MET A 990 -18.78 16.73 19.55
C MET A 990 -18.09 15.37 19.59
N ALA A 991 -17.67 14.93 20.78
CA ALA A 991 -17.05 13.61 20.92
C ALA A 991 -18.03 12.50 20.61
N GLN A 992 -19.30 12.67 21.00
CA GLN A 992 -20.28 11.62 20.76
C GLN A 992 -20.59 11.46 19.28
N GLY A 993 -20.53 12.54 18.51
CA GLY A 993 -20.68 12.47 17.08
C GLY A 993 -22.06 12.70 16.54
N LYS A 994 -23.00 13.13 17.37
CA LYS A 994 -24.34 13.43 16.85
C LYS A 994 -24.38 14.78 16.14
N HIS A 995 -23.29 15.54 16.22
CA HIS A 995 -23.25 16.85 15.58
C HIS A 995 -23.22 16.72 14.07
N ILE A 996 -23.88 17.65 13.40
CA ILE A 996 -23.84 17.79 11.96
C ILE A 996 -23.28 19.17 11.63
N GLY A 997 -22.22 19.20 10.84
CA GLY A 997 -21.59 20.46 10.49
C GLY A 997 -20.39 20.77 11.36
N LYS A 998 -20.45 21.88 12.08
CA LYS A 998 -19.33 22.35 12.88
C LYS A 998 -19.80 22.75 14.27
N VAL A 999 -19.01 22.38 15.26
CA VAL A 999 -19.20 22.84 16.63
C VAL A 999 -18.31 24.07 16.80
N VAL A 1000 -18.89 25.15 17.30
CA VAL A 1000 -18.23 26.45 17.39
C VAL A 1000 -18.33 26.95 18.82
N VAL A 1001 -17.18 27.30 19.40
CA VAL A 1001 -17.14 27.95 20.71
C VAL A 1001 -17.10 29.45 20.48
N GLN A 1002 -18.12 30.15 20.96
CA GLN A 1002 -18.16 31.61 20.87
C GLN A 1002 -17.32 32.17 21.99
N VAL A 1003 -16.15 32.70 21.64
CA VAL A 1003 -15.30 33.37 22.62
C VAL A 1003 -15.81 34.77 22.89
N LEU A 1004 -16.22 35.48 21.85
CA LEU A 1004 -16.72 36.84 21.94
C LEU A 1004 -17.95 36.98 21.05
N ALA A 1005 -19.01 37.56 21.60
CA ALA A 1005 -20.21 37.78 20.82
C ALA A 1005 -19.98 38.88 19.79
N GLU A 1006 -20.42 38.63 18.56
CA GLU A 1006 -20.18 39.56 17.46
C GLU A 1006 -21.01 40.81 17.65
N GLU A 1007 -20.36 41.93 17.94
CA GLU A 1007 -21.05 43.20 18.02
C GLU A 1007 -21.50 43.63 16.63
N PRO A 1008 -22.57 44.44 16.54
CA PRO A 1008 -22.99 44.90 15.22
C PRO A 1008 -22.11 46.03 14.69
N GLU A 1009 -21.20 45.68 13.79
CA GLU A 1009 -20.27 46.63 13.18
C GLU A 1009 -19.49 45.89 12.11
N ALA A 1010 -19.03 46.63 11.11
CA ALA A 1010 -18.25 46.07 10.02
C ALA A 1010 -16.76 46.01 10.37
N VAL A 1011 -16.18 47.14 10.78
CA VAL A 1011 -14.80 47.21 11.24
C VAL A 1011 -14.82 48.01 12.54
N LEU A 1012 -14.87 47.31 13.67
CA LEU A 1012 -14.83 47.95 14.97
C LEU A 1012 -13.39 48.25 15.33
N LYS A 1013 -13.10 49.52 15.60
CA LYS A 1013 -11.71 49.94 15.82
C LYS A 1013 -11.12 49.30 17.06
N GLY A 1014 -11.93 49.09 18.10
CA GLY A 1014 -11.46 48.50 19.33
C GLY A 1014 -10.84 47.13 19.15
N ALA A 1015 -11.67 46.14 18.81
CA ALA A 1015 -11.24 44.77 18.51
C ALA A 1015 -10.47 44.14 19.66
N LYS A 1016 -10.66 44.62 20.89
CA LYS A 1016 -9.94 44.05 22.01
C LYS A 1016 -10.73 42.89 22.61
N PRO A 1017 -10.07 41.80 23.00
CA PRO A 1017 -10.78 40.72 23.68
C PRO A 1017 -11.29 41.18 25.04
N LYS A 1018 -12.46 40.67 25.41
CA LYS A 1018 -13.02 40.97 26.73
C LYS A 1018 -12.22 40.23 27.80
N LEU A 1019 -12.17 40.81 29.00
CA LEU A 1019 -11.44 40.20 30.10
C LEU A 1019 -12.24 39.05 30.69
N MET A 1020 -11.68 37.84 30.62
CA MET A 1020 -12.26 36.70 31.30
C MET A 1020 -11.28 36.13 32.31
N SER A 1021 -11.80 35.44 33.30
CA SER A 1021 -10.97 34.81 34.32
C SER A 1021 -10.37 33.53 33.75
N ALA A 1022 -9.05 33.49 33.64
CA ALA A 1022 -8.36 32.31 33.15
C ALA A 1022 -7.31 31.90 34.16
N ILE A 1023 -7.00 30.60 34.17
CA ILE A 1023 -6.00 30.08 35.10
C ILE A 1023 -4.67 30.77 34.85
N SER A 1024 -4.06 31.29 35.91
CA SER A 1024 -2.80 31.99 35.79
C SER A 1024 -1.70 31.04 35.37
N LYS A 1025 -0.94 31.43 34.36
CA LYS A 1025 0.18 30.66 33.88
C LYS A 1025 1.37 31.60 33.74
N THR A 1026 2.55 31.11 34.11
CA THR A 1026 3.75 31.92 34.04
C THR A 1026 4.22 32.01 32.60
N PHE A 1027 4.27 33.23 32.08
CA PHE A 1027 4.83 33.49 30.76
C PHE A 1027 5.70 34.73 30.87
N CYS A 1028 6.68 34.82 29.98
CA CYS A 1028 7.65 35.90 30.06
C CYS A 1028 7.73 36.65 28.74
N PRO A 1029 7.95 37.96 28.78
CA PRO A 1029 8.14 38.72 27.55
C PRO A 1029 9.44 38.32 26.85
N ALA A 1030 9.42 38.37 25.52
CA ALA A 1030 10.61 38.05 24.76
C ALA A 1030 11.65 39.16 24.80
N HIS A 1031 11.26 40.35 25.22
CA HIS A 1031 12.17 41.50 25.28
C HIS A 1031 12.85 41.66 26.63
N LYS A 1032 12.59 40.78 27.57
CA LYS A 1032 13.15 40.88 28.90
C LYS A 1032 14.20 39.80 29.13
N SER A 1033 15.20 40.14 29.94
CA SER A 1033 16.29 39.24 30.27
C SER A 1033 16.05 38.62 31.65
N TYR A 1034 16.39 37.35 31.78
CA TYR A 1034 16.13 36.60 33.00
C TYR A 1034 17.42 35.94 33.47
N ILE A 1035 17.72 36.10 34.76
CA ILE A 1035 18.95 35.61 35.35
C ILE A 1035 18.65 34.42 36.23
N ILE A 1036 19.43 33.35 36.08
CA ILE A 1036 19.39 32.22 36.99
C ILE A 1036 20.77 32.10 37.59
N ALA A 1037 20.94 32.61 38.80
CA ALA A 1037 22.19 32.39 39.54
C ALA A 1037 22.29 30.92 39.89
N GLY A 1038 23.39 30.29 39.47
CA GLY A 1038 23.48 28.85 39.57
C GLY A 1038 22.63 28.13 38.54
N GLY A 1039 22.49 28.73 37.36
CA GLY A 1039 21.66 28.19 36.31
C GLY A 1039 22.26 27.05 35.53
N LEU A 1040 23.50 26.69 35.81
CA LEU A 1040 24.13 25.55 35.16
C LEU A 1040 24.00 24.26 35.97
N GLY A 1041 23.38 24.32 37.14
CA GLY A 1041 23.11 23.13 37.92
C GLY A 1041 21.94 22.34 37.37
N GLY A 1042 21.63 21.25 38.06
CA GLY A 1042 20.54 20.40 37.63
C GLY A 1042 19.21 21.14 37.62
N PHE A 1043 18.80 21.60 38.79
CA PHE A 1043 17.61 22.43 38.87
C PHE A 1043 17.77 23.71 38.06
N GLY A 1044 18.99 24.26 38.00
CA GLY A 1044 19.21 25.44 37.20
C GLY A 1044 18.94 25.23 35.72
N LEU A 1045 19.49 24.16 35.17
CA LEU A 1045 19.26 23.86 33.75
C LEU A 1045 17.81 23.53 33.49
N GLU A 1046 17.17 22.79 34.40
CA GLU A 1046 15.77 22.44 34.21
C GLU A 1046 14.88 23.68 34.26
N LEU A 1047 15.15 24.59 35.21
CA LEU A 1047 14.42 25.84 35.28
C LEU A 1047 14.67 26.70 34.05
N ALA A 1048 15.90 26.70 33.54
CA ALA A 1048 16.19 27.47 32.34
C ALA A 1048 15.40 26.95 31.15
N GLN A 1049 15.38 25.63 30.95
CA GLN A 1049 14.57 25.05 29.90
C GLN A 1049 13.10 25.39 30.07
N TRP A 1050 12.60 25.30 31.31
CA TRP A 1050 11.21 25.63 31.57
C TRP A 1050 10.91 27.09 31.24
N LEU A 1051 11.87 27.98 31.52
CA LEU A 1051 11.67 29.39 31.23
C LEU A 1051 11.70 29.66 29.73
N ILE A 1052 12.59 29.01 28.99
CA ILE A 1052 12.54 29.11 27.53
C ILE A 1052 11.19 28.63 27.02
N GLN A 1053 10.68 27.54 27.57
CA GLN A 1053 9.36 27.06 27.18
C GLN A 1053 8.26 28.05 27.58
N ARG A 1054 8.53 28.97 28.49
CA ARG A 1054 7.56 29.96 28.92
C ARG A 1054 7.76 31.32 28.27
N GLY A 1055 8.60 31.40 27.24
CA GLY A 1055 8.79 32.62 26.49
C GLY A 1055 10.07 33.38 26.78
N VAL A 1056 10.92 32.89 27.67
CA VAL A 1056 12.17 33.57 27.95
C VAL A 1056 13.07 33.47 26.74
N GLN A 1057 13.51 34.61 26.24
CA GLN A 1057 14.39 34.68 25.08
C GLN A 1057 15.78 35.19 25.41
N LYS A 1058 15.97 35.81 26.56
CA LYS A 1058 17.27 36.36 26.98
C LYS A 1058 17.59 35.78 28.34
N LEU A 1059 18.49 34.82 28.39
CA LEU A 1059 18.84 34.11 29.61
C LEU A 1059 20.27 34.42 30.01
N VAL A 1060 20.48 34.65 31.29
CA VAL A 1060 21.83 34.83 31.86
C VAL A 1060 21.97 33.81 32.99
N LEU A 1061 22.61 32.69 32.68
CA LEU A 1061 22.94 31.69 33.69
C LEU A 1061 24.32 31.98 34.26
N THR A 1062 24.41 31.98 35.58
CA THR A 1062 25.68 32.27 36.25
C THR A 1062 26.20 31.01 36.93
N SER A 1063 27.51 30.80 36.82
CA SER A 1063 28.18 29.70 37.47
C SER A 1063 29.61 30.12 37.75
N ARG A 1064 30.15 29.68 38.89
CA ARG A 1064 31.54 30.00 39.21
C ARG A 1064 32.48 29.33 38.22
N SER A 1065 32.19 28.10 37.83
CA SER A 1065 33.08 27.31 37.00
C SER A 1065 32.70 27.31 35.53
N GLY A 1066 31.61 27.96 35.15
CA GLY A 1066 31.23 27.95 33.76
C GLY A 1066 30.75 26.59 33.30
N ILE A 1067 30.71 26.41 31.98
CA ILE A 1067 30.26 25.16 31.39
C ILE A 1067 31.38 24.14 31.47
N ARG A 1068 31.16 23.08 32.24
CA ARG A 1068 32.11 21.98 32.34
C ARG A 1068 31.55 20.67 31.82
N THR A 1069 30.32 20.32 32.22
CA THR A 1069 29.74 19.05 31.80
C THR A 1069 29.22 19.12 30.38
N GLY A 1070 29.10 17.95 29.75
CA GLY A 1070 28.54 17.88 28.41
C GLY A 1070 27.04 18.11 28.40
N TYR A 1071 26.36 17.78 29.50
CA TYR A 1071 24.93 18.08 29.60
C TYR A 1071 24.67 19.57 29.55
N GLN A 1072 25.45 20.34 30.31
CA GLN A 1072 25.31 21.80 30.30
C GLN A 1072 25.55 22.34 28.90
N ALA A 1073 26.61 21.87 28.24
CA ALA A 1073 26.93 22.35 26.90
C ALA A 1073 25.82 22.02 25.93
N LYS A 1074 25.29 20.80 25.99
CA LYS A 1074 24.22 20.40 25.08
C LYS A 1074 22.98 21.25 25.29
N GLN A 1075 22.60 21.46 26.56
CA GLN A 1075 21.40 22.27 26.84
C GLN A 1075 21.58 23.71 26.37
N VAL A 1076 22.73 24.31 26.69
CA VAL A 1076 22.95 25.71 26.35
C VAL A 1076 23.01 25.88 24.84
N ARG A 1077 23.69 24.98 24.14
CA ARG A 1077 23.78 25.10 22.69
C ARG A 1077 22.44 24.83 22.03
N ARG A 1078 21.62 23.95 22.60
CA ARG A 1078 20.27 23.75 22.07
C ARG A 1078 19.43 25.00 22.24
N TRP A 1079 19.53 25.66 23.39
CA TRP A 1079 18.77 26.90 23.58
C TRP A 1079 19.26 27.99 22.64
N ARG A 1080 20.57 28.10 22.46
CA ARG A 1080 21.11 29.13 21.56
C ARG A 1080 20.68 28.87 20.12
N ARG A 1081 20.69 27.61 19.70
CA ARG A 1081 20.21 27.27 18.36
C ARG A 1081 18.71 27.51 18.23
N GLN A 1082 17.96 27.35 19.32
CA GLN A 1082 16.53 27.63 19.28
C GLN A 1082 16.25 29.12 19.13
N GLY A 1083 17.25 29.96 19.36
CA GLY A 1083 17.09 31.41 19.24
C GLY A 1083 17.15 32.17 20.55
N VAL A 1084 17.49 31.53 21.65
CA VAL A 1084 17.52 32.19 22.95
C VAL A 1084 18.92 32.72 23.21
N GLN A 1085 19.02 33.98 23.61
CA GLN A 1085 20.30 34.57 23.99
C GLN A 1085 20.65 34.07 25.38
N VAL A 1086 21.40 32.97 25.44
CA VAL A 1086 21.84 32.39 26.69
C VAL A 1086 23.27 32.83 26.95
N GLN A 1087 23.47 33.59 28.03
CA GLN A 1087 24.79 34.04 28.44
C GLN A 1087 25.19 33.27 29.70
N VAL A 1088 26.32 32.60 29.63
CA VAL A 1088 26.89 31.88 30.77
C VAL A 1088 27.84 32.86 31.45
N SER A 1089 27.36 33.54 32.49
CA SER A 1089 28.14 34.52 33.21
C SER A 1089 28.89 33.86 34.37
N THR A 1090 30.04 34.44 34.71
CA THR A 1090 30.82 34.00 35.86
C THR A 1090 30.71 34.99 37.01
N SER A 1091 29.95 36.07 36.81
CA SER A 1091 29.78 37.11 37.82
C SER A 1091 29.21 36.49 39.10
N ASN A 1092 30.02 36.45 40.15
CA ASN A 1092 29.61 35.86 41.42
C ASN A 1092 28.73 36.84 42.17
N ILE A 1093 27.48 36.44 42.44
CA ILE A 1093 26.55 37.28 43.18
C ILE A 1093 26.93 37.43 44.64
N SER A 1094 27.91 36.67 45.11
CA SER A 1094 28.34 36.79 46.51
C SER A 1094 28.85 38.19 46.80
N SER A 1095 29.57 38.79 45.86
CA SER A 1095 30.04 40.16 46.01
C SER A 1095 29.04 41.12 45.39
N LEU A 1096 28.91 42.30 45.99
CA LEU A 1096 27.99 43.30 45.47
C LEU A 1096 28.40 43.76 44.07
N GLU A 1097 29.71 43.90 43.84
CA GLU A 1097 30.19 44.27 42.51
C GLU A 1097 29.85 43.19 41.50
N GLY A 1098 29.95 41.93 41.90
CA GLY A 1098 29.61 40.84 40.99
C GLY A 1098 28.14 40.86 40.60
N ALA A 1099 27.26 41.08 41.57
CA ALA A 1099 25.83 41.15 41.26
C ALA A 1099 25.52 42.37 40.40
N ARG A 1100 26.18 43.50 40.66
CA ARG A 1100 25.98 44.68 39.83
C ARG A 1100 26.38 44.40 38.39
N GLY A 1101 27.55 43.79 38.20
CA GLY A 1101 27.98 43.44 36.84
C GLY A 1101 27.07 42.43 36.19
N LEU A 1102 26.53 41.49 36.98
CA LEU A 1102 25.59 40.52 36.44
C LEU A 1102 24.33 41.19 35.93
N ILE A 1103 23.76 42.09 36.74
CA ILE A 1103 22.60 42.86 36.28
C ILE A 1103 22.97 43.68 35.06
N ALA A 1104 24.21 44.14 34.97
CA ALA A 1104 24.64 44.89 33.79
C ALA A 1104 24.60 44.03 32.53
N GLU A 1105 25.21 42.83 32.59
CA GLU A 1105 25.18 41.96 31.41
C GLU A 1105 23.76 41.51 31.09
N ALA A 1106 22.90 41.40 32.10
CA ALA A 1106 21.50 41.07 31.82
C ALA A 1106 20.80 42.22 31.10
N ALA A 1107 20.96 43.45 31.61
CA ALA A 1107 20.32 44.59 30.99
C ALA A 1107 20.88 44.86 29.60
N GLN A 1108 22.11 44.41 29.33
CA GLN A 1108 22.64 44.54 27.98
C GLN A 1108 21.78 43.80 26.97
N LEU A 1109 21.30 42.61 27.32
CA LEU A 1109 20.37 41.90 26.45
C LEU A 1109 18.99 42.56 26.46
N GLY A 1110 18.49 42.90 27.64
CA GLY A 1110 17.19 43.52 27.77
C GLY A 1110 16.86 43.80 29.22
N PRO A 1111 15.78 44.55 29.46
CA PRO A 1111 15.41 44.89 30.83
C PRO A 1111 15.20 43.63 31.66
N VAL A 1112 15.68 43.67 32.91
CA VAL A 1112 15.67 42.50 33.76
C VAL A 1112 14.26 42.22 34.24
N GLY A 1113 13.67 41.12 33.77
CA GLY A 1113 12.33 40.75 34.17
C GLY A 1113 12.30 39.78 35.33
N GLY A 1114 13.38 39.03 35.52
CA GLY A 1114 13.43 38.05 36.60
C GLY A 1114 14.81 37.60 36.99
N VAL A 1115 15.00 37.33 38.28
CA VAL A 1115 16.23 36.78 38.82
C VAL A 1115 15.89 35.56 39.65
N PHE A 1116 16.67 34.50 39.49
CA PHE A 1116 16.44 33.23 40.17
C PHE A 1116 17.73 32.80 40.85
N ASN A 1117 17.69 32.73 42.18
CA ASN A 1117 18.84 32.36 43.00
C ASN A 1117 18.78 30.85 43.23
N LEU A 1118 19.56 30.12 42.44
CA LEU A 1118 19.76 28.70 42.60
C LEU A 1118 21.20 28.36 42.94
N ALA A 1119 22.04 29.37 43.16
CA ALA A 1119 23.41 29.12 43.56
C ALA A 1119 23.45 28.45 44.93
N VAL A 1120 24.26 27.41 45.05
CA VAL A 1120 24.38 26.68 46.30
C VAL A 1120 25.76 26.05 46.38
N VAL A 1121 26.38 26.13 47.56
CA VAL A 1121 27.51 25.29 47.90
C VAL A 1121 27.17 24.63 49.23
N LEU A 1122 27.64 23.41 49.41
CA LEU A 1122 27.28 22.61 50.56
C LEU A 1122 28.52 22.32 51.40
N ARG A 1123 28.44 22.67 52.68
CA ARG A 1123 29.44 22.28 53.67
C ARG A 1123 28.67 21.59 54.79
N ASP A 1124 28.39 20.31 54.58
CA ASP A 1124 27.57 19.54 55.51
C ASP A 1124 28.39 19.20 56.76
N GLY A 1125 27.83 18.40 57.62
CA GLY A 1125 28.51 18.04 58.85
C GLY A 1125 27.78 18.59 60.06
N LEU A 1126 27.90 17.88 61.17
CA LEU A 1126 27.22 18.27 62.40
C LEU A 1126 27.84 19.54 62.97
N LEU A 1127 27.15 20.12 63.96
CA LEU A 1127 27.62 21.36 64.56
C LEU A 1127 28.98 21.17 65.24
N GLU A 1128 29.25 19.96 65.75
CA GLU A 1128 30.54 19.70 66.37
C GLU A 1128 31.68 19.85 65.37
N ASN A 1129 31.56 19.20 64.22
CA ASN A 1129 32.54 19.34 63.14
C ASN A 1129 32.11 20.39 62.12
N GLN A 1130 31.80 21.60 62.61
CA GLN A 1130 31.39 22.70 61.75
C GLN A 1130 32.31 23.88 61.99
N THR A 1131 32.52 24.68 60.94
CA THR A 1131 33.49 25.76 60.96
C THR A 1131 32.81 27.06 60.55
N PRO A 1132 33.18 28.18 61.18
CA PRO A 1132 32.68 29.48 60.70
C PRO A 1132 32.99 29.74 59.24
N GLU A 1133 34.14 29.25 58.75
CA GLU A 1133 34.44 29.36 57.32
C GLU A 1133 33.45 28.56 56.50
N PHE A 1134 33.01 27.41 57.01
CA PHE A 1134 31.98 26.64 56.31
C PHE A 1134 30.67 27.40 56.25
N PHE A 1135 30.28 28.06 57.35
CA PHE A 1135 29.09 28.89 57.33
C PHE A 1135 29.21 30.02 56.33
N GLN A 1136 30.37 30.69 56.30
CA GLN A 1136 30.60 31.75 55.33
C GLN A 1136 30.47 31.22 53.91
N ASP A 1137 31.10 30.07 53.63
CA ASP A 1137 31.07 29.52 52.28
C ASP A 1137 29.65 29.16 51.85
N VAL A 1138 28.88 28.55 52.76
CA VAL A 1138 27.52 28.15 52.41
C VAL A 1138 26.62 29.36 52.24
N CYS A 1139 26.72 30.35 53.13
CA CYS A 1139 25.85 31.50 53.08
C CYS A 1139 26.21 32.50 51.98
N LYS A 1140 27.44 32.49 51.48
CA LYS A 1140 27.84 33.48 50.49
C LYS A 1140 27.01 33.41 49.22
N PRO A 1141 26.75 32.24 48.62
CA PRO A 1141 25.85 32.24 47.45
C PRO A 1141 24.40 32.55 47.80
N LYS A 1142 23.94 32.16 48.98
CA LYS A 1142 22.54 32.34 49.33
C LYS A 1142 22.31 33.64 50.10
N TYR A 1143 22.88 33.76 51.30
CA TYR A 1143 22.69 34.97 52.11
C TYR A 1143 23.19 36.20 51.37
N SER A 1144 24.52 36.26 51.14
CA SER A 1144 25.10 37.43 50.49
C SER A 1144 24.63 37.56 49.05
N GLY A 1145 24.45 36.43 48.36
CA GLY A 1145 23.95 36.48 47.00
C GLY A 1145 22.60 37.14 46.90
N THR A 1146 21.68 36.81 47.81
CA THR A 1146 20.36 37.41 47.78
C THR A 1146 20.38 38.84 48.30
N LEU A 1147 21.23 39.14 49.30
CA LEU A 1147 21.51 40.53 49.66
C LEU A 1147 21.80 41.36 48.41
N ASN A 1148 22.81 40.93 47.66
CA ASN A 1148 23.28 41.73 46.52
C ASN A 1148 22.26 41.75 45.40
N LEU A 1149 21.61 40.62 45.13
CA LEU A 1149 20.58 40.59 44.10
C LEU A 1149 19.44 41.56 44.45
N ASP A 1150 18.98 41.52 45.71
CA ASP A 1150 17.92 42.42 46.14
C ASP A 1150 18.35 43.87 46.01
N ARG A 1151 19.57 44.20 46.48
CA ARG A 1151 20.03 45.57 46.41
C ARG A 1151 20.10 46.07 44.98
N VAL A 1152 20.73 45.30 44.10
CA VAL A 1152 20.95 45.79 42.74
C VAL A 1152 19.64 45.81 41.96
N THR A 1153 18.71 44.89 42.27
CA THR A 1153 17.41 44.93 41.62
C THR A 1153 16.60 46.13 42.09
N ARG A 1154 16.73 46.50 43.37
CA ARG A 1154 16.08 47.71 43.85
C ARG A 1154 16.67 48.94 43.18
N GLU A 1155 17.99 48.94 42.95
CA GLU A 1155 18.62 50.11 42.36
C GLU A 1155 18.28 50.25 40.88
N ALA A 1156 18.62 49.24 40.07
CA ALA A 1156 18.58 49.38 38.62
C ALA A 1156 17.83 48.23 37.96
N CYS A 1157 16.65 47.90 38.49
CA CYS A 1157 15.74 46.93 37.84
C CYS A 1157 14.30 47.37 38.09
N PRO A 1158 13.82 48.35 37.33
CA PRO A 1158 12.44 48.82 37.52
C PRO A 1158 11.41 47.88 36.93
N GLU A 1159 11.78 47.12 35.89
CA GLU A 1159 10.85 46.23 35.20
C GLU A 1159 10.94 44.79 35.67
N LEU A 1160 11.43 44.55 36.88
CA LEU A 1160 11.59 43.20 37.40
C LEU A 1160 10.24 42.62 37.78
N ASP A 1161 9.97 41.41 37.31
CA ASP A 1161 8.73 40.71 37.63
C ASP A 1161 8.91 39.52 38.55
N TYR A 1162 10.10 38.93 38.58
CA TYR A 1162 10.36 37.72 39.36
C TYR A 1162 11.63 37.90 40.18
N PHE A 1163 11.54 37.61 41.47
CA PHE A 1163 12.70 37.53 42.36
C PHE A 1163 12.51 36.24 43.15
N VAL A 1164 13.01 35.13 42.62
CA VAL A 1164 12.77 33.81 43.18
C VAL A 1164 14.08 33.28 43.73
N VAL A 1165 14.02 32.65 44.89
CA VAL A 1165 15.16 31.96 45.48
C VAL A 1165 14.71 30.55 45.82
N PHE A 1166 15.63 29.60 45.67
CA PHE A 1166 15.33 28.19 45.95
C PHE A 1166 15.90 27.84 47.32
N SER A 1167 15.02 27.79 48.32
CA SER A 1167 15.36 27.37 49.66
C SER A 1167 15.09 25.87 49.79
N SER A 1168 15.44 25.29 50.93
CA SER A 1168 15.28 23.86 51.16
C SER A 1168 14.19 23.60 52.19
N VAL A 1169 13.62 22.40 52.13
CA VAL A 1169 12.76 21.94 53.21
C VAL A 1169 13.57 21.77 54.49
N SER A 1170 14.89 21.58 54.35
CA SER A 1170 15.76 21.55 55.52
C SER A 1170 15.69 22.86 56.29
N CYS A 1171 15.24 23.93 55.66
CA CYS A 1171 14.99 25.18 56.37
C CYS A 1171 13.71 25.10 57.20
N GLY A 1172 12.63 24.60 56.61
CA GLY A 1172 11.35 24.61 57.30
C GLY A 1172 11.31 23.67 58.49
N ARG A 1173 11.86 22.48 58.35
CA ARG A 1173 11.81 21.46 59.38
C ARG A 1173 13.17 21.21 60.02
N GLY A 1174 14.22 21.08 59.21
CA GLY A 1174 15.54 20.85 59.75
C GLY A 1174 16.14 19.55 59.29
N ASN A 1175 17.45 19.55 59.03
CA ASN A 1175 18.16 18.36 58.60
C ASN A 1175 19.37 18.14 59.48
N ALA A 1176 19.74 16.88 59.65
CA ALA A 1176 20.89 16.54 60.47
C ALA A 1176 22.17 17.01 59.81
N GLY A 1177 22.95 17.82 60.52
CA GLY A 1177 24.22 18.28 60.00
C GLY A 1177 24.12 19.18 58.79
N GLN A 1178 23.16 20.10 58.79
CA GLN A 1178 23.00 21.06 57.70
C GLN A 1178 22.63 22.44 58.25
N SER A 1179 23.25 22.82 59.36
CA SER A 1179 22.87 24.06 60.05
C SER A 1179 23.15 25.29 59.19
N ASN A 1180 24.31 25.32 58.53
CA ASN A 1180 24.65 26.47 57.68
C ASN A 1180 23.72 26.55 56.48
N TYR A 1181 23.35 25.40 55.91
CA TYR A 1181 22.38 25.37 54.82
C TYR A 1181 21.05 25.97 55.25
N GLY A 1182 20.55 25.54 56.41
CA GLY A 1182 19.29 26.08 56.91
C GLY A 1182 19.38 27.56 57.22
N PHE A 1183 20.53 28.00 57.75
CA PHE A 1183 20.69 29.41 58.06
C PHE A 1183 20.66 30.26 56.79
N ALA A 1184 21.39 29.83 55.77
CA ALA A 1184 21.38 30.57 54.50
C ALA A 1184 19.99 30.58 53.87
N ASN A 1185 19.30 29.44 53.93
CA ASN A 1185 17.96 29.37 53.35
C ASN A 1185 16.98 30.27 54.08
N SER A 1186 17.06 30.31 55.42
CA SER A 1186 16.18 31.20 56.18
C SER A 1186 16.50 32.65 55.92
N ALA A 1187 17.79 32.99 55.76
CA ALA A 1187 18.14 34.35 55.39
C ALA A 1187 17.53 34.72 54.04
N MET A 1188 17.59 33.80 53.08
CA MET A 1188 16.96 34.04 51.78
C MET A 1188 15.46 34.26 51.93
N GLU A 1189 14.80 33.44 52.76
CA GLU A 1189 13.36 33.60 52.98
C GLU A 1189 13.04 34.96 53.61
N ARG A 1190 13.83 35.38 54.59
CA ARG A 1190 13.61 36.68 55.22
C ARG A 1190 13.77 37.79 54.19
N ILE A 1191 14.77 37.67 53.32
CA ILE A 1191 14.98 38.67 52.28
C ILE A 1191 13.76 38.76 51.37
N CYS A 1192 13.25 37.60 50.94
CA CYS A 1192 12.11 37.59 50.03
C CYS A 1192 10.87 38.16 50.70
N GLU A 1193 10.67 37.84 51.98
CA GLU A 1193 9.55 38.41 52.71
C GLU A 1193 9.67 39.92 52.82
N LYS A 1194 10.86 40.41 53.12
CA LYS A 1194 11.09 41.86 53.21
C LYS A 1194 10.83 42.53 51.86
N ARG A 1195 11.24 41.88 50.77
CA ARG A 1195 10.99 42.43 49.44
C ARG A 1195 9.50 42.48 49.14
N ARG A 1196 8.77 41.40 49.41
CA ARG A 1196 7.35 41.37 49.11
C ARG A 1196 6.58 42.34 49.98
N HIS A 1197 7.06 42.62 51.20
CA HIS A 1197 6.36 43.54 52.09
C HIS A 1197 6.35 44.95 51.50
N GLU A 1198 7.40 45.33 50.79
CA GLU A 1198 7.46 46.61 50.10
C GLU A 1198 6.79 46.59 48.73
N GLY A 1199 6.15 45.48 48.36
CA GLY A 1199 5.50 45.37 47.07
C GLY A 1199 6.38 44.85 45.96
N LEU A 1200 7.69 44.72 46.20
CA LEU A 1200 8.59 44.19 45.19
C LEU A 1200 8.36 42.69 45.01
N PRO A 1201 8.64 42.15 43.82
CA PRO A 1201 8.50 40.71 43.62
C PRO A 1201 9.42 39.94 44.55
N GLY A 1202 8.92 38.84 45.09
CA GLY A 1202 9.67 38.04 46.03
C GLY A 1202 9.06 36.67 46.22
N LEU A 1203 9.90 35.64 46.24
CA LEU A 1203 9.42 34.27 46.32
C LEU A 1203 10.55 33.39 46.82
N ALA A 1204 10.28 32.59 47.84
CA ALA A 1204 11.23 31.62 48.36
C ALA A 1204 10.56 30.25 48.32
N VAL A 1205 11.06 29.37 47.45
CA VAL A 1205 10.46 28.07 47.25
C VAL A 1205 11.25 27.05 48.05
N GLN A 1206 10.63 26.49 49.09
CA GLN A 1206 11.26 25.45 49.90
C GLN A 1206 11.09 24.10 49.21
N TRP A 1207 12.12 23.70 48.49
CA TRP A 1207 12.08 22.45 47.75
C TRP A 1207 12.45 21.28 48.65
N GLY A 1208 11.68 20.20 48.54
CA GLY A 1208 12.06 18.94 49.14
C GLY A 1208 13.13 18.28 48.31
N ALA A 1209 13.33 16.99 48.55
CA ALA A 1209 14.28 16.22 47.75
C ALA A 1209 13.93 16.34 46.26
N ILE A 1210 14.88 16.80 45.47
CA ILE A 1210 14.67 17.02 44.05
C ILE A 1210 15.15 15.81 43.27
N GLY A 1211 14.34 15.35 42.32
CA GLY A 1211 14.67 14.17 41.55
C GLY A 1211 15.20 14.43 40.16
N ASP A 1212 15.85 13.41 39.60
CA ASP A 1212 16.33 13.34 38.23
C ASP A 1212 17.54 14.23 37.96
N VAL A 1213 17.73 15.28 38.77
CA VAL A 1213 18.83 16.22 38.60
C VAL A 1213 19.17 16.82 39.95
N GLY A 1214 20.33 17.47 40.04
CA GLY A 1214 20.70 18.17 41.25
C GLY A 1214 21.81 17.52 42.05
N ILE A 1215 21.95 17.94 43.30
CA ILE A 1215 23.00 17.45 44.18
C ILE A 1215 22.62 16.13 44.83
N LEU A 1216 21.34 15.93 45.14
CA LEU A 1216 20.91 14.63 45.65
C LEU A 1216 21.01 13.53 44.62
N VAL A 1217 20.82 13.84 43.34
CA VAL A 1217 20.97 12.82 42.30
C VAL A 1217 22.44 12.48 42.07
N GLU A 1218 23.32 13.48 42.08
CA GLU A 1218 24.74 13.23 41.86
C GLU A 1218 25.37 12.55 43.07
N THR A 1219 25.29 13.19 44.24
CA THR A 1219 25.91 12.63 45.44
C THR A 1219 25.20 11.35 45.88
N MET A 1220 23.95 11.47 46.29
CA MET A 1220 23.17 10.32 46.72
C MET A 1220 22.64 9.57 45.50
N SER A 1221 21.66 8.71 45.73
CA SER A 1221 21.04 7.96 44.65
C SER A 1221 19.66 8.53 44.33
N ASP A 1224 15.13 7.33 43.63
CA ASP A 1224 13.90 6.87 44.27
C ASP A 1224 14.17 6.36 45.68
N THR A 1225 15.11 6.98 46.37
CA THR A 1225 15.51 6.58 47.71
C THR A 1225 14.91 7.54 48.73
N ILE A 1226 14.38 6.97 49.81
CA ILE A 1226 13.76 7.77 50.85
C ILE A 1226 14.84 8.58 51.56
N VAL A 1227 14.68 9.90 51.56
CA VAL A 1227 15.62 10.81 52.20
C VAL A 1227 14.84 11.62 53.24
N SER A 1228 15.16 11.41 54.50
CA SER A 1228 14.50 12.11 55.62
C SER A 1228 12.99 11.92 55.57
N GLY A 1229 12.56 10.72 55.14
CA GLY A 1229 11.16 10.39 55.07
C GLY A 1229 10.42 10.91 53.85
N THR A 1230 11.11 11.56 52.91
CA THR A 1230 10.50 12.13 51.73
C THR A 1230 11.18 11.62 50.47
N LEU A 1231 10.36 11.33 49.45
CA LEU A 1231 10.88 10.89 48.18
C LEU A 1231 11.40 12.08 47.37
N PRO A 1232 12.32 11.85 46.45
CA PRO A 1232 12.78 12.95 45.58
C PRO A 1232 11.71 13.31 44.56
N GLN A 1233 11.29 14.57 44.58
CA GLN A 1233 10.26 15.05 43.66
C GLN A 1233 10.82 15.15 42.24
N ARG A 1234 10.08 14.60 41.29
CA ARG A 1234 10.53 14.60 39.90
C ARG A 1234 10.49 15.99 39.31
N MET A 1235 11.27 16.20 38.25
CA MET A 1235 11.31 17.51 37.63
C MET A 1235 9.93 17.95 37.13
N ALA A 1236 9.24 17.07 36.42
CA ALA A 1236 7.94 17.47 35.88
C ALA A 1236 7.06 18.04 36.97
N SER A 1237 6.97 17.32 38.10
CA SER A 1237 6.20 17.81 39.24
C SER A 1237 6.80 19.09 39.80
N CYS A 1238 8.14 19.17 39.85
CA CYS A 1238 8.78 20.37 40.38
C CYS A 1238 8.45 21.59 39.53
N LEU A 1239 8.49 21.45 38.21
CA LEU A 1239 8.21 22.59 37.35
C LEU A 1239 6.73 22.95 37.36
N GLU A 1240 5.85 21.95 37.47
CA GLU A 1240 4.43 22.24 37.64
C GLU A 1240 4.19 23.03 38.93
N VAL A 1241 4.81 22.59 40.03
CA VAL A 1241 4.63 23.26 41.31
C VAL A 1241 5.24 24.66 41.27
N LEU A 1242 6.35 24.83 40.56
CA LEU A 1242 6.95 26.15 40.45
C LEU A 1242 6.07 27.09 39.63
N ASP A 1243 5.48 26.59 38.55
CA ASP A 1243 4.51 27.38 37.81
C ASP A 1243 3.36 27.80 38.71
N LEU A 1244 2.87 26.89 39.54
CA LEU A 1244 1.81 27.24 40.47
C LEU A 1244 2.27 28.28 41.48
N PHE A 1245 3.51 28.15 41.97
CA PHE A 1245 4.00 29.03 43.03
C PHE A 1245 4.25 30.44 42.50
N LEU A 1246 4.69 30.56 41.25
CA LEU A 1246 4.97 31.87 40.67
C LEU A 1246 3.72 32.72 40.51
N ASN A 1247 2.53 32.13 40.63
CA ASN A 1247 1.27 32.85 40.53
C ASN A 1247 0.53 32.90 41.87
N GLN A 1248 1.31 32.99 42.95
CA GLN A 1248 0.72 33.03 44.29
C GLN A 1248 1.12 34.32 45.01
N PRO A 1249 0.38 34.69 46.06
CA PRO A 1249 0.70 35.89 46.83
C PRO A 1249 1.49 35.56 48.08
N HIS A 1250 2.04 34.36 48.17
CA HIS A 1250 2.76 33.94 49.37
C HIS A 1250 4.26 34.16 49.25
N MET A 1251 4.86 34.79 50.25
CA MET A 1251 6.29 35.06 50.21
C MET A 1251 7.09 33.77 50.09
N VAL A 1252 6.75 32.76 50.89
CA VAL A 1252 7.49 31.51 50.96
C VAL A 1252 6.52 30.36 50.84
N LEU A 1253 6.76 29.46 49.90
CA LEU A 1253 6.01 28.22 49.80
C LEU A 1253 6.97 27.05 49.70
N SER A 1254 6.47 25.88 50.05
CA SER A 1254 7.24 24.65 50.12
C SER A 1254 6.56 23.57 49.30
N SER A 1255 7.37 22.64 48.80
CA SER A 1255 6.85 21.52 48.04
C SER A 1255 7.71 20.30 48.35
N PHE A 1256 7.09 19.24 48.85
CA PHE A 1256 7.84 18.01 49.09
C PHE A 1256 6.89 16.82 49.02
N VAL A 1257 7.40 15.72 48.46
CA VAL A 1257 6.64 14.50 48.29
C VAL A 1257 6.95 13.58 49.46
N LEU A 1258 5.92 13.17 50.19
CA LEU A 1258 6.10 12.26 51.32
C LEU A 1258 6.25 10.82 50.83
N ALA A 1259 6.93 10.01 51.62
CA ALA A 1259 7.16 8.61 51.29
C ALA A 1259 6.00 7.74 51.80
N SER B 5 1.11 -28.09 16.08
CA SER B 5 0.46 -26.86 15.59
C SER B 5 0.26 -26.91 14.08
N ALA B 6 1.24 -27.47 13.38
CA ALA B 6 1.14 -27.64 11.93
C ALA B 6 0.26 -28.85 11.63
N ALA B 7 -0.97 -28.59 11.18
CA ALA B 7 -1.87 -29.66 10.78
C ALA B 7 -1.42 -30.23 9.45
N ILE B 8 -1.20 -31.54 9.39
CA ILE B 8 -0.69 -32.19 8.19
C ILE B 8 -1.86 -32.81 7.44
N TYR B 9 -1.89 -32.60 6.13
CA TYR B 9 -2.93 -33.18 5.28
C TYR B 9 -2.21 -33.93 4.17
N ASN B 10 -2.23 -35.26 4.24
CA ASN B 10 -1.62 -36.11 3.24
C ASN B 10 -2.65 -36.39 2.17
N ILE B 11 -2.66 -35.54 1.13
CA ILE B 11 -3.59 -35.67 0.02
C ILE B 11 -3.13 -36.85 -0.83
N ASP B 12 -3.93 -37.91 -0.83
CA ASP B 12 -3.73 -39.08 -1.66
C ASP B 12 -4.89 -39.19 -2.62
N THR B 13 -4.60 -39.26 -3.91
CA THR B 13 -5.62 -39.40 -4.94
C THR B 13 -5.78 -40.84 -5.40
N SER B 14 -5.53 -41.81 -4.53
CA SER B 14 -5.75 -43.21 -4.84
C SER B 14 -7.24 -43.51 -4.84
N SER B 15 -7.60 -44.66 -5.43
CA SER B 15 -9.00 -45.01 -5.58
C SER B 15 -9.69 -45.17 -4.23
N GLU B 16 -9.01 -45.79 -3.26
CA GLU B 16 -9.61 -46.01 -1.95
C GLU B 16 -9.49 -44.80 -1.03
N SER B 17 -8.74 -43.78 -1.45
CA SER B 17 -8.53 -42.62 -0.60
C SER B 17 -9.79 -41.75 -0.56
N PRO B 18 -10.05 -41.08 0.56
CA PRO B 18 -11.20 -40.16 0.62
C PRO B 18 -11.06 -38.96 -0.30
N ASP B 19 -9.84 -38.61 -0.70
CA ASP B 19 -9.60 -37.49 -1.60
C ASP B 19 -9.44 -37.93 -3.05
N HIS B 20 -10.06 -39.05 -3.42
CA HIS B 20 -9.97 -39.51 -4.80
C HIS B 20 -10.68 -38.58 -5.76
N TYR B 21 -11.74 -37.90 -5.32
CA TYR B 21 -12.46 -36.97 -6.18
C TYR B 21 -11.54 -35.91 -6.76
N LEU B 22 -10.42 -35.62 -6.10
CA LEU B 22 -9.50 -34.60 -6.58
C LEU B 22 -8.85 -34.98 -7.91
N VAL B 23 -8.95 -36.24 -8.35
CA VAL B 23 -8.45 -36.58 -9.67
C VAL B 23 -9.28 -35.91 -10.74
N ASP B 24 -10.50 -35.51 -10.40
CA ASP B 24 -11.40 -34.88 -11.36
C ASP B 24 -11.16 -33.39 -11.51
N HIS B 25 -10.28 -32.81 -10.70
CA HIS B 25 -9.88 -31.41 -10.87
C HIS B 25 -8.65 -31.33 -11.78
N THR B 26 -8.88 -31.62 -13.05
CA THR B 26 -7.81 -31.63 -14.04
C THR B 26 -7.85 -30.33 -14.84
N LEU B 27 -6.71 -29.62 -14.85
CA LEU B 27 -6.59 -28.34 -15.53
C LEU B 27 -5.39 -28.42 -16.47
N ASP B 28 -5.67 -28.43 -17.77
CA ASP B 28 -4.65 -28.63 -18.81
C ASP B 28 -3.92 -29.96 -18.61
N GLY B 29 -4.69 -31.03 -18.41
CA GLY B 29 -4.12 -32.35 -18.28
C GLY B 29 -3.38 -32.61 -16.98
N ARG B 30 -3.31 -31.63 -16.08
CA ARG B 30 -2.62 -31.78 -14.81
C ARG B 30 -3.65 -31.79 -13.70
N VAL B 31 -3.57 -32.81 -12.83
CA VAL B 31 -4.41 -32.85 -11.64
C VAL B 31 -3.82 -31.86 -10.65
N LEU B 32 -4.50 -30.74 -10.46
CA LEU B 32 -4.06 -29.69 -9.55
C LEU B 32 -4.92 -29.69 -8.30
N PHE B 33 -4.34 -29.30 -7.19
CA PHE B 33 -5.11 -29.12 -5.97
C PHE B 33 -5.94 -27.84 -6.11
N PRO B 34 -7.27 -27.92 -5.92
CA PRO B 34 -8.09 -26.71 -6.07
C PRO B 34 -7.77 -25.68 -5.00
N ALA B 35 -7.95 -24.41 -5.36
CA ALA B 35 -7.85 -23.35 -4.37
C ALA B 35 -8.85 -23.55 -3.25
N THR B 36 -10.05 -24.00 -3.60
CA THR B 36 -11.05 -24.35 -2.61
C THR B 36 -10.65 -25.57 -1.79
N GLY B 37 -9.77 -26.40 -2.33
CA GLY B 37 -9.17 -27.44 -1.51
C GLY B 37 -8.35 -26.87 -0.38
N TYR B 38 -7.54 -25.85 -0.68
CA TYR B 38 -6.82 -25.14 0.37
C TYR B 38 -7.77 -24.47 1.35
N LEU B 39 -8.86 -23.89 0.83
CA LEU B 39 -9.84 -23.30 1.73
C LEU B 39 -10.41 -24.32 2.70
N SER B 40 -10.80 -25.49 2.18
CA SER B 40 -11.36 -26.52 3.04
C SER B 40 -10.32 -27.04 4.03
N ILE B 41 -9.06 -27.13 3.60
CA ILE B 41 -8.00 -27.63 4.47
C ILE B 41 -7.71 -26.66 5.61
N VAL B 42 -7.59 -25.36 5.28
CA VAL B 42 -7.41 -24.35 6.32
C VAL B 42 -8.63 -24.28 7.22
N TRP B 43 -9.82 -24.47 6.65
CA TRP B 43 -11.05 -24.50 7.43
C TRP B 43 -11.02 -25.65 8.44
N LYS B 44 -10.58 -26.83 8.00
CA LYS B 44 -10.47 -27.96 8.90
C LYS B 44 -9.44 -27.71 10.00
N THR B 45 -8.31 -27.08 9.63
CA THR B 45 -7.31 -26.74 10.64
C THR B 45 -7.87 -25.77 11.67
N LEU B 46 -8.59 -24.75 11.22
CA LEU B 46 -9.17 -23.78 12.14
C LEU B 46 -10.25 -24.42 13.01
N ALA B 47 -10.97 -25.39 12.47
CA ALA B 47 -12.02 -26.04 13.24
C ALA B 47 -11.44 -26.96 14.31
N ARG B 48 -10.37 -27.70 13.97
CA ARG B 48 -9.66 -28.46 14.99
C ARG B 48 -9.04 -27.55 16.04
N ALA B 49 -8.49 -26.42 15.62
CA ALA B 49 -7.88 -25.49 16.57
C ALA B 49 -8.92 -24.96 17.56
N LEU B 50 -10.12 -24.65 17.08
CA LEU B 50 -11.21 -24.22 17.95
C LEU B 50 -12.01 -25.39 18.51
N GLY B 51 -11.60 -26.62 18.23
CA GLY B 51 -12.28 -27.79 18.74
C GLY B 51 -13.68 -27.99 18.19
N LEU B 52 -13.91 -27.61 16.94
CA LEU B 52 -15.21 -27.72 16.30
C LEU B 52 -15.07 -28.49 14.99
N GLY B 53 -16.21 -28.71 14.34
CA GLY B 53 -16.23 -29.23 12.99
C GLY B 53 -16.41 -28.10 11.99
N VAL B 54 -16.06 -28.37 10.74
CA VAL B 54 -16.19 -27.35 9.71
C VAL B 54 -17.65 -26.96 9.53
N GLU B 55 -18.56 -27.92 9.60
CA GLU B 55 -19.98 -27.64 9.46
C GLU B 55 -20.52 -26.80 10.60
N GLN B 56 -19.82 -26.76 11.74
CA GLN B 56 -20.21 -25.93 12.87
C GLN B 56 -19.35 -24.68 12.98
N LEU B 57 -18.46 -24.44 12.02
CA LEU B 57 -17.55 -23.30 12.06
C LEU B 57 -17.77 -22.41 10.84
N PRO B 58 -18.60 -21.38 10.97
CA PRO B 58 -18.62 -20.33 9.95
C PRO B 58 -17.28 -19.62 9.92
N VAL B 59 -16.75 -19.44 8.71
CA VAL B 59 -15.36 -19.05 8.53
C VAL B 59 -15.27 -17.88 7.55
N VAL B 60 -14.23 -17.07 7.73
CA VAL B 60 -13.93 -15.96 6.85
C VAL B 60 -12.47 -16.07 6.45
N PHE B 61 -12.23 -16.14 5.15
CA PHE B 61 -10.91 -16.01 4.56
C PHE B 61 -10.78 -14.61 4.00
N GLU B 62 -9.60 -14.03 4.13
CA GLU B 62 -9.35 -12.67 3.64
C GLU B 62 -7.97 -12.60 3.02
N ASP B 63 -7.87 -11.85 1.93
CA ASP B 63 -6.59 -11.61 1.27
C ASP B 63 -5.88 -12.92 0.97
N VAL B 64 -6.64 -13.92 0.55
CA VAL B 64 -6.07 -15.23 0.23
C VAL B 64 -5.21 -15.09 -1.02
N VAL B 65 -3.94 -15.45 -0.89
CA VAL B 65 -3.00 -15.40 -2.00
C VAL B 65 -2.53 -16.82 -2.27
N LEU B 66 -2.67 -17.26 -3.52
CA LEU B 66 -2.22 -18.58 -3.95
C LEU B 66 -0.90 -18.41 -4.66
N HIS B 67 0.19 -18.79 -3.99
CA HIS B 67 1.53 -18.50 -4.48
C HIS B 67 2.02 -19.53 -5.48
N GLN B 68 1.55 -20.77 -5.41
CA GLN B 68 1.96 -21.79 -6.35
C GLN B 68 0.88 -22.85 -6.43
N ALA B 69 0.95 -23.65 -7.48
CA ALA B 69 0.00 -24.72 -7.73
C ALA B 69 0.56 -26.03 -7.19
N THR B 70 -0.28 -26.80 -6.53
CA THR B 70 0.10 -28.14 -6.07
C THR B 70 -0.40 -29.17 -7.09
N ILE B 71 0.53 -29.89 -7.69
CA ILE B 71 0.19 -30.98 -8.60
C ILE B 71 0.02 -32.25 -7.78
N LEU B 72 -1.12 -32.91 -7.94
CA LEU B 72 -1.37 -34.16 -7.26
C LEU B 72 -0.90 -35.30 -8.16
N PRO B 73 0.16 -36.03 -7.78
CA PRO B 73 0.67 -37.08 -8.67
C PRO B 73 -0.28 -38.26 -8.73
N LYS B 74 -0.23 -38.99 -9.84
CA LYS B 74 -1.06 -40.17 -9.99
C LYS B 74 -0.72 -41.21 -8.93
N THR B 75 0.57 -41.45 -8.71
CA THR B 75 1.05 -42.34 -7.67
C THR B 75 1.83 -41.52 -6.65
N GLY B 76 1.48 -41.67 -5.38
CA GLY B 76 2.13 -40.94 -4.31
C GLY B 76 1.13 -40.22 -3.43
N THR B 77 1.65 -39.27 -2.67
CA THR B 77 0.86 -38.47 -1.74
C THR B 77 1.56 -37.13 -1.55
N VAL B 78 0.78 -36.06 -1.58
CA VAL B 78 1.30 -34.71 -1.39
C VAL B 78 0.94 -34.26 0.02
N SER B 79 1.93 -33.82 0.78
CA SER B 79 1.72 -33.39 2.16
C SER B 79 1.60 -31.88 2.20
N LEU B 80 0.45 -31.38 2.65
CA LEU B 80 0.22 -29.96 2.81
C LEU B 80 0.14 -29.64 4.29
N GLU B 81 0.99 -28.74 4.75
CA GLU B 81 1.03 -28.33 6.15
C GLU B 81 0.29 -27.01 6.30
N VAL B 82 -0.65 -26.95 7.22
CA VAL B 82 -1.36 -25.72 7.52
C VAL B 82 -0.98 -25.27 8.92
N ARG B 83 -0.40 -24.08 9.01
CA ARG B 83 -0.07 -23.45 10.28
C ARG B 83 -0.94 -22.22 10.46
N LEU B 84 -1.40 -22.02 11.68
CA LEU B 84 -2.32 -20.94 12.02
C LEU B 84 -1.66 -19.98 13.00
N LEU B 85 -1.84 -18.68 12.75
CA LEU B 85 -1.46 -17.64 13.67
C LEU B 85 -2.77 -17.02 14.14
N GLU B 86 -3.34 -17.60 15.20
CA GLU B 86 -4.66 -17.19 15.65
C GLU B 86 -4.65 -15.76 16.16
N ALA B 87 -3.55 -15.33 16.79
CA ALA B 87 -3.47 -13.96 17.30
C ALA B 87 -3.52 -12.95 16.17
N SER B 88 -2.80 -13.21 15.07
CA SER B 88 -2.83 -12.35 13.90
C SER B 88 -3.84 -12.80 12.86
N ARG B 89 -4.62 -13.83 13.16
CA ARG B 89 -5.71 -14.32 12.30
C ARG B 89 -5.21 -14.83 10.97
N ALA B 90 -3.94 -15.17 10.87
CA ALA B 90 -3.33 -15.58 9.61
C ALA B 90 -3.28 -17.09 9.49
N PHE B 91 -3.10 -17.56 8.27
CA PHE B 91 -2.84 -18.97 8.02
C PHE B 91 -1.74 -19.08 6.98
N GLU B 92 -1.17 -20.27 6.87
CA GLU B 92 -0.14 -20.54 5.89
C GLU B 92 -0.20 -22.01 5.51
N VAL B 93 -0.47 -22.28 4.25
CA VAL B 93 -0.39 -23.61 3.66
C VAL B 93 0.94 -23.70 2.94
N SER B 94 1.74 -24.68 3.32
CA SER B 94 3.05 -24.90 2.73
C SER B 94 3.16 -26.35 2.26
N GLU B 95 4.03 -26.59 1.30
CA GLU B 95 4.32 -27.93 0.81
C GLU B 95 5.83 -28.07 0.71
N ASN B 96 6.40 -28.95 1.54
CA ASN B 96 7.85 -29.15 1.61
C ASN B 96 8.57 -27.84 1.93
N GLY B 97 7.97 -27.05 2.81
CA GLY B 97 8.56 -25.80 3.24
C GLY B 97 8.35 -24.63 2.30
N ASN B 98 7.65 -24.83 1.19
CA ASN B 98 7.38 -23.77 0.23
C ASN B 98 5.99 -23.22 0.47
N LEU B 99 5.90 -21.90 0.60
CA LEU B 99 4.62 -21.25 0.83
C LEU B 99 3.71 -21.48 -0.38
N VAL B 100 2.58 -22.13 -0.14
CA VAL B 100 1.59 -22.39 -1.17
C VAL B 100 0.45 -21.39 -1.12
N VAL B 101 -0.16 -21.21 0.05
CA VAL B 101 -1.28 -20.31 0.24
C VAL B 101 -1.04 -19.48 1.49
N SER B 102 -1.35 -18.20 1.42
CA SER B 102 -1.32 -17.33 2.57
C SER B 102 -2.62 -16.56 2.64
N GLY B 103 -2.86 -15.92 3.77
CA GLY B 103 -4.05 -15.13 3.94
C GLY B 103 -4.47 -15.12 5.40
N LYS B 104 -5.64 -14.58 5.63
CA LYS B 104 -6.24 -14.50 6.95
C LYS B 104 -7.41 -15.47 7.01
N VAL B 105 -7.51 -16.21 8.10
CA VAL B 105 -8.65 -17.07 8.33
C VAL B 105 -9.11 -16.87 9.77
N TYR B 106 -10.41 -16.74 9.95
CA TYR B 106 -10.92 -16.61 11.32
C TYR B 106 -12.38 -17.01 11.35
N GLN B 107 -12.81 -17.44 12.53
CA GLN B 107 -14.22 -17.77 12.70
C GLN B 107 -15.09 -16.53 12.48
N TRP B 108 -16.12 -16.69 11.68
CA TRP B 108 -17.12 -15.64 11.48
C TRP B 108 -17.96 -15.56 12.76
N ASP B 109 -17.72 -14.51 13.55
CA ASP B 109 -18.32 -14.44 14.88
C ASP B 109 -19.82 -14.18 14.79
N ASP B 110 -20.24 -13.23 13.95
CA ASP B 110 -21.65 -12.89 13.77
C ASP B 110 -22.00 -13.12 12.31
N PRO B 111 -22.28 -14.36 11.93
CA PRO B 111 -22.52 -14.67 10.51
C PRO B 111 -23.83 -14.04 10.05
N ASP B 112 -23.75 -13.30 8.94
CA ASP B 112 -24.91 -12.60 8.40
C ASP B 112 -25.45 -13.39 7.22
N PRO B 113 -26.63 -14.02 7.34
CA PRO B 113 -27.26 -14.63 6.16
C PRO B 113 -27.59 -13.62 5.07
N ARG B 114 -27.84 -12.36 5.42
CA ARG B 114 -28.12 -11.34 4.42
C ARG B 114 -26.94 -11.11 3.49
N LEU B 115 -25.73 -11.50 3.88
CA LEU B 115 -24.60 -11.46 2.95
C LEU B 115 -24.83 -12.41 1.79
N PHE B 116 -25.38 -13.60 2.06
CA PHE B 116 -25.60 -14.57 1.01
C PHE B 116 -26.95 -14.35 0.36
N ASP B 117 -27.21 -13.12 -0.05
CA ASP B 117 -28.38 -12.76 -0.84
C ASP B 117 -27.93 -12.46 -2.25
N HIS B 118 -28.60 -13.03 -3.23
CA HIS B 118 -28.18 -12.90 -4.61
C HIS B 118 -28.32 -11.47 -5.09
N PRO B 119 -27.25 -10.83 -5.56
CA PRO B 119 -27.38 -9.47 -6.09
C PRO B 119 -28.20 -9.48 -7.38
N GLU B 120 -28.91 -8.37 -7.60
CA GLU B 120 -29.71 -8.25 -8.80
C GLU B 120 -28.81 -8.13 -10.03
N SER B 121 -29.31 -8.61 -11.16
CA SER B 121 -28.55 -8.52 -12.39
C SER B 121 -28.64 -7.11 -12.96
N PRO B 122 -27.57 -6.61 -13.59
CA PRO B 122 -27.65 -5.28 -14.22
C PRO B 122 -28.69 -5.18 -15.31
N THR B 123 -28.95 -6.27 -16.03
CA THR B 123 -29.97 -6.29 -17.06
C THR B 123 -30.76 -7.60 -16.98
N PRO B 124 -32.06 -7.55 -17.25
CA PRO B 124 -32.85 -8.78 -17.23
C PRO B 124 -32.45 -9.71 -18.36
N ASN B 125 -32.61 -11.01 -18.12
CA ASN B 125 -32.27 -12.02 -19.11
C ASN B 125 -33.46 -12.25 -20.04
N PRO B 126 -33.36 -11.93 -21.33
CA PRO B 126 -34.49 -12.20 -22.22
C PRO B 126 -34.63 -13.67 -22.57
N THR B 127 -33.51 -14.36 -22.84
CA THR B 127 -33.55 -15.76 -23.24
C THR B 127 -33.57 -16.66 -22.01
N GLU B 128 -34.69 -16.60 -21.29
CA GLU B 128 -34.91 -17.52 -20.17
C GLU B 128 -34.93 -18.98 -20.61
N PRO B 129 -35.64 -19.37 -21.68
CA PRO B 129 -35.59 -20.78 -22.09
C PRO B 129 -34.22 -21.22 -22.56
N LEU B 130 -33.39 -20.29 -23.04
CA LEU B 130 -32.06 -20.62 -23.54
C LEU B 130 -31.06 -20.47 -22.40
N PHE B 131 -30.61 -21.59 -21.86
CA PHE B 131 -29.57 -21.64 -20.85
C PHE B 131 -28.50 -22.63 -21.26
N LEU B 132 -27.44 -22.73 -20.46
CA LEU B 132 -26.36 -23.67 -20.69
C LEU B 132 -26.57 -24.89 -19.80
N ALA B 133 -26.77 -26.05 -20.41
CA ALA B 133 -26.85 -27.28 -19.65
C ALA B 133 -25.46 -27.67 -19.14
N GLN B 134 -25.44 -28.64 -18.24
CA GLN B 134 -24.18 -29.06 -17.62
C GLN B 134 -23.18 -29.54 -18.66
N ALA B 135 -23.63 -30.38 -19.60
CA ALA B 135 -22.75 -30.83 -20.67
C ALA B 135 -22.23 -29.65 -21.48
N GLU B 136 -23.09 -28.66 -21.75
CA GLU B 136 -22.67 -27.50 -22.50
C GLU B 136 -21.68 -26.66 -21.72
N VAL B 137 -21.95 -26.45 -20.43
CA VAL B 137 -21.06 -25.67 -19.58
C VAL B 137 -19.67 -26.28 -19.59
N TYR B 138 -19.59 -27.60 -19.42
CA TYR B 138 -18.28 -28.21 -19.29
C TYR B 138 -17.63 -28.48 -20.64
N LYS B 139 -18.40 -28.55 -21.72
CA LYS B 139 -17.82 -28.51 -23.06
C LYS B 139 -17.15 -27.17 -23.32
N GLU B 140 -17.81 -26.07 -22.95
CA GLU B 140 -17.20 -24.75 -23.11
C GLU B 140 -15.97 -24.62 -22.23
N LEU B 141 -16.04 -25.09 -20.98
CA LEU B 141 -14.91 -25.00 -20.08
C LEU B 141 -13.73 -25.83 -20.57
N ARG B 142 -13.97 -27.04 -21.04
CA ARG B 142 -12.89 -27.87 -21.56
C ARG B 142 -12.33 -27.29 -22.85
N LEU B 143 -13.15 -26.55 -23.59
CA LEU B 143 -12.61 -25.77 -24.70
C LEU B 143 -11.66 -24.69 -24.19
N ARG B 144 -12.00 -24.05 -23.07
CA ARG B 144 -11.09 -23.09 -22.48
C ARG B 144 -9.88 -23.74 -21.81
N GLY B 145 -9.91 -25.04 -21.58
CA GLY B 145 -8.81 -25.75 -20.97
C GLY B 145 -9.05 -26.30 -19.57
N TYR B 146 -10.31 -26.51 -19.17
CA TYR B 146 -10.65 -27.01 -17.84
C TYR B 146 -11.23 -28.41 -17.99
N ASP B 147 -10.39 -29.43 -17.84
CA ASP B 147 -10.84 -30.81 -18.06
C ASP B 147 -11.40 -31.38 -16.76
N TYR B 148 -12.48 -30.75 -16.30
CA TYR B 148 -13.10 -31.15 -15.06
C TYR B 148 -13.76 -32.52 -15.19
N GLY B 149 -13.48 -33.40 -14.25
CA GLY B 149 -14.10 -34.70 -14.21
C GLY B 149 -15.46 -34.63 -13.54
N PRO B 150 -16.14 -35.78 -13.44
CA PRO B 150 -17.51 -35.76 -12.92
C PRO B 150 -17.66 -35.20 -11.53
N HIS B 151 -16.66 -35.37 -10.65
CA HIS B 151 -16.79 -34.87 -9.29
C HIS B 151 -16.78 -33.35 -9.25
N PHE B 152 -16.07 -32.69 -10.16
CA PHE B 152 -16.02 -31.24 -10.23
C PHE B 152 -16.92 -30.68 -11.31
N GLN B 153 -17.82 -31.49 -11.86
CA GLN B 153 -18.80 -31.02 -12.84
C GLN B 153 -20.13 -30.76 -12.14
N GLY B 154 -20.12 -29.72 -11.32
CA GLY B 154 -21.24 -29.44 -10.44
C GLY B 154 -22.18 -28.34 -10.92
N ILE B 155 -21.90 -27.76 -12.08
CA ILE B 155 -22.76 -26.73 -12.66
C ILE B 155 -23.79 -27.44 -13.52
N LEU B 156 -25.03 -27.55 -13.04
CA LEU B 156 -26.08 -28.14 -13.87
C LEU B 156 -26.61 -27.14 -14.88
N GLU B 157 -26.95 -25.95 -14.43
CA GLU B 157 -27.54 -24.92 -15.27
C GLU B 157 -26.71 -23.66 -15.14
N ALA B 158 -26.55 -22.96 -16.27
CA ALA B 158 -25.94 -21.65 -16.27
C ALA B 158 -26.61 -20.81 -17.33
N SER B 159 -26.82 -19.54 -17.02
CA SER B 159 -27.34 -18.61 -18.02
C SER B 159 -26.30 -18.35 -19.09
N LEU B 160 -26.75 -17.87 -20.25
CA LEU B 160 -25.84 -17.61 -21.35
C LEU B 160 -24.80 -16.57 -20.98
N GLU B 161 -25.21 -15.54 -20.23
CA GLU B 161 -24.26 -14.52 -19.79
C GLU B 161 -23.27 -15.08 -18.78
N GLY B 162 -23.57 -16.21 -18.15
CA GLY B 162 -22.69 -16.78 -17.15
C GLY B 162 -22.77 -16.14 -15.80
N ASP B 163 -23.81 -15.35 -15.53
CA ASP B 163 -23.96 -14.62 -14.28
C ASP B 163 -24.90 -15.32 -13.30
N SER B 164 -25.48 -16.45 -13.68
CA SER B 164 -26.40 -17.15 -12.80
C SER B 164 -26.47 -18.61 -13.21
N GLY B 165 -26.88 -19.44 -12.26
CA GLY B 165 -27.02 -20.86 -12.54
C GLY B 165 -27.30 -21.62 -11.27
N ARG B 166 -27.06 -22.92 -11.32
CA ARG B 166 -27.24 -23.78 -10.16
C ARG B 166 -26.08 -24.75 -10.04
N LEU B 167 -25.74 -25.08 -8.79
CA LEU B 167 -24.58 -25.88 -8.44
C LEU B 167 -25.04 -27.06 -7.59
N LEU B 168 -24.70 -28.27 -8.01
CA LEU B 168 -25.08 -29.46 -7.26
C LEU B 168 -24.23 -29.59 -6.01
N TRP B 169 -24.87 -29.98 -4.92
CA TRP B 169 -24.20 -30.17 -3.64
C TRP B 169 -23.99 -31.66 -3.39
N LYS B 170 -22.73 -32.10 -3.44
CA LYS B 170 -22.36 -33.49 -3.21
C LYS B 170 -21.77 -33.68 -1.81
N ASP B 171 -22.22 -32.88 -0.84
CA ASP B 171 -21.66 -32.89 0.52
C ASP B 171 -20.16 -32.63 0.50
N ASN B 172 -19.71 -31.83 -0.47
CA ASN B 172 -18.28 -31.58 -0.69
C ASN B 172 -18.09 -30.08 -0.85
N TRP B 173 -17.34 -29.48 0.07
CA TRP B 173 -17.10 -28.04 0.02
C TRP B 173 -16.11 -27.67 -1.08
N VAL B 174 -15.08 -28.50 -1.27
CA VAL B 174 -14.07 -28.23 -2.30
C VAL B 174 -14.74 -28.16 -3.67
N SER B 175 -15.55 -29.16 -4.00
CA SER B 175 -16.19 -29.20 -5.30
C SER B 175 -17.17 -28.06 -5.47
N PHE B 176 -17.96 -27.77 -4.44
CA PHE B 176 -18.96 -26.72 -4.55
C PHE B 176 -18.32 -25.36 -4.77
N MET B 177 -17.27 -25.04 -4.00
CA MET B 177 -16.62 -23.75 -4.17
C MET B 177 -15.81 -23.71 -5.47
N ASP B 178 -15.31 -24.85 -5.92
CA ASP B 178 -14.66 -24.87 -7.24
C ASP B 178 -15.65 -24.61 -8.35
N THR B 179 -16.87 -25.15 -8.25
CA THR B 179 -17.87 -24.86 -9.25
C THR B 179 -18.35 -23.41 -9.16
N MET B 180 -18.32 -22.84 -7.96
CA MET B 180 -18.47 -21.40 -7.81
C MET B 180 -17.46 -20.65 -8.65
N LEU B 181 -16.19 -21.02 -8.55
CA LEU B 181 -15.15 -20.38 -9.35
C LEU B 181 -15.35 -20.64 -10.83
N GLN B 182 -15.79 -21.85 -11.19
CA GLN B 182 -16.03 -22.17 -12.59
C GLN B 182 -17.13 -21.29 -13.17
N MET B 183 -18.21 -21.11 -12.43
CA MET B 183 -19.29 -20.23 -12.90
C MET B 183 -18.83 -18.78 -12.94
N SER B 184 -17.93 -18.40 -12.03
CA SER B 184 -17.36 -17.05 -12.07
C SER B 184 -16.55 -16.82 -13.34
N ILE B 185 -15.77 -17.83 -13.77
CA ILE B 185 -14.95 -17.68 -14.97
C ILE B 185 -15.68 -18.12 -16.24
N LEU B 186 -16.93 -18.57 -16.12
CA LEU B 186 -17.67 -19.02 -17.31
C LEU B 186 -18.12 -17.85 -18.17
N GLY B 187 -18.59 -16.77 -17.53
CA GLY B 187 -19.04 -15.62 -18.28
C GLY B 187 -17.93 -14.63 -18.57
N SER B 188 -16.73 -15.15 -18.79
CA SER B 188 -15.53 -14.34 -19.00
C SER B 188 -15.29 -14.14 -20.49
N ALA B 189 -15.07 -12.89 -20.88
CA ALA B 189 -14.70 -12.62 -22.27
C ALA B 189 -13.31 -13.14 -22.58
N LYS B 190 -12.41 -13.12 -21.60
CA LYS B 190 -11.07 -13.65 -21.80
C LYS B 190 -11.12 -15.15 -22.03
N HIS B 191 -10.29 -15.61 -22.97
CA HIS B 191 -10.19 -17.03 -23.30
C HIS B 191 -8.88 -17.57 -22.74
N GLY B 192 -8.85 -18.86 -22.46
CA GLY B 192 -7.69 -19.52 -21.92
C GLY B 192 -7.94 -20.02 -20.52
N LEU B 193 -6.88 -20.59 -19.94
CA LEU B 193 -6.94 -21.20 -18.62
C LEU B 193 -6.62 -20.13 -17.57
N TYR B 194 -7.65 -19.68 -16.87
CA TYR B 194 -7.50 -18.66 -15.83
C TYR B 194 -7.60 -19.32 -14.47
N LEU B 195 -6.56 -19.15 -13.65
CA LEU B 195 -6.50 -19.78 -12.36
C LEU B 195 -6.56 -18.73 -11.25
N PRO B 196 -7.24 -19.02 -10.15
CA PRO B 196 -7.26 -18.07 -9.03
C PRO B 196 -5.88 -17.89 -8.42
N THR B 197 -5.53 -16.63 -8.15
CA THR B 197 -4.27 -16.33 -7.49
C THR B 197 -4.54 -15.55 -6.22
N ARG B 198 -5.60 -14.74 -6.24
CA ARG B 198 -5.99 -13.95 -5.09
C ARG B 198 -7.49 -13.99 -4.94
N VAL B 199 -7.96 -14.00 -3.70
CA VAL B 199 -9.36 -13.74 -3.38
C VAL B 199 -9.38 -12.75 -2.22
N THR B 200 -10.15 -11.67 -2.38
CA THR B 200 -10.20 -10.65 -1.34
C THR B 200 -10.89 -11.17 -0.08
N ALA B 201 -12.04 -11.81 -0.25
CA ALA B 201 -12.77 -12.30 0.91
C ALA B 201 -13.60 -13.51 0.51
N ILE B 202 -13.70 -14.47 1.42
CA ILE B 202 -14.55 -15.64 1.27
C ILE B 202 -15.26 -15.87 2.60
N HIS B 203 -16.57 -15.75 2.59
CA HIS B 203 -17.39 -16.02 3.77
C HIS B 203 -18.13 -17.32 3.55
N ILE B 204 -17.90 -18.30 4.41
CA ILE B 204 -18.63 -19.55 4.38
C ILE B 204 -19.39 -19.67 5.68
N ASP B 205 -20.72 -19.67 5.59
CA ASP B 205 -21.59 -19.92 6.74
C ASP B 205 -22.36 -21.19 6.46
N PRO B 206 -21.88 -22.34 6.93
CA PRO B 206 -22.59 -23.60 6.63
C PRO B 206 -24.01 -23.64 7.14
N ALA B 207 -24.34 -22.86 8.16
CA ALA B 207 -25.70 -22.84 8.69
C ALA B 207 -26.69 -22.36 7.63
N THR B 208 -26.43 -21.21 7.02
CA THR B 208 -27.27 -20.75 5.93
C THR B 208 -27.02 -21.50 4.64
N HIS B 209 -25.87 -22.15 4.50
CA HIS B 209 -25.66 -23.02 3.34
C HIS B 209 -26.64 -24.18 3.34
N ARG B 210 -26.89 -24.77 4.51
CA ARG B 210 -27.88 -25.85 4.59
C ARG B 210 -29.27 -25.34 4.23
N GLN B 211 -29.59 -24.09 4.60
CA GLN B 211 -30.90 -23.55 4.29
C GLN B 211 -31.05 -23.21 2.82
N LYS B 212 -29.96 -22.76 2.18
CA LYS B 212 -30.05 -22.34 0.79
C LYS B 212 -30.15 -23.52 -0.16
N LEU B 213 -29.65 -24.67 0.24
CA LEU B 213 -29.72 -25.85 -0.61
C LEU B 213 -31.16 -26.32 -0.75
N TYR B 214 -31.54 -26.70 -1.97
CA TYR B 214 -32.87 -27.23 -2.21
C TYR B 214 -32.79 -28.43 -3.12
N THR B 215 -33.82 -29.26 -3.06
CA THR B 215 -33.87 -30.54 -3.76
C THR B 215 -34.72 -30.41 -5.01
N LEU B 216 -34.21 -30.90 -6.13
CA LEU B 216 -34.96 -30.90 -7.38
C LEU B 216 -35.77 -32.18 -7.50
N GLN B 217 -36.41 -32.38 -8.66
CA GLN B 217 -37.13 -33.62 -8.90
C GLN B 217 -36.19 -34.81 -9.03
N ASP B 218 -34.90 -34.57 -9.28
CA ASP B 218 -33.90 -35.61 -9.40
C ASP B 218 -33.42 -36.07 -8.01
N LYS B 219 -33.94 -35.45 -6.95
CA LYS B 219 -33.53 -35.73 -5.56
C LYS B 219 -32.06 -35.40 -5.33
N ALA B 220 -31.56 -34.41 -6.06
CA ALA B 220 -30.19 -33.95 -5.92
C ALA B 220 -30.20 -32.56 -5.29
N GLN B 221 -29.42 -32.38 -4.24
CA GLN B 221 -29.34 -31.09 -3.56
C GLN B 221 -28.59 -30.10 -4.44
N VAL B 222 -29.17 -28.91 -4.61
CA VAL B 222 -28.62 -27.91 -5.51
C VAL B 222 -28.77 -26.55 -4.84
N ALA B 223 -27.98 -25.59 -5.32
CA ALA B 223 -27.98 -24.24 -4.79
C ALA B 223 -27.82 -23.23 -5.93
N ASP B 224 -28.56 -22.14 -5.86
CA ASP B 224 -28.45 -21.11 -6.89
C ASP B 224 -27.17 -20.32 -6.72
N VAL B 225 -26.47 -20.11 -7.83
CA VAL B 225 -25.23 -19.35 -7.86
C VAL B 225 -25.45 -18.12 -8.72
N VAL B 226 -24.92 -16.99 -8.26
CA VAL B 226 -24.99 -15.72 -8.99
C VAL B 226 -23.61 -15.09 -9.00
N VAL B 227 -23.17 -14.68 -10.19
CA VAL B 227 -21.91 -13.98 -10.38
C VAL B 227 -22.23 -12.55 -10.78
N SER B 228 -21.68 -11.59 -10.04
CA SER B 228 -21.84 -10.17 -10.33
C SER B 228 -20.46 -9.62 -10.62
N ARG B 229 -20.20 -9.30 -11.88
CA ARG B 229 -18.94 -8.68 -12.27
C ARG B 229 -18.89 -7.20 -11.89
N TRP B 230 -20.04 -6.56 -11.72
CA TRP B 230 -20.04 -5.18 -11.23
C TRP B 230 -19.59 -5.12 -9.78
N LEU B 231 -20.10 -6.02 -8.95
CA LEU B 231 -19.74 -6.09 -7.54
C LEU B 231 -18.57 -7.01 -7.28
N ARG B 232 -18.06 -7.70 -8.30
CA ARG B 232 -16.99 -8.69 -8.16
C ARG B 232 -17.32 -9.68 -7.05
N VAL B 233 -18.48 -10.32 -7.15
CA VAL B 233 -18.98 -11.17 -6.07
C VAL B 233 -19.71 -12.38 -6.65
N THR B 234 -19.37 -13.55 -6.14
CA THR B 234 -20.04 -14.79 -6.50
C THR B 234 -20.67 -15.37 -5.24
N VAL B 235 -21.97 -15.57 -5.26
CA VAL B 235 -22.70 -16.10 -4.10
C VAL B 235 -23.39 -17.39 -4.49
N ALA B 236 -23.26 -18.41 -3.65
CA ALA B 236 -23.98 -19.67 -3.87
C ALA B 236 -24.09 -20.38 -2.54
N GLY B 237 -25.30 -20.81 -2.19
CA GLY B 237 -25.50 -21.47 -0.92
C GLY B 237 -25.09 -20.54 0.21
N GLY B 238 -24.21 -21.06 1.07
CA GLY B 238 -23.66 -20.26 2.14
C GLY B 238 -22.21 -19.94 1.91
N VAL B 239 -21.85 -19.71 0.65
CA VAL B 239 -20.50 -19.30 0.27
C VAL B 239 -20.58 -17.99 -0.50
N HIS B 240 -19.72 -17.05 -0.14
CA HIS B 240 -19.65 -15.72 -0.74
C HIS B 240 -18.18 -15.46 -1.07
N ILE B 241 -17.87 -15.21 -2.33
CA ILE B 241 -16.52 -15.01 -2.79
C ILE B 241 -16.44 -13.64 -3.44
N SER B 242 -15.74 -12.71 -2.79
CA SER B 242 -15.59 -11.35 -3.28
C SER B 242 -14.14 -11.10 -3.63
N GLY B 243 -13.92 -10.38 -4.73
CA GLY B 243 -12.57 -10.02 -5.13
C GLY B 243 -11.74 -11.18 -5.61
N LEU B 244 -12.35 -12.15 -6.27
CA LEU B 244 -11.60 -13.24 -6.87
C LEU B 244 -10.79 -12.71 -8.04
N HIS B 245 -9.48 -12.93 -7.99
CA HIS B 245 -8.57 -12.52 -9.04
C HIS B 245 -7.97 -13.76 -9.66
N THR B 246 -8.07 -13.86 -10.98
CA THR B 246 -7.54 -14.99 -11.73
C THR B 246 -6.54 -14.47 -12.75
N GLU B 247 -5.45 -15.20 -12.93
CA GLU B 247 -4.49 -14.91 -13.99
C GLU B 247 -4.42 -16.08 -14.95
N SER B 248 -4.16 -15.78 -16.22
CA SER B 248 -4.13 -16.82 -17.25
C SER B 248 -2.87 -17.65 -17.09
N ALA B 249 -3.05 -18.92 -16.74
CA ALA B 249 -1.93 -19.83 -16.70
C ALA B 249 -1.54 -20.23 -18.12
N PRO B 250 -0.28 -20.05 -18.52
CA PRO B 250 0.11 -20.43 -19.88
C PRO B 250 -0.05 -21.93 -20.09
N ARG B 251 -0.79 -22.29 -21.13
CA ARG B 251 -1.04 -23.69 -21.41
C ARG B 251 0.25 -24.41 -21.76
N ARG B 252 0.45 -25.58 -21.17
CA ARG B 252 1.72 -26.29 -21.27
C ARG B 252 1.99 -26.73 -22.71
N GLN B 253 3.20 -26.50 -23.17
CA GLN B 253 3.60 -26.89 -24.52
C GLN B 253 3.79 -28.39 -24.66
N GLN B 254 3.87 -29.13 -23.54
CA GLN B 254 4.00 -30.58 -23.58
C GLN B 254 2.64 -31.23 -23.84
N GLU B 255 2.03 -30.83 -24.95
CA GLU B 255 0.72 -31.32 -25.34
C GLU B 255 0.87 -32.61 -26.14
N GLN B 256 0.18 -33.67 -25.70
CA GLN B 256 0.26 -34.96 -26.38
C GLN B 256 -0.41 -34.94 -27.74
N GLN B 257 -1.12 -33.87 -28.10
CA GLN B 257 -1.74 -33.76 -29.41
C GLN B 257 -0.70 -33.29 -30.42
N VAL B 258 0.11 -34.23 -30.86
CA VAL B 258 1.04 -34.02 -31.97
C VAL B 258 0.42 -34.74 -33.17
N PRO B 259 -0.45 -34.10 -33.93
CA PRO B 259 -1.24 -34.82 -34.92
C PRO B 259 -0.37 -35.33 -36.06
N ILE B 260 -0.77 -36.48 -36.59
CA ILE B 260 -0.23 -36.98 -37.85
C ILE B 260 -1.00 -36.27 -38.95
N LEU B 261 -0.28 -35.52 -39.77
CA LEU B 261 -0.87 -34.77 -40.88
C LEU B 261 -0.43 -35.43 -42.18
N GLU B 262 -1.38 -35.61 -43.09
CA GLU B 262 -1.17 -36.45 -44.26
C GLU B 262 -1.85 -35.84 -45.47
N LYS B 263 -1.53 -36.40 -46.62
CA LYS B 263 -1.97 -35.93 -47.93
C LYS B 263 -2.64 -37.09 -48.66
N PHE B 264 -3.69 -36.78 -49.42
CA PHE B 264 -4.47 -37.75 -50.17
C PHE B 264 -4.45 -37.34 -51.64
N CYS B 265 -3.55 -37.94 -52.41
CA CYS B 265 -3.43 -37.67 -53.84
C CYS B 265 -3.52 -38.97 -54.63
N PHE B 266 -4.03 -38.88 -55.84
CA PHE B 266 -4.08 -40.03 -56.73
C PHE B 266 -2.68 -40.44 -57.13
N THR B 267 -2.29 -41.65 -56.75
CA THR B 267 -0.95 -42.19 -57.01
C THR B 267 -1.03 -43.24 -58.11
N PRO B 268 -0.47 -42.98 -59.29
CA PRO B 268 -0.39 -44.01 -60.31
C PRO B 268 0.26 -45.29 -59.79
N HIS B 269 -0.19 -46.42 -60.32
CA HIS B 269 0.44 -47.71 -60.00
C HIS B 269 1.81 -47.80 -60.67
N ASP B 557 -12.92 -66.86 -58.79
CA ASP B 557 -14.28 -67.34 -58.93
C ASP B 557 -15.03 -66.52 -59.98
N SER B 558 -16.35 -66.67 -60.00
CA SER B 558 -17.17 -65.93 -60.96
C SER B 558 -17.25 -64.46 -60.55
N PRO B 559 -16.81 -63.53 -61.39
CA PRO B 559 -16.87 -62.11 -61.00
C PRO B 559 -18.30 -61.60 -60.94
N ILE B 560 -18.61 -60.88 -59.88
CA ILE B 560 -19.91 -60.24 -59.69
C ILE B 560 -19.71 -58.74 -59.82
N PHE B 561 -20.23 -58.17 -60.90
CA PHE B 561 -20.05 -56.75 -61.21
C PHE B 561 -21.26 -55.98 -60.70
N LEU B 562 -21.00 -54.91 -59.95
CA LEU B 562 -22.05 -54.09 -59.35
C LEU B 562 -21.86 -52.64 -59.79
N PRO B 563 -22.80 -52.05 -60.52
CA PRO B 563 -22.68 -50.64 -60.91
C PRO B 563 -23.11 -49.73 -59.77
N VAL B 564 -22.14 -49.06 -59.14
CA VAL B 564 -22.41 -48.21 -57.99
C VAL B 564 -22.60 -46.77 -58.44
N ASP B 565 -22.83 -46.57 -59.73
CA ASP B 565 -22.99 -45.23 -60.27
C ASP B 565 -24.42 -44.70 -60.17
N ASP B 566 -25.36 -45.53 -59.71
CA ASP B 566 -26.75 -45.09 -59.64
C ASP B 566 -26.94 -44.06 -58.53
N THR B 567 -27.63 -42.98 -58.86
CA THR B 567 -27.82 -41.88 -57.91
C THR B 567 -28.94 -42.14 -56.90
N SER B 568 -29.68 -43.23 -57.06
CA SER B 568 -30.73 -43.59 -56.10
C SER B 568 -30.23 -44.56 -55.04
N PHE B 569 -28.98 -45.00 -55.10
CA PHE B 569 -28.38 -45.96 -54.18
C PHE B 569 -29.15 -47.28 -54.15
N ARG B 570 -29.84 -47.62 -55.23
CA ARG B 570 -30.57 -48.88 -55.28
C ARG B 570 -29.65 -50.09 -55.27
N TRP B 571 -28.37 -49.92 -55.60
CA TRP B 571 -27.42 -51.02 -55.64
C TRP B 571 -26.99 -51.49 -54.25
N VAL B 572 -27.24 -50.69 -53.21
CA VAL B 572 -26.81 -51.07 -51.86
C VAL B 572 -27.39 -52.41 -51.47
N GLU B 573 -28.71 -52.57 -51.61
CA GLU B 573 -29.33 -53.87 -51.36
C GLU B 573 -28.72 -54.94 -52.25
N SER B 574 -28.44 -54.60 -53.51
CA SER B 574 -27.75 -55.54 -54.39
C SER B 574 -26.40 -55.94 -53.81
N LEU B 575 -25.65 -54.96 -53.28
CA LEU B 575 -24.39 -55.27 -52.63
C LEU B 575 -24.62 -56.23 -51.47
N LYS B 576 -25.71 -56.05 -50.74
CA LYS B 576 -26.05 -56.99 -49.67
C LYS B 576 -26.16 -58.40 -50.21
N GLY B 577 -26.80 -58.56 -51.37
CA GLY B 577 -26.84 -59.87 -52.00
C GLY B 577 -25.46 -60.41 -52.30
N ILE B 578 -24.57 -59.54 -52.79
CA ILE B 578 -23.20 -59.98 -53.06
C ILE B 578 -22.50 -60.36 -51.77
N LEU B 579 -22.95 -59.81 -50.64
CA LEU B 579 -22.37 -60.16 -49.36
C LEU B 579 -22.93 -61.47 -48.81
N ALA B 580 -24.00 -62.00 -49.41
CA ALA B 580 -24.60 -63.23 -48.92
C ALA B 580 -23.73 -64.43 -49.24
N ASP B 581 -23.24 -64.52 -50.47
CA ASP B 581 -22.43 -65.66 -50.89
C ASP B 581 -21.04 -65.58 -50.28
N GLU B 582 -20.33 -66.71 -50.36
CA GLU B 582 -18.96 -66.81 -49.86
C GLU B 582 -17.95 -67.17 -50.93
N ASP B 583 -18.25 -68.20 -51.74
CA ASP B 583 -17.31 -68.64 -52.76
C ASP B 583 -17.37 -67.73 -54.00
N SER B 584 -18.56 -67.58 -54.58
CA SER B 584 -18.70 -66.73 -55.76
C SER B 584 -18.55 -65.25 -55.45
N SER B 585 -18.56 -64.86 -54.17
CA SER B 585 -18.41 -63.47 -53.79
C SER B 585 -16.96 -63.03 -53.69
N ARG B 586 -16.01 -63.91 -53.98
CA ARG B 586 -14.61 -63.52 -53.94
C ARG B 586 -14.28 -62.43 -54.95
N PRO B 587 -14.65 -62.52 -56.23
CA PRO B 587 -14.39 -61.38 -57.14
C PRO B 587 -15.58 -60.43 -57.24
N VAL B 588 -15.81 -59.65 -56.19
CA VAL B 588 -16.84 -58.61 -56.21
C VAL B 588 -16.20 -57.35 -56.77
N TRP B 589 -16.67 -56.91 -57.94
CA TRP B 589 -16.11 -55.78 -58.66
C TRP B 589 -17.19 -54.70 -58.72
N LEU B 590 -17.09 -53.70 -57.86
CA LEU B 590 -18.02 -52.58 -57.89
C LEU B 590 -17.42 -51.45 -58.72
N LYS B 591 -18.11 -51.10 -59.80
CA LYS B 591 -17.59 -50.18 -60.80
C LYS B 591 -18.37 -48.88 -60.81
N ALA B 592 -17.65 -47.77 -60.83
CA ALA B 592 -18.23 -46.43 -60.92
C ALA B 592 -17.80 -45.85 -62.27
N ILE B 593 -18.68 -45.94 -63.26
CA ILE B 593 -18.35 -45.58 -64.63
C ILE B 593 -18.96 -44.23 -65.01
N ASN B 594 -20.24 -44.03 -64.71
CA ASN B 594 -20.94 -42.83 -65.17
C ASN B 594 -20.42 -41.58 -64.46
N CYS B 595 -20.56 -41.52 -63.13
CA CYS B 595 -20.20 -40.33 -62.39
C CYS B 595 -18.71 -40.35 -62.06
N ALA B 596 -18.04 -39.23 -62.33
CA ALA B 596 -16.62 -39.09 -62.03
C ALA B 596 -16.35 -38.74 -60.57
N THR B 597 -17.36 -38.29 -59.83
CA THR B 597 -17.23 -37.97 -58.41
C THR B 597 -18.08 -38.92 -57.56
N SER B 598 -18.10 -40.20 -57.94
CA SER B 598 -18.91 -41.16 -57.20
C SER B 598 -18.39 -41.35 -55.79
N GLY B 599 -17.07 -41.50 -55.64
CA GLY B 599 -16.50 -41.66 -54.32
C GLY B 599 -16.83 -42.99 -53.66
N VAL B 600 -16.62 -44.09 -54.38
CA VAL B 600 -16.73 -45.42 -53.79
C VAL B 600 -15.47 -45.84 -53.07
N VAL B 601 -14.46 -44.98 -53.02
CA VAL B 601 -13.22 -45.33 -52.31
C VAL B 601 -13.49 -45.47 -50.82
N GLY B 602 -14.17 -44.49 -50.24
CA GLY B 602 -14.54 -44.61 -48.83
C GLY B 602 -15.52 -45.74 -48.58
N LEU B 603 -16.41 -45.98 -49.54
CA LEU B 603 -17.32 -47.12 -49.46
C LEU B 603 -16.54 -48.42 -49.30
N VAL B 604 -15.56 -48.65 -50.17
CA VAL B 604 -14.78 -49.89 -50.10
C VAL B 604 -13.93 -49.91 -48.83
N ASN B 605 -13.36 -48.76 -48.46
CA ASN B 605 -12.53 -48.71 -47.26
C ASN B 605 -13.33 -49.09 -46.03
N CYS B 606 -14.60 -48.68 -45.96
CA CYS B 606 -15.43 -48.99 -44.81
C CYS B 606 -15.99 -50.41 -44.89
N LEU B 607 -16.29 -50.89 -46.10
CA LEU B 607 -16.86 -52.22 -46.25
C LEU B 607 -15.82 -53.31 -46.05
N ARG B 608 -14.54 -53.01 -46.29
CA ARG B 608 -13.49 -54.00 -46.10
C ARG B 608 -13.32 -54.34 -44.62
N ARG B 609 -13.66 -53.40 -43.74
CA ARG B 609 -13.58 -53.67 -42.31
C ARG B 609 -14.74 -54.51 -41.81
N GLU B 610 -15.82 -54.61 -42.57
CA GLU B 610 -16.94 -55.44 -42.17
C GLU B 610 -16.58 -56.92 -42.26
N PRO B 611 -17.26 -57.78 -41.51
CA PRO B 611 -17.04 -59.23 -41.66
C PRO B 611 -17.41 -59.69 -43.06
N GLY B 612 -16.47 -60.34 -43.73
CA GLY B 612 -16.65 -60.76 -45.09
C GLY B 612 -16.24 -59.74 -46.14
N GLY B 613 -15.89 -58.53 -45.73
CA GLY B 613 -15.44 -57.51 -46.66
C GLY B 613 -14.16 -57.89 -47.37
N ASN B 614 -13.17 -58.38 -46.61
CA ASN B 614 -11.94 -58.87 -47.23
C ASN B 614 -12.21 -60.13 -48.04
N ARG B 615 -13.05 -61.03 -47.52
CA ARG B 615 -13.42 -62.22 -48.27
C ARG B 615 -14.15 -61.87 -49.55
N LEU B 616 -15.01 -60.85 -49.49
CA LEU B 616 -15.64 -60.34 -50.70
C LEU B 616 -14.62 -59.69 -51.64
N ARG B 617 -13.47 -59.28 -51.10
CA ARG B 617 -12.40 -58.64 -51.88
C ARG B 617 -12.97 -57.49 -52.72
N CYS B 618 -13.61 -56.56 -52.04
CA CYS B 618 -14.25 -55.43 -52.71
C CYS B 618 -13.22 -54.64 -53.51
N VAL B 619 -13.36 -54.68 -54.83
CA VAL B 619 -12.44 -54.00 -55.73
C VAL B 619 -13.24 -52.98 -56.52
N LEU B 620 -12.78 -51.73 -56.49
CA LEU B 620 -13.50 -50.62 -57.11
C LEU B 620 -12.81 -50.20 -58.40
N LEU B 621 -13.62 -49.68 -59.33
CA LEU B 621 -13.15 -49.11 -60.59
C LEU B 621 -13.78 -47.73 -60.69
N SER B 622 -13.01 -46.71 -60.32
CA SER B 622 -13.48 -45.33 -60.31
C SER B 622 -12.94 -44.60 -61.53
N ASN B 623 -13.82 -44.29 -62.48
CA ASN B 623 -13.43 -43.53 -63.67
C ASN B 623 -13.52 -42.03 -63.38
N LEU B 624 -12.66 -41.58 -62.45
CA LEU B 624 -12.64 -40.18 -62.02
C LEU B 624 -11.68 -39.41 -62.93
N SER B 625 -12.23 -38.92 -64.04
CA SER B 625 -11.47 -38.11 -64.97
C SER B 625 -11.50 -36.65 -64.52
N SER B 626 -10.33 -36.10 -64.21
CA SER B 626 -10.27 -34.72 -63.74
C SER B 626 -10.70 -33.74 -64.83
N THR B 627 -10.28 -33.95 -66.06
CA THR B 627 -10.62 -33.07 -67.17
C THR B 627 -11.58 -33.76 -68.12
N SER B 628 -12.37 -32.96 -68.84
CA SER B 628 -13.35 -33.53 -69.75
C SER B 628 -12.72 -33.99 -71.05
N HIS B 629 -11.52 -33.49 -71.38
CA HIS B 629 -10.86 -33.90 -72.60
C HIS B 629 -10.24 -35.29 -72.50
N VAL B 630 -10.03 -35.79 -71.29
CA VAL B 630 -9.41 -37.11 -71.12
C VAL B 630 -10.40 -38.18 -71.59
N PRO B 631 -9.93 -39.23 -72.27
CA PRO B 631 -10.85 -40.27 -72.75
C PRO B 631 -11.26 -41.21 -71.63
N GLU B 632 -12.55 -41.56 -71.62
CA GLU B 632 -13.08 -42.47 -70.61
C GLU B 632 -12.63 -43.89 -70.93
N VAL B 633 -12.12 -44.58 -69.91
CA VAL B 633 -11.66 -45.96 -70.09
C VAL B 633 -12.87 -46.87 -70.25
N ASP B 634 -12.87 -47.68 -71.29
CA ASP B 634 -13.99 -48.58 -71.55
C ASP B 634 -13.93 -49.76 -70.59
N PRO B 635 -14.98 -50.02 -69.81
CA PRO B 635 -14.97 -51.14 -68.89
C PRO B 635 -15.34 -52.48 -69.52
N GLY B 636 -15.67 -52.50 -70.81
CA GLY B 636 -15.99 -53.75 -71.48
C GLY B 636 -14.89 -54.19 -72.42
N SER B 637 -13.69 -53.66 -72.22
CA SER B 637 -12.55 -53.92 -73.08
C SER B 637 -11.46 -54.64 -72.29
N ALA B 638 -10.28 -54.76 -72.90
CA ALA B 638 -9.16 -55.44 -72.25
C ALA B 638 -8.65 -54.70 -71.02
N GLU B 639 -9.02 -53.43 -70.85
CA GLU B 639 -8.61 -52.69 -69.66
C GLU B 639 -9.20 -53.31 -68.40
N LEU B 640 -10.48 -53.72 -68.44
CA LEU B 640 -11.09 -54.36 -67.29
C LEU B 640 -10.42 -55.69 -66.99
N GLN B 641 -10.06 -56.45 -68.02
CA GLN B 641 -9.36 -57.72 -67.81
C GLN B 641 -7.99 -57.48 -67.18
N LYS B 642 -7.29 -56.45 -67.64
CA LYS B 642 -5.98 -56.12 -67.05
C LYS B 642 -6.14 -55.71 -65.59
N VAL B 643 -7.16 -54.92 -65.28
CA VAL B 643 -7.39 -54.51 -63.90
C VAL B 643 -7.72 -55.71 -63.03
N LEU B 644 -8.52 -56.63 -63.55
CA LEU B 644 -8.85 -57.85 -62.80
C LEU B 644 -7.61 -58.70 -62.58
N GLN B 645 -6.74 -58.80 -63.58
CA GLN B 645 -5.51 -59.55 -63.42
C GLN B 645 -4.60 -58.89 -62.38
N GLY B 646 -4.59 -57.55 -62.33
CA GLY B 646 -3.83 -56.87 -61.30
C GLY B 646 -4.34 -57.16 -59.90
N ASP B 647 -5.67 -57.33 -59.76
CA ASP B 647 -6.33 -57.65 -58.50
C ASP B 647 -6.09 -56.59 -57.43
N LEU B 648 -5.89 -55.35 -57.83
CA LEU B 648 -5.71 -54.27 -56.85
C LEU B 648 -6.99 -54.03 -56.09
N VAL B 649 -6.86 -53.68 -54.81
CA VAL B 649 -8.03 -53.44 -53.97
C VAL B 649 -8.84 -52.26 -54.50
N MET B 650 -8.17 -51.26 -55.06
CA MET B 650 -8.81 -50.09 -55.62
C MET B 650 -8.12 -49.72 -56.92
N ASN B 651 -8.90 -49.37 -57.94
CA ASN B 651 -8.36 -48.93 -59.23
C ASN B 651 -9.08 -47.65 -59.62
N VAL B 652 -8.32 -46.58 -59.85
CA VAL B 652 -8.86 -45.29 -60.24
C VAL B 652 -8.20 -44.86 -61.54
N TYR B 653 -9.01 -44.48 -62.51
CA TYR B 653 -8.51 -43.97 -63.78
C TYR B 653 -8.54 -42.45 -63.76
N ARG B 654 -7.37 -41.83 -63.92
CA ARG B 654 -7.21 -40.38 -63.84
C ARG B 654 -6.37 -39.94 -65.03
N ASP B 655 -7.03 -39.43 -66.07
CA ASP B 655 -6.37 -38.79 -67.21
C ASP B 655 -5.32 -39.71 -67.83
N GLY B 656 -5.66 -40.99 -67.94
CA GLY B 656 -4.77 -41.97 -68.53
C GLY B 656 -3.88 -42.71 -67.56
N ALA B 657 -4.03 -42.50 -66.26
CA ALA B 657 -3.22 -43.19 -65.27
C ALA B 657 -4.12 -44.12 -64.46
N TRP B 658 -3.69 -45.37 -64.32
CA TRP B 658 -4.43 -46.38 -63.57
C TRP B 658 -3.74 -46.55 -62.21
N GLY B 659 -4.24 -45.86 -61.20
CA GLY B 659 -3.61 -45.89 -59.90
C GLY B 659 -4.58 -46.09 -58.74
N ALA B 660 -4.25 -45.54 -57.58
CA ALA B 660 -5.08 -45.64 -56.39
C ALA B 660 -5.04 -44.30 -55.67
N PHE B 661 -5.57 -44.30 -54.44
CA PHE B 661 -5.53 -43.13 -53.57
C PHE B 661 -4.74 -43.50 -52.32
N ARG B 662 -3.54 -42.94 -52.18
CA ARG B 662 -2.64 -43.31 -51.10
C ARG B 662 -2.38 -42.12 -50.20
N HIS B 663 -2.09 -42.42 -48.94
CA HIS B 663 -1.81 -41.42 -47.91
C HIS B 663 -0.31 -41.20 -47.84
N PHE B 664 0.10 -39.93 -47.93
CA PHE B 664 1.50 -39.55 -47.83
C PHE B 664 1.70 -38.64 -46.63
N LEU B 665 2.93 -38.56 -46.13
CA LEU B 665 3.22 -37.66 -45.02
C LEU B 665 3.31 -36.23 -45.51
N LEU B 666 2.66 -35.32 -44.80
CA LEU B 666 2.68 -33.92 -45.17
C LEU B 666 4.00 -33.27 -44.78
N GLU B 667 4.49 -32.38 -45.64
CA GLU B 667 5.75 -31.71 -45.37
C GLU B 667 5.63 -30.83 -44.14
N GLU B 668 6.64 -30.90 -43.26
CA GLU B 668 6.62 -30.15 -42.02
C GLU B 668 6.95 -28.68 -42.20
N ASP B 669 7.44 -28.28 -43.38
CA ASP B 669 7.80 -26.89 -43.60
C ASP B 669 6.54 -26.03 -43.67
N LYS B 670 6.53 -24.94 -42.91
CA LYS B 670 5.37 -24.07 -42.91
C LYS B 670 5.28 -23.30 -44.22
N PRO B 671 4.08 -23.19 -44.80
CA PRO B 671 3.94 -22.49 -46.09
C PRO B 671 4.27 -21.01 -45.93
N GLU B 672 5.21 -20.54 -46.73
CA GLU B 672 5.66 -19.16 -46.71
C GLU B 672 5.27 -18.52 -48.03
N GLU B 673 4.81 -17.27 -47.97
CA GLU B 673 4.37 -16.54 -49.14
C GLU B 673 4.96 -15.14 -49.13
N PRO B 674 5.16 -14.54 -50.32
CA PRO B 674 5.68 -13.17 -50.38
C PRO B 674 4.58 -12.16 -50.17
N THR B 675 4.67 -11.39 -49.09
CA THR B 675 3.65 -10.43 -48.73
C THR B 675 4.29 -9.11 -48.33
N ALA B 676 3.51 -8.03 -48.46
CA ALA B 676 3.90 -6.73 -47.96
C ALA B 676 3.36 -6.45 -46.56
N HIS B 677 2.64 -7.41 -45.97
CA HIS B 677 2.00 -7.22 -44.68
C HIS B 677 2.30 -8.43 -43.82
N ALA B 678 3.26 -8.28 -42.91
CA ALA B 678 3.68 -9.34 -42.01
C ALA B 678 3.92 -8.76 -40.63
N PHE B 679 3.94 -9.65 -39.64
CA PHE B 679 4.20 -9.28 -38.25
C PHE B 679 5.10 -10.33 -37.62
N VAL B 680 5.84 -9.91 -36.60
CA VAL B 680 6.69 -10.82 -35.85
C VAL B 680 5.84 -11.51 -34.79
N SER B 681 6.00 -12.84 -34.67
CA SER B 681 5.28 -13.60 -33.67
C SER B 681 6.12 -14.78 -33.21
N THR B 682 5.94 -15.14 -31.95
CA THR B 682 6.51 -16.37 -31.40
C THR B 682 5.53 -17.51 -31.64
N LEU B 683 5.93 -18.47 -32.48
CA LEU B 683 5.04 -19.58 -32.78
C LEU B 683 4.75 -20.41 -31.53
N THR B 684 5.78 -20.67 -30.72
CA THR B 684 5.62 -21.30 -29.43
C THR B 684 5.96 -20.29 -28.35
N ARG B 685 5.06 -20.11 -27.39
CA ARG B 685 5.26 -19.10 -26.36
C ARG B 685 6.46 -19.43 -25.49
N GLY B 686 7.20 -18.40 -25.12
CA GLY B 686 8.37 -18.56 -24.28
C GLY B 686 9.65 -18.91 -25.00
N ASP B 687 9.60 -19.12 -26.31
CA ASP B 687 10.76 -19.55 -27.08
C ASP B 687 11.11 -18.48 -28.11
N LEU B 688 12.23 -17.79 -27.89
CA LEU B 688 12.69 -16.80 -28.84
C LEU B 688 13.18 -17.43 -30.14
N SER B 689 13.52 -18.72 -30.11
CA SER B 689 13.93 -19.40 -31.34
C SER B 689 12.77 -19.51 -32.32
N SER B 690 11.55 -19.65 -31.80
CA SER B 690 10.36 -19.75 -32.64
C SER B 690 9.78 -18.38 -32.97
N ILE B 691 10.64 -17.44 -33.37
CA ILE B 691 10.23 -16.09 -33.73
C ILE B 691 10.27 -15.98 -35.25
N ARG B 692 9.11 -15.74 -35.86
CA ARG B 692 9.02 -15.73 -37.31
C ARG B 692 8.10 -14.61 -37.75
N TRP B 693 8.21 -14.26 -39.03
CA TRP B 693 7.27 -13.34 -39.65
C TRP B 693 6.09 -14.12 -40.21
N VAL B 694 4.89 -13.72 -39.83
CA VAL B 694 3.64 -14.33 -40.26
C VAL B 694 2.84 -13.30 -41.01
N CYS B 695 2.13 -13.74 -42.05
CA CYS B 695 1.28 -12.83 -42.81
C CYS B 695 0.22 -12.23 -41.90
N SER B 696 0.02 -10.92 -42.03
CA SER B 696 -0.86 -10.21 -41.12
C SER B 696 -2.26 -10.07 -41.73
N SER B 697 -3.19 -9.62 -40.88
CA SER B 697 -4.57 -9.43 -41.32
C SER B 697 -4.73 -8.25 -42.26
N LEU B 698 -3.69 -7.44 -42.44
CA LEU B 698 -3.75 -6.35 -43.41
C LEU B 698 -3.46 -6.82 -44.83
N ARG B 699 -2.86 -8.01 -44.96
CA ARG B 699 -2.62 -8.55 -46.30
C ARG B 699 -3.91 -9.04 -46.94
N HIS B 700 -4.63 -9.92 -46.26
CA HIS B 700 -5.86 -10.51 -46.78
C HIS B 700 -7.07 -9.62 -46.60
N ALA B 701 -6.95 -8.55 -45.80
CA ALA B 701 -8.05 -7.62 -45.56
C ALA B 701 -7.46 -6.23 -45.47
N GLN B 702 -7.61 -5.45 -46.54
CA GLN B 702 -7.11 -4.08 -46.57
C GLN B 702 -8.19 -3.13 -46.09
N PRO B 703 -8.07 -2.52 -44.93
CA PRO B 703 -9.10 -1.61 -44.44
C PRO B 703 -8.87 -0.17 -44.89
N THR B 704 -9.98 0.53 -45.09
CA THR B 704 -9.96 1.94 -45.50
C THR B 704 -11.13 2.64 -44.85
N CYS B 705 -10.86 3.49 -43.86
CA CYS B 705 -11.89 4.23 -43.16
C CYS B 705 -11.25 5.42 -42.46
N PRO B 706 -11.95 6.55 -42.36
CA PRO B 706 -11.39 7.69 -41.64
C PRO B 706 -11.19 7.37 -40.16
N GLY B 707 -10.19 8.00 -39.57
CA GLY B 707 -9.82 7.72 -38.20
C GLY B 707 -8.84 6.59 -38.02
N ALA B 708 -8.44 5.93 -39.10
CA ALA B 708 -7.42 4.90 -39.06
C ALA B 708 -6.54 5.05 -40.28
N GLN B 709 -5.24 4.94 -40.09
CA GLN B 709 -4.24 5.14 -41.14
C GLN B 709 -3.34 3.92 -41.21
N LEU B 710 -3.05 3.48 -42.43
CA LEU B 710 -2.13 2.37 -42.67
C LEU B 710 -0.76 2.94 -43.01
N CYS B 711 0.19 2.76 -42.11
CA CYS B 711 1.55 3.28 -42.27
C CYS B 711 2.52 2.14 -42.50
N THR B 712 3.33 2.26 -43.55
CA THR B 712 4.44 1.35 -43.74
C THR B 712 5.48 1.57 -42.65
N VAL B 713 5.83 0.48 -41.97
CA VAL B 713 6.79 0.52 -40.88
C VAL B 713 8.17 0.31 -41.45
N TYR B 714 9.05 1.27 -41.24
CA TYR B 714 10.46 1.13 -41.58
C TYR B 714 11.28 0.65 -40.39
N TYR B 715 10.97 1.13 -39.20
CA TYR B 715 11.67 0.76 -37.97
C TYR B 715 10.65 0.53 -36.88
N ALA B 716 10.77 -0.60 -36.19
CA ALA B 716 9.89 -0.95 -35.09
C ALA B 716 10.73 -1.25 -33.87
N SER B 717 10.45 -0.56 -32.77
CA SER B 717 11.27 -0.64 -31.57
C SER B 717 10.80 -1.78 -30.68
N LEU B 718 11.75 -2.53 -30.13
CA LEU B 718 11.44 -3.46 -29.06
C LEU B 718 11.34 -2.73 -27.74
N ASN B 719 10.44 -3.21 -26.88
CA ASN B 719 10.27 -2.68 -25.54
C ASN B 719 10.30 -3.84 -24.56
N PHE B 720 10.42 -3.51 -23.27
CA PHE B 720 10.57 -4.54 -22.26
C PHE B 720 9.35 -5.46 -22.22
N ARG B 721 8.17 -4.91 -22.51
CA ARG B 721 6.97 -5.73 -22.57
C ARG B 721 7.05 -6.73 -23.72
N ASP B 722 7.65 -6.34 -24.84
CA ASP B 722 7.81 -7.27 -25.95
C ASP B 722 8.71 -8.43 -25.57
N ILE B 723 9.79 -8.16 -24.84
CA ILE B 723 10.67 -9.23 -24.37
C ILE B 723 9.93 -10.13 -23.39
N MET B 724 9.14 -9.53 -22.50
CA MET B 724 8.37 -10.35 -21.56
C MET B 724 7.35 -11.22 -22.27
N LEU B 725 6.74 -10.70 -23.34
CA LEU B 725 5.77 -11.50 -24.10
C LEU B 725 6.45 -12.64 -24.83
N ALA B 726 7.54 -12.35 -25.53
CA ALA B 726 8.19 -13.37 -26.36
C ALA B 726 8.85 -14.44 -25.50
N THR B 727 9.31 -14.07 -24.30
CA THR B 727 9.87 -15.05 -23.37
C THR B 727 8.81 -15.72 -22.52
N GLY B 728 7.54 -15.38 -22.71
CA GLY B 728 6.46 -16.03 -21.99
C GLY B 728 6.24 -15.55 -20.58
N LYS B 729 7.12 -14.69 -20.07
CA LYS B 729 6.98 -14.19 -18.71
C LYS B 729 5.76 -13.30 -18.53
N LEU B 730 5.17 -12.80 -19.61
CA LEU B 730 4.02 -11.92 -19.54
C LEU B 730 2.90 -12.50 -20.39
N SER B 731 1.71 -12.57 -19.83
CA SER B 731 0.58 -13.15 -20.56
C SER B 731 0.07 -12.17 -21.60
N PRO B 732 -0.33 -12.66 -22.78
CA PRO B 732 -0.86 -11.74 -23.80
C PRO B 732 -2.12 -11.02 -23.36
N ASP B 733 -2.91 -11.61 -22.47
CA ASP B 733 -4.14 -10.97 -22.01
C ASP B 733 -3.88 -9.84 -21.04
N ALA B 734 -2.68 -9.74 -20.46
CA ALA B 734 -2.38 -8.64 -19.56
C ALA B 734 -2.34 -7.30 -20.27
N ILE B 735 -2.12 -7.32 -21.59
CA ILE B 735 -2.15 -6.10 -22.40
C ILE B 735 -3.59 -5.70 -22.66
N PRO B 736 -4.00 -4.50 -22.29
CA PRO B 736 -5.39 -4.10 -22.52
C PRO B 736 -5.72 -4.01 -24.00
N GLY B 737 -6.99 -4.28 -24.32
CA GLY B 737 -7.48 -4.25 -25.67
C GLY B 737 -8.15 -5.55 -26.05
N LYS B 738 -8.74 -5.55 -27.23
CA LYS B 738 -9.43 -6.72 -27.77
C LYS B 738 -8.42 -7.50 -28.63
N TRP B 739 -7.80 -8.50 -28.02
CA TRP B 739 -6.82 -9.33 -28.70
C TRP B 739 -7.34 -10.76 -28.80
N THR B 740 -7.30 -11.32 -30.00
CA THR B 740 -7.71 -12.70 -30.19
C THR B 740 -6.63 -13.65 -29.66
N SER B 741 -6.97 -14.93 -29.61
CA SER B 741 -6.04 -15.93 -29.11
C SER B 741 -4.81 -16.04 -30.01
N GLN B 742 -5.01 -15.94 -31.31
CA GLN B 742 -3.93 -16.04 -32.28
C GLN B 742 -3.22 -14.71 -32.53
N ASP B 743 -3.71 -13.62 -31.94
CA ASP B 743 -3.11 -12.31 -32.17
C ASP B 743 -1.73 -12.23 -31.53
N SER B 744 -0.79 -11.64 -32.25
CA SER B 744 0.54 -11.35 -31.72
C SER B 744 0.62 -9.88 -31.36
N LEU B 745 1.01 -9.61 -30.11
CA LEU B 745 1.00 -8.26 -29.56
C LEU B 745 2.40 -7.67 -29.49
N LEU B 746 3.36 -8.27 -30.18
CA LEU B 746 4.72 -7.76 -30.16
C LEU B 746 4.81 -6.43 -30.88
N GLY B 747 5.61 -5.52 -30.33
CA GLY B 747 5.78 -4.22 -30.92
C GLY B 747 4.80 -3.19 -30.39
N MET B 748 5.31 -2.11 -29.83
CA MET B 748 4.47 -1.09 -29.23
C MET B 748 4.73 0.30 -29.80
N GLU B 749 5.57 0.41 -30.83
CA GLU B 749 6.04 1.70 -31.30
C GLU B 749 6.82 1.48 -32.59
N PHE B 750 6.69 2.44 -33.50
CA PHE B 750 7.29 2.29 -34.82
C PHE B 750 7.59 3.66 -35.40
N SER B 751 8.31 3.66 -36.50
CA SER B 751 8.44 4.82 -37.36
C SER B 751 8.39 4.34 -38.80
N GLY B 752 8.00 5.23 -39.70
CA GLY B 752 7.85 4.85 -41.10
C GLY B 752 7.23 5.96 -41.91
N ARG B 753 6.35 5.57 -42.82
CA ARG B 753 5.65 6.52 -43.69
C ARG B 753 4.17 6.22 -43.72
N ASP B 754 3.35 7.25 -43.62
CA ASP B 754 1.90 7.09 -43.70
C ASP B 754 1.50 6.82 -45.15
N ALA B 755 0.19 6.77 -45.41
CA ALA B 755 -0.28 6.49 -46.77
C ALA B 755 0.17 7.57 -47.74
N SER B 756 0.15 8.83 -47.32
CA SER B 756 0.58 9.94 -48.18
C SER B 756 2.08 9.97 -48.38
N GLY B 757 2.84 9.14 -47.67
CA GLY B 757 4.28 9.13 -47.78
C GLY B 757 5.00 9.97 -46.75
N LYS B 758 4.27 10.69 -45.90
CA LYS B 758 4.90 11.52 -44.89
C LYS B 758 5.67 10.66 -43.89
N ARG B 759 6.84 11.15 -43.50
CA ARG B 759 7.69 10.43 -42.57
C ARG B 759 7.17 10.65 -41.16
N VAL B 760 6.62 9.60 -40.56
CA VAL B 760 5.93 9.69 -39.28
C VAL B 760 6.55 8.71 -38.29
N MET B 761 6.21 8.89 -37.02
CA MET B 761 6.51 7.92 -35.98
C MET B 761 5.28 7.74 -35.12
N GLY B 762 4.96 6.50 -34.74
CA GLY B 762 3.71 6.19 -34.13
C GLY B 762 3.87 5.33 -32.88
N LEU B 763 2.87 5.45 -32.02
CA LEU B 763 2.77 4.68 -30.79
C LEU B 763 1.51 3.83 -30.87
N VAL B 764 1.67 2.52 -30.73
CA VAL B 764 0.54 1.61 -30.90
C VAL B 764 0.41 0.74 -29.66
N PRO B 765 -0.78 0.26 -29.32
CA PRO B 765 -0.91 -0.67 -28.19
C PRO B 765 -0.18 -1.98 -28.41
N ALA B 766 -0.14 -2.46 -29.65
CA ALA B 766 0.46 -3.73 -30.00
C ALA B 766 0.60 -3.77 -31.51
N LYS B 767 1.12 -4.89 -32.01
CA LYS B 767 1.26 -5.14 -33.45
C LYS B 767 2.15 -4.10 -34.13
N GLY B 768 3.01 -3.43 -33.36
CA GLY B 768 3.94 -2.49 -33.94
C GLY B 768 5.14 -3.12 -34.60
N LEU B 769 5.48 -4.35 -34.23
CA LEU B 769 6.59 -5.08 -34.83
C LEU B 769 6.10 -5.76 -36.11
N ALA B 770 5.80 -4.93 -37.11
CA ALA B 770 5.18 -5.40 -38.34
C ALA B 770 5.74 -4.60 -39.51
N THR B 771 5.41 -5.07 -40.71
CA THR B 771 5.78 -4.33 -41.91
C THR B 771 4.84 -3.15 -42.16
N SER B 772 3.64 -3.18 -41.58
CA SER B 772 2.69 -2.09 -41.69
C SER B 772 1.85 -2.07 -40.42
N VAL B 773 1.36 -0.89 -40.07
CA VAL B 773 0.58 -0.69 -38.85
C VAL B 773 -0.67 0.09 -39.20
N LEU B 774 -1.82 -0.38 -38.73
CA LEU B 774 -3.07 0.35 -38.83
C LEU B 774 -3.31 1.03 -37.48
N LEU B 775 -3.14 2.34 -37.45
CA LEU B 775 -3.24 3.09 -36.19
C LEU B 775 -3.93 4.42 -36.44
N SER B 776 -4.52 4.97 -35.40
CA SER B 776 -5.17 6.26 -35.51
C SER B 776 -4.12 7.34 -35.76
N PRO B 777 -4.45 8.36 -36.57
CA PRO B 777 -3.50 9.47 -36.75
C PRO B 777 -3.29 10.30 -35.49
N ASP B 778 -4.07 10.06 -34.44
CA ASP B 778 -3.88 10.73 -33.16
C ASP B 778 -2.65 10.23 -32.43
N PHE B 779 -2.12 9.07 -32.80
CA PHE B 779 -0.92 8.52 -32.18
C PHE B 779 0.29 8.62 -33.10
N LEU B 780 0.27 9.56 -34.04
CA LEU B 780 1.38 9.79 -34.94
C LEU B 780 1.96 11.17 -34.71
N TRP B 781 3.27 11.27 -34.83
CA TRP B 781 3.99 12.52 -34.87
C TRP B 781 4.72 12.61 -36.21
N ASP B 782 4.84 13.84 -36.73
CA ASP B 782 5.72 14.05 -37.87
C ASP B 782 7.17 13.94 -37.41
N VAL B 783 7.97 13.21 -38.17
CA VAL B 783 9.40 13.14 -37.86
C VAL B 783 10.08 14.40 -38.38
N PRO B 784 10.81 15.14 -37.54
CA PRO B 784 11.48 16.36 -38.01
C PRO B 784 12.49 16.05 -39.11
N SER B 785 12.86 17.11 -39.84
CA SER B 785 13.78 16.94 -40.96
C SER B 785 15.13 16.42 -40.50
N ASN B 786 15.65 16.96 -39.38
CA ASN B 786 16.96 16.54 -38.91
C ASN B 786 16.96 15.13 -38.35
N TRP B 787 15.80 14.58 -38.00
CA TRP B 787 15.72 13.23 -37.47
C TRP B 787 15.76 12.21 -38.59
N THR B 788 16.07 10.98 -38.21
CA THR B 788 15.95 9.83 -39.09
C THR B 788 14.81 8.95 -38.60
N LEU B 789 14.34 8.07 -39.48
CA LEU B 789 13.33 7.08 -39.07
C LEU B 789 13.90 6.12 -38.05
N GLU B 790 15.14 5.67 -38.29
CA GLU B 790 15.89 4.91 -37.30
C GLU B 790 15.89 5.61 -35.94
N GLU B 791 16.19 6.90 -35.93
CA GLU B 791 16.18 7.67 -34.68
C GLU B 791 14.76 7.76 -34.12
N ALA B 792 13.81 8.13 -34.96
CA ALA B 792 12.44 8.39 -34.55
C ALA B 792 11.76 7.17 -33.96
N ALA B 793 12.22 5.96 -34.29
CA ALA B 793 11.60 4.75 -33.80
C ALA B 793 11.77 4.53 -32.31
N SER B 794 12.61 5.31 -31.64
CA SER B 794 12.86 5.14 -30.22
C SER B 794 12.13 6.15 -29.34
N VAL B 795 11.42 7.11 -29.93
CA VAL B 795 10.80 8.21 -29.19
C VAL B 795 9.40 7.90 -28.68
N PRO B 796 8.46 7.38 -29.49
CA PRO B 796 7.05 7.36 -29.05
C PRO B 796 6.79 6.74 -27.69
N VAL B 797 7.11 5.47 -27.47
CA VAL B 797 6.79 4.83 -26.18
C VAL B 797 7.52 5.51 -25.05
N VAL B 798 8.82 5.70 -25.23
CA VAL B 798 9.71 6.12 -24.15
C VAL B 798 9.38 7.54 -23.69
N TYR B 799 9.26 8.46 -24.64
CA TYR B 799 9.02 9.85 -24.29
C TYR B 799 7.58 10.11 -23.93
N SER B 800 6.63 9.39 -24.52
CA SER B 800 5.24 9.49 -24.08
C SER B 800 5.12 9.04 -22.64
N THR B 801 5.78 7.93 -22.28
CA THR B 801 5.75 7.45 -20.91
C THR B 801 6.36 8.46 -19.95
N ALA B 802 7.54 9.00 -20.32
CA ALA B 802 8.20 9.95 -19.45
C ALA B 802 7.37 11.22 -19.28
N TYR B 803 6.76 11.71 -20.37
CA TYR B 803 5.97 12.94 -20.29
C TYR B 803 4.71 12.72 -19.47
N TYR B 804 4.02 11.60 -19.71
CA TYR B 804 2.84 11.28 -18.92
C TYR B 804 3.17 11.17 -17.44
N ALA B 805 4.27 10.49 -17.12
CA ALA B 805 4.61 10.27 -15.72
C ALA B 805 5.07 11.55 -15.04
N LEU B 806 5.98 12.30 -15.66
CA LEU B 806 6.60 13.44 -15.00
C LEU B 806 5.70 14.67 -15.05
N VAL B 807 5.14 14.97 -16.21
CA VAL B 807 4.42 16.22 -16.41
C VAL B 807 2.94 16.05 -16.10
N VAL B 808 2.27 15.12 -16.77
CA VAL B 808 0.84 14.95 -16.57
C VAL B 808 0.54 14.41 -15.19
N ARG B 809 1.24 13.34 -14.79
CA ARG B 809 0.96 12.70 -13.51
C ARG B 809 1.77 13.33 -12.38
N GLY B 810 3.10 13.30 -12.50
CA GLY B 810 3.94 13.79 -11.42
C GLY B 810 3.89 15.30 -11.25
N ARG B 811 3.53 16.02 -12.31
CA ARG B 811 3.50 17.48 -12.29
C ARG B 811 4.83 18.04 -11.83
N VAL B 812 5.91 17.57 -12.46
CA VAL B 812 7.25 17.99 -12.05
C VAL B 812 7.41 19.48 -12.30
N ARG B 813 7.90 20.19 -11.30
CA ARG B 813 8.18 21.61 -11.40
C ARG B 813 9.67 21.84 -11.56
N PRO B 814 10.07 22.96 -12.16
CA PRO B 814 11.51 23.24 -12.32
C PRO B 814 12.22 23.26 -10.96
N GLY B 815 13.39 22.63 -10.92
CA GLY B 815 14.22 22.64 -9.74
C GLY B 815 13.86 21.61 -8.68
N GLU B 816 12.95 20.69 -8.97
CA GLU B 816 12.57 19.65 -8.02
C GLU B 816 13.56 18.51 -8.07
N THR B 817 14.02 18.06 -6.91
CA THR B 817 14.83 16.85 -6.84
C THR B 817 14.00 15.66 -7.27
N LEU B 818 14.62 14.71 -7.95
CA LEU B 818 13.86 13.68 -8.62
C LEU B 818 14.76 12.46 -8.80
N LEU B 819 14.24 11.29 -8.45
CA LEU B 819 14.96 10.02 -8.55
C LEU B 819 14.37 9.21 -9.69
N ILE B 820 15.18 8.95 -10.71
CA ILE B 820 14.82 8.12 -11.85
C ILE B 820 15.53 6.79 -11.69
N HIS B 821 14.76 5.70 -11.69
CA HIS B 821 15.35 4.37 -11.64
C HIS B 821 15.62 3.89 -13.06
N SER B 822 16.74 3.18 -13.22
CA SER B 822 17.17 2.68 -14.53
C SER B 822 17.27 3.81 -15.54
N GLY B 823 17.98 4.87 -15.17
CA GLY B 823 18.11 6.03 -16.02
C GLY B 823 18.81 5.77 -17.33
N SER B 824 19.50 4.63 -17.44
CA SER B 824 20.13 4.26 -18.70
C SER B 824 19.12 3.71 -19.70
N GLY B 825 18.01 3.14 -19.22
CA GLY B 825 16.99 2.63 -20.09
C GLY B 825 16.29 3.73 -20.84
N GLY B 826 15.40 3.32 -21.74
CA GLY B 826 14.69 4.28 -22.56
C GLY B 826 13.85 5.26 -21.75
N VAL B 827 12.89 4.74 -20.99
CA VAL B 827 12.02 5.61 -20.20
C VAL B 827 12.83 6.42 -19.21
N GLY B 828 13.85 5.81 -18.62
CA GLY B 828 14.72 6.54 -17.71
C GLY B 828 15.46 7.66 -18.39
N GLN B 829 16.00 7.41 -19.59
CA GLN B 829 16.71 8.44 -20.33
C GLN B 829 15.79 9.58 -20.69
N ALA B 830 14.55 9.27 -21.09
CA ALA B 830 13.58 10.30 -21.43
C ALA B 830 13.21 11.13 -20.20
N ALA B 831 13.03 10.47 -19.06
CA ALA B 831 12.73 11.19 -17.83
C ALA B 831 13.88 12.10 -17.43
N ILE B 832 15.11 11.64 -17.62
CA ILE B 832 16.27 12.50 -17.37
C ILE B 832 16.25 13.71 -18.29
N ALA B 833 15.95 13.50 -19.57
CA ALA B 833 15.90 14.62 -20.50
C ALA B 833 14.84 15.62 -20.10
N ILE B 834 13.66 15.13 -19.70
CA ILE B 834 12.57 16.02 -19.31
C ILE B 834 12.95 16.79 -18.05
N ALA B 835 13.51 16.09 -17.05
CA ALA B 835 13.86 16.73 -15.80
C ALA B 835 14.96 17.77 -15.98
N LEU B 836 15.97 17.45 -16.78
CA LEU B 836 17.07 18.39 -17.00
C LEU B 836 16.64 19.55 -17.89
N SER B 837 15.61 19.35 -18.72
CA SER B 837 15.03 20.48 -19.43
C SER B 837 14.37 21.46 -18.47
N LEU B 838 13.95 20.99 -17.31
CA LEU B 838 13.35 21.83 -16.29
C LEU B 838 14.34 22.23 -15.21
N GLY B 839 15.61 21.90 -15.35
CA GLY B 839 16.59 22.22 -14.34
C GLY B 839 16.38 21.50 -13.03
N CYS B 840 15.91 20.26 -13.07
CA CYS B 840 15.65 19.47 -11.88
C CYS B 840 16.91 18.72 -11.49
N ARG B 841 17.15 18.61 -10.18
CA ARG B 841 18.22 17.75 -9.70
C ARG B 841 17.82 16.30 -9.88
N VAL B 842 18.70 15.52 -10.47
CA VAL B 842 18.39 14.15 -10.87
C VAL B 842 19.32 13.19 -10.13
N PHE B 843 18.72 12.25 -9.41
CA PHE B 843 19.39 11.07 -8.89
C PHE B 843 18.95 9.90 -9.75
N THR B 844 19.87 9.32 -10.51
CA THR B 844 19.53 8.19 -11.36
C THR B 844 20.24 6.94 -10.87
N THR B 845 19.54 5.82 -10.91
CA THR B 845 20.12 4.54 -10.55
C THR B 845 20.44 3.76 -11.82
N VAL B 846 21.69 3.33 -11.95
CA VAL B 846 22.13 2.51 -13.07
C VAL B 846 22.78 1.25 -12.53
N GLY B 847 22.73 0.19 -13.33
CA GLY B 847 23.23 -1.11 -12.92
C GLY B 847 24.69 -1.38 -13.22
N SER B 848 25.36 -0.51 -13.96
CA SER B 848 26.75 -0.75 -14.30
C SER B 848 27.49 0.57 -14.41
N ALA B 849 28.82 0.49 -14.36
CA ALA B 849 29.65 1.68 -14.54
C ALA B 849 29.62 2.16 -15.98
N GLU B 850 29.44 1.25 -16.94
CA GLU B 850 29.33 1.67 -18.33
C GLU B 850 28.06 2.47 -18.56
N LYS B 851 26.96 2.09 -17.91
CA LYS B 851 25.73 2.86 -18.01
C LYS B 851 25.89 4.22 -17.32
N ARG B 852 26.60 4.25 -16.19
CA ARG B 852 26.96 5.51 -15.56
C ARG B 852 27.71 6.41 -16.53
N ALA B 853 28.72 5.86 -17.21
CA ALA B 853 29.52 6.65 -18.14
C ALA B 853 28.68 7.14 -19.31
N TYR B 854 27.79 6.27 -19.81
CA TYR B 854 26.93 6.68 -20.91
C TYR B 854 26.02 7.82 -20.51
N LEU B 855 25.42 7.74 -19.31
CA LEU B 855 24.54 8.80 -18.87
C LEU B 855 25.32 10.09 -18.60
N GLN B 856 26.55 9.98 -18.09
CA GLN B 856 27.38 11.16 -17.89
C GLN B 856 27.71 11.84 -19.21
N ALA B 857 28.07 11.05 -20.23
CA ALA B 857 28.38 11.62 -21.53
C ALA B 857 27.14 12.19 -22.19
N ARG B 858 26.01 11.51 -22.06
CA ARG B 858 24.80 11.93 -22.74
C ARG B 858 24.19 13.17 -22.09
N PHE B 859 24.10 13.18 -20.77
CA PHE B 859 23.55 14.31 -20.02
C PHE B 859 24.66 14.91 -19.18
N PRO B 860 25.37 15.92 -19.69
CA PRO B 860 26.47 16.51 -18.92
C PRO B 860 26.03 17.25 -17.67
N GLN B 861 24.73 17.51 -17.50
CA GLN B 861 24.23 18.16 -16.31
C GLN B 861 24.30 17.26 -15.07
N LEU B 862 24.44 15.96 -15.25
CA LEU B 862 24.53 15.03 -14.15
C LEU B 862 25.97 15.00 -13.62
N ASP B 863 26.12 15.14 -12.30
CA ASP B 863 27.42 15.08 -11.69
C ASP B 863 27.66 13.69 -11.11
N SER B 864 28.77 13.52 -10.39
CA SER B 864 29.10 12.22 -9.82
C SER B 864 28.10 11.78 -8.77
N THR B 865 27.53 12.72 -8.01
CA THR B 865 26.58 12.38 -6.96
C THR B 865 25.17 12.13 -7.50
N SER B 866 24.97 12.28 -8.80
CA SER B 866 23.69 12.01 -9.43
C SER B 866 23.41 10.52 -9.59
N PHE B 867 24.43 9.68 -9.47
CA PHE B 867 24.33 8.29 -9.89
C PHE B 867 24.38 7.37 -8.67
N ALA B 868 23.51 6.37 -8.67
CA ALA B 868 23.45 5.36 -7.63
C ALA B 868 23.27 3.99 -8.27
N ASN B 869 23.20 2.94 -7.45
CA ASN B 869 23.07 1.58 -7.91
C ASN B 869 21.59 1.21 -8.01
N SER B 870 21.22 0.57 -9.12
CA SER B 870 19.86 0.06 -9.29
C SER B 870 19.75 -1.42 -8.93
N ARG B 871 20.86 -2.13 -8.76
CA ARG B 871 20.84 -3.55 -8.47
C ARG B 871 20.89 -3.84 -6.98
N ASP B 872 20.90 -2.80 -6.16
CA ASP B 872 20.83 -2.95 -4.70
C ASP B 872 19.87 -1.90 -4.17
N THR B 873 19.69 -1.92 -2.86
CA THR B 873 18.87 -0.93 -2.17
C THR B 873 19.68 0.27 -1.72
N SER B 874 21.00 0.25 -1.90
CA SER B 874 21.87 1.31 -1.43
C SER B 874 21.58 2.66 -2.09
N PHE B 875 20.84 2.68 -3.19
CA PHE B 875 20.39 3.96 -3.74
C PHE B 875 19.58 4.75 -2.72
N GLU B 876 18.86 4.05 -1.84
CA GLU B 876 18.16 4.74 -0.76
C GLU B 876 19.12 5.53 0.11
N GLN B 877 20.20 4.90 0.55
CA GLN B 877 21.16 5.60 1.40
C GLN B 877 21.84 6.72 0.64
N HIS B 878 22.19 6.48 -0.63
CA HIS B 878 22.82 7.52 -1.44
C HIS B 878 21.90 8.74 -1.58
N VAL B 879 20.63 8.50 -1.88
CA VAL B 879 19.68 9.59 -2.06
C VAL B 879 19.48 10.34 -0.76
N LEU B 880 19.17 9.61 0.32
CA LEU B 880 18.88 10.25 1.60
C LEU B 880 20.09 11.01 2.13
N TRP B 881 21.30 10.58 1.80
CA TRP B 881 22.47 11.35 2.18
C TRP B 881 22.60 12.60 1.33
N HIS B 882 22.59 12.45 0.01
CA HIS B 882 22.87 13.57 -0.87
C HIS B 882 21.72 14.55 -0.95
N THR B 883 20.57 14.22 -0.38
CA THR B 883 19.43 15.12 -0.31
C THR B 883 19.23 15.72 1.06
N GLY B 884 20.12 15.42 2.01
CA GLY B 884 19.97 15.93 3.35
C GLY B 884 18.95 15.21 4.20
N GLY B 885 18.65 13.95 3.88
CA GLY B 885 17.63 13.21 4.59
C GLY B 885 16.21 13.57 4.21
N LYS B 886 16.03 14.57 3.35
CA LYS B 886 14.69 15.03 3.03
C LYS B 886 13.99 14.06 2.07
N GLY B 887 14.70 13.63 1.04
CA GLY B 887 14.14 12.77 0.02
C GLY B 887 14.14 13.44 -1.33
N VAL B 888 13.43 12.87 -2.29
CA VAL B 888 13.29 13.45 -3.62
C VAL B 888 11.83 13.82 -3.82
N ASP B 889 11.59 14.83 -4.66
CA ASP B 889 10.22 15.27 -4.91
C ASP B 889 9.46 14.28 -5.77
N LEU B 890 10.16 13.54 -6.63
CA LEU B 890 9.55 12.54 -7.50
C LEU B 890 10.41 11.31 -7.51
N VAL B 891 9.78 10.15 -7.73
CA VAL B 891 10.46 8.89 -7.94
C VAL B 891 9.80 8.20 -9.11
N LEU B 892 10.46 8.20 -10.27
CA LEU B 892 10.02 7.41 -11.40
C LEU B 892 10.62 6.02 -11.22
N ASN B 893 9.80 5.08 -10.76
CA ASN B 893 10.26 3.80 -10.28
C ASN B 893 9.85 2.68 -11.23
N SER B 894 10.82 1.88 -11.67
CA SER B 894 10.56 0.63 -12.36
C SER B 894 11.15 -0.56 -11.61
N LEU B 895 11.75 -0.32 -10.44
CA LEU B 895 12.34 -1.38 -9.64
C LEU B 895 11.24 -2.13 -8.90
N ALA B 896 11.58 -3.30 -8.35
CA ALA B 896 10.57 -4.20 -7.80
C ALA B 896 10.97 -4.68 -6.41
N GLU B 897 9.98 -5.14 -5.68
CA GLU B 897 10.13 -5.82 -4.38
C GLU B 897 10.79 -4.85 -3.41
N GLU B 898 11.85 -5.26 -2.69
CA GLU B 898 12.47 -4.37 -1.71
C GLU B 898 13.01 -3.11 -2.38
N LYS B 899 13.48 -3.22 -3.62
CA LYS B 899 13.96 -2.07 -4.36
C LYS B 899 12.87 -1.03 -4.58
N LEU B 900 11.61 -1.47 -4.67
CA LEU B 900 10.50 -0.54 -4.66
C LEU B 900 10.34 0.11 -3.29
N GLN B 901 10.40 -0.69 -2.23
CA GLN B 901 10.19 -0.16 -0.89
C GLN B 901 11.24 0.88 -0.54
N ALA B 902 12.50 0.59 -0.85
CA ALA B 902 13.55 1.58 -0.70
C ALA B 902 13.24 2.84 -1.49
N SER B 903 12.75 2.67 -2.72
CA SER B 903 12.36 3.83 -3.52
C SER B 903 11.25 4.61 -2.84
N VAL B 904 10.33 3.93 -2.17
CA VAL B 904 9.29 4.63 -1.43
C VAL B 904 9.90 5.36 -0.24
N ARG B 905 10.94 4.77 0.36
CA ARG B 905 11.62 5.40 1.47
C ARG B 905 12.48 6.58 1.03
N CYS B 906 12.68 6.75 -0.27
CA CYS B 906 13.42 7.89 -0.79
C CYS B 906 12.53 9.11 -1.00
N LEU B 907 11.22 8.98 -0.81
CA LEU B 907 10.31 10.09 -1.07
C LEU B 907 10.44 11.17 -0.01
N ALA B 908 10.37 12.42 -0.46
CA ALA B 908 10.32 13.57 0.42
C ALA B 908 8.87 13.87 0.79
N THR B 909 8.68 14.86 1.64
CA THR B 909 7.35 15.36 1.91
C THR B 909 6.76 15.97 0.63
N HIS B 910 5.49 15.68 0.38
CA HIS B 910 4.80 16.02 -0.86
C HIS B 910 5.42 15.31 -2.07
N GLY B 911 6.13 14.21 -1.82
CA GLY B 911 6.77 13.51 -2.91
C GLY B 911 5.76 12.74 -3.75
N ARG B 912 6.09 12.62 -5.03
CA ARG B 912 5.25 11.90 -5.99
C ARG B 912 5.98 10.65 -6.44
N PHE B 913 5.40 9.48 -6.16
CA PHE B 913 5.97 8.20 -6.52
C PHE B 913 5.22 7.68 -7.75
N LEU B 914 5.87 7.73 -8.90
CA LEU B 914 5.28 7.30 -10.16
C LEU B 914 5.74 5.87 -10.41
N GLU B 915 4.82 4.92 -10.28
CA GLU B 915 5.12 3.51 -10.44
C GLU B 915 4.82 3.11 -11.89
N ILE B 916 5.87 2.94 -12.69
CA ILE B 916 5.72 2.45 -14.06
C ILE B 916 6.10 0.99 -14.20
N GLY B 917 6.66 0.38 -13.17
CA GLY B 917 6.83 -1.06 -13.15
C GLY B 917 5.53 -1.77 -12.86
N LYS B 918 5.55 -3.09 -13.06
CA LYS B 918 4.33 -3.88 -12.96
C LYS B 918 4.40 -5.04 -11.99
N PHE B 919 5.58 -5.48 -11.56
CA PHE B 919 5.68 -6.71 -10.78
C PHE B 919 4.98 -6.59 -9.43
N ASP B 920 5.32 -5.56 -8.65
CA ASP B 920 4.67 -5.38 -7.36
C ASP B 920 3.20 -5.03 -7.52
N LEU B 921 2.86 -4.33 -8.61
CA LEU B 921 1.46 -4.04 -8.90
C LEU B 921 0.70 -5.31 -9.21
N SER B 922 1.24 -6.15 -10.10
CA SER B 922 0.54 -7.37 -10.49
C SER B 922 0.47 -8.38 -9.35
N GLN B 923 1.46 -8.39 -8.47
CA GLN B 923 1.48 -9.33 -7.36
C GLN B 923 0.68 -8.86 -6.16
N ASN B 924 0.11 -7.67 -6.20
CA ASN B 924 -0.64 -7.09 -5.09
C ASN B 924 0.22 -7.04 -3.83
N HIS B 925 1.47 -6.68 -4.00
CA HIS B 925 2.39 -6.59 -2.87
C HIS B 925 1.93 -5.48 -1.93
N PRO B 926 2.15 -5.62 -0.63
CA PRO B 926 1.68 -4.58 0.30
C PRO B 926 2.53 -3.34 0.23
N LEU B 927 1.87 -2.20 0.36
CA LEU B 927 2.54 -0.91 0.49
C LEU B 927 2.10 -0.29 1.82
N GLY B 928 3.06 -0.08 2.71
CA GLY B 928 2.76 0.57 3.98
C GLY B 928 2.26 1.98 3.78
N MET B 929 1.13 2.29 4.39
CA MET B 929 0.44 3.55 4.16
C MET B 929 1.00 4.71 4.97
N ALA B 930 1.92 4.44 5.90
CA ALA B 930 2.56 5.52 6.66
C ALA B 930 3.28 6.51 5.77
N ILE B 931 3.72 6.09 4.58
CA ILE B 931 4.34 7.01 3.65
C ILE B 931 3.40 8.15 3.30
N PHE B 932 2.10 7.88 3.22
CA PHE B 932 1.15 8.93 2.89
C PHE B 932 0.98 9.94 4.02
N LEU B 933 1.55 9.67 5.19
CA LEU B 933 1.63 10.70 6.21
C LEU B 933 2.57 11.84 5.82
N LYS B 934 3.38 11.64 4.80
CA LYS B 934 4.29 12.67 4.30
C LYS B 934 3.68 13.49 3.17
N ASN B 935 2.35 13.55 3.09
CA ASN B 935 1.65 14.23 2.01
C ASN B 935 2.07 13.68 0.64
N VAL B 936 2.32 12.38 0.60
CA VAL B 936 2.91 11.72 -0.55
C VAL B 936 1.80 11.27 -1.49
N THR B 937 2.01 11.45 -2.78
CA THR B 937 1.12 10.97 -3.82
C THR B 937 1.74 9.73 -4.44
N PHE B 938 0.92 8.70 -4.67
CA PHE B 938 1.35 7.46 -5.31
C PHE B 938 0.56 7.27 -6.59
N HIS B 939 1.25 7.42 -7.73
CA HIS B 939 0.65 7.27 -9.04
C HIS B 939 0.93 5.87 -9.56
N GLY B 940 -0.12 5.18 -9.99
CA GLY B 940 0.07 4.01 -10.82
C GLY B 940 0.03 4.45 -12.26
N VAL B 941 1.19 4.51 -12.92
CA VAL B 941 1.30 5.12 -14.24
C VAL B 941 1.29 4.00 -15.27
N LEU B 942 0.29 4.01 -16.14
CA LEU B 942 0.14 3.03 -17.21
C LEU B 942 -0.22 3.76 -18.49
N LEU B 943 0.76 3.92 -19.38
CA LEU B 943 0.51 4.57 -20.65
C LEU B 943 -0.41 3.74 -21.55
N ASP B 944 -0.45 2.42 -21.36
CA ASP B 944 -1.29 1.56 -22.16
C ASP B 944 -2.79 1.84 -21.97
N ALA B 945 -3.15 2.62 -20.95
CA ALA B 945 -4.53 3.05 -20.78
C ALA B 945 -4.95 4.08 -21.82
N PHE B 946 -4.00 4.63 -22.59
CA PHE B 946 -4.33 5.65 -23.58
C PHE B 946 -4.82 5.07 -24.90
N PHE B 947 -4.74 3.76 -25.09
CA PHE B 947 -5.20 3.12 -26.30
C PHE B 947 -6.64 2.60 -26.20
N ASN B 948 -7.25 2.70 -25.02
CA ASN B 948 -8.61 2.23 -24.81
C ASN B 948 -9.65 3.31 -25.04
N GLU B 949 -9.39 4.53 -24.60
CA GLU B 949 -10.30 5.66 -24.77
C GLU B 949 -9.82 6.67 -25.81
N SER B 950 -8.53 7.00 -25.81
CA SER B 950 -7.93 7.90 -26.80
C SER B 950 -8.62 9.27 -26.81
N SER B 951 -8.91 9.79 -25.62
CA SER B 951 -9.57 11.08 -25.49
C SER B 951 -8.52 12.20 -25.55
N ALA B 952 -8.92 13.40 -25.13
CA ALA B 952 -7.98 14.51 -25.03
C ALA B 952 -6.91 14.28 -23.97
N ASP B 953 -7.11 13.32 -23.07
CA ASP B 953 -6.07 12.99 -22.11
C ASP B 953 -4.82 12.45 -22.80
N TRP B 954 -5.01 11.65 -23.84
CA TRP B 954 -3.86 11.24 -24.65
C TRP B 954 -3.32 12.42 -25.46
N ARG B 955 -4.20 13.28 -25.98
CA ARG B 955 -3.73 14.40 -26.77
C ARG B 955 -2.88 15.36 -25.94
N GLU B 956 -3.08 15.39 -24.62
CA GLU B 956 -2.19 16.16 -23.76
C GLU B 956 -0.77 15.62 -23.81
N VAL B 957 -0.62 14.29 -23.66
CA VAL B 957 0.71 13.68 -23.74
C VAL B 957 1.29 13.82 -25.13
N TRP B 958 0.44 13.73 -26.16
CA TRP B 958 0.89 13.91 -27.53
C TRP B 958 1.44 15.31 -27.73
N ALA B 959 0.72 16.32 -27.25
CA ALA B 959 1.18 17.70 -27.39
C ALA B 959 2.45 17.93 -26.59
N LEU B 960 2.58 17.28 -25.44
CA LEU B 960 3.82 17.36 -24.67
C LEU B 960 4.99 16.79 -25.45
N VAL B 961 4.80 15.63 -26.08
CA VAL B 961 5.87 15.04 -26.89
C VAL B 961 6.20 15.93 -28.09
N GLN B 962 5.18 16.46 -28.76
CA GLN B 962 5.40 17.32 -29.91
C GLN B 962 6.13 18.61 -29.52
N ALA B 963 5.76 19.19 -28.39
CA ALA B 963 6.44 20.38 -27.89
C ALA B 963 7.88 20.06 -27.53
N GLY B 964 8.12 18.95 -26.85
CA GLY B 964 9.48 18.55 -26.55
C GLY B 964 10.29 18.29 -27.81
N ILE B 965 9.61 17.87 -28.88
CA ILE B 965 10.28 17.69 -30.16
C ILE B 965 10.68 19.03 -30.75
N ARG B 966 9.76 20.00 -30.78
CA ARG B 966 10.09 21.29 -31.37
C ARG B 966 11.01 22.11 -30.47
N ASP B 967 11.03 21.84 -29.17
CA ASP B 967 11.94 22.50 -28.25
C ASP B 967 13.26 21.77 -28.07
N GLY B 968 13.48 20.66 -28.79
CA GLY B 968 14.72 19.93 -28.68
C GLY B 968 14.87 19.12 -27.42
N VAL B 969 13.88 19.14 -26.53
CA VAL B 969 13.97 18.36 -25.29
C VAL B 969 13.90 16.87 -25.59
N VAL B 970 12.93 16.47 -26.40
CA VAL B 970 12.79 15.08 -26.81
C VAL B 970 13.89 14.80 -27.83
N ARG B 971 14.86 13.98 -27.45
CA ARG B 971 15.94 13.63 -28.34
C ARG B 971 15.99 12.12 -28.52
N PRO B 972 16.22 11.64 -29.75
CA PRO B 972 16.24 10.20 -29.96
C PRO B 972 17.32 9.52 -29.15
N LEU B 973 16.98 8.34 -28.63
CA LEU B 973 17.95 7.57 -27.85
C LEU B 973 18.91 6.85 -28.79
N LYS B 974 19.92 6.22 -28.19
CA LYS B 974 20.79 5.34 -28.95
C LYS B 974 20.01 4.12 -29.40
N CYS B 975 20.21 3.72 -30.65
CA CYS B 975 19.47 2.64 -31.26
C CYS B 975 20.43 1.55 -31.72
N THR B 976 20.29 0.36 -31.14
CA THR B 976 20.95 -0.84 -31.63
C THR B 976 20.00 -1.49 -32.63
N VAL B 977 20.41 -1.56 -33.90
CA VAL B 977 19.52 -1.93 -34.99
C VAL B 977 19.82 -3.35 -35.45
N PHE B 978 18.78 -4.17 -35.49
CA PHE B 978 18.80 -5.48 -36.11
C PHE B 978 17.89 -5.43 -37.33
N HIS B 979 18.36 -5.95 -38.45
CA HIS B 979 17.53 -5.96 -39.66
C HIS B 979 16.34 -6.87 -39.45
N GLY B 980 15.30 -6.66 -40.26
CA GLY B 980 14.09 -7.45 -40.14
C GLY B 980 14.29 -8.92 -40.41
N ALA B 981 15.37 -9.29 -41.11
CA ALA B 981 15.61 -10.70 -41.39
C ALA B 981 15.97 -11.48 -40.13
N GLN B 982 16.50 -10.79 -39.12
CA GLN B 982 16.86 -11.44 -37.85
C GLN B 982 16.24 -10.64 -36.70
N VAL B 983 15.00 -10.95 -36.36
CA VAL B 983 14.29 -10.31 -35.27
C VAL B 983 14.53 -11.10 -34.00
N GLU B 984 14.75 -12.41 -34.15
CA GLU B 984 15.00 -13.25 -33.00
C GLU B 984 16.25 -12.79 -32.25
N ASP B 985 17.30 -12.46 -32.99
CA ASP B 985 18.53 -11.98 -32.35
C ASP B 985 18.32 -10.67 -31.63
N ALA B 986 17.48 -9.78 -32.17
CA ALA B 986 17.14 -8.56 -31.43
C ALA B 986 16.49 -8.90 -30.11
N PHE B 987 15.59 -9.88 -30.10
CA PHE B 987 14.88 -10.26 -28.88
C PHE B 987 15.84 -10.85 -27.86
N ARG B 988 16.66 -11.83 -28.26
CA ARG B 988 17.57 -12.42 -27.29
C ARG B 988 18.68 -11.46 -26.89
N TYR B 989 19.00 -10.49 -27.74
CA TYR B 989 19.97 -9.48 -27.36
C TYR B 989 19.40 -8.57 -26.28
N MET B 990 18.18 -8.09 -26.47
CA MET B 990 17.62 -7.18 -25.50
C MET B 990 17.18 -7.90 -24.24
N ALA B 991 16.98 -9.22 -24.32
CA ALA B 991 16.60 -10.00 -23.14
C ALA B 991 17.73 -10.03 -22.11
N GLN B 992 18.97 -10.09 -22.57
CA GLN B 992 20.09 -10.14 -21.64
C GLN B 992 20.26 -8.84 -20.88
N GLY B 993 19.94 -7.71 -21.50
CA GLY B 993 19.93 -6.44 -20.82
C GLY B 993 21.19 -5.62 -20.93
N LYS B 994 22.14 -6.02 -21.77
CA LYS B 994 23.34 -5.21 -21.96
C LYS B 994 23.07 -4.01 -22.85
N HIS B 995 21.89 -3.94 -23.45
CA HIS B 995 21.55 -2.83 -24.33
C HIS B 995 21.39 -1.54 -23.54
N ILE B 996 21.81 -0.44 -24.16
CA ILE B 996 21.59 0.90 -23.63
C ILE B 996 20.77 1.67 -24.66
N GLY B 997 19.64 2.21 -24.23
CA GLY B 997 18.77 2.94 -25.13
C GLY B 997 17.64 2.09 -25.66
N LYS B 998 17.58 1.92 -26.99
CA LYS B 998 16.49 1.22 -27.63
C LYS B 998 17.04 0.23 -28.65
N VAL B 999 16.44 -0.95 -28.67
CA VAL B 999 16.68 -1.94 -29.71
C VAL B 999 15.63 -1.72 -30.79
N VAL B 1000 16.07 -1.62 -32.03
CA VAL B 1000 15.20 -1.26 -33.16
C VAL B 1000 15.37 -2.32 -34.24
N VAL B 1001 14.26 -2.88 -34.70
CA VAL B 1001 14.24 -3.77 -35.84
C VAL B 1001 13.93 -2.95 -37.07
N GLN B 1002 14.86 -2.90 -38.01
CA GLN B 1002 14.65 -2.21 -39.28
C GLN B 1002 13.84 -3.12 -40.20
N VAL B 1003 12.57 -2.78 -40.38
CA VAL B 1003 11.74 -3.52 -41.32
C VAL B 1003 12.02 -3.08 -42.75
N LEU B 1004 12.20 -1.78 -42.96
CA LEU B 1004 12.47 -1.21 -44.26
C LEU B 1004 13.55 -0.16 -44.13
N ALA B 1005 14.55 -0.22 -45.01
CA ALA B 1005 15.61 0.78 -44.98
C ALA B 1005 15.08 2.11 -45.48
N GLU B 1006 15.43 3.18 -44.76
CA GLU B 1006 14.90 4.51 -45.08
C GLU B 1006 15.54 5.02 -46.37
N GLU B 1007 14.74 5.11 -47.42
CA GLU B 1007 15.20 5.69 -48.67
C GLU B 1007 15.42 7.19 -48.49
N PRO B 1008 16.31 7.79 -49.28
CA PRO B 1008 16.52 9.25 -49.15
C PRO B 1008 15.41 10.03 -49.83
N GLU B 1009 14.47 10.54 -49.03
CA GLU B 1009 13.34 11.31 -49.51
C GLU B 1009 12.58 11.82 -48.29
N ALA B 1010 11.89 12.95 -48.47
CA ALA B 1010 11.10 13.56 -47.41
C ALA B 1010 9.69 12.96 -47.35
N VAL B 1011 8.99 12.97 -48.47
CA VAL B 1011 7.67 12.36 -48.59
C VAL B 1011 7.69 11.53 -49.88
N LEU B 1012 7.99 10.25 -49.76
CA LEU B 1012 7.99 9.34 -50.91
C LEU B 1012 6.55 8.89 -51.17
N LYS B 1013 6.08 9.15 -52.40
CA LYS B 1013 4.68 8.90 -52.72
C LYS B 1013 4.34 7.41 -52.64
N GLY B 1014 5.29 6.55 -52.99
CA GLY B 1014 5.06 5.12 -52.96
C GLY B 1014 4.66 4.60 -51.59
N ALA B 1015 5.61 4.62 -50.65
CA ALA B 1015 5.39 4.24 -49.26
C ALA B 1015 4.86 2.81 -49.11
N LYS B 1016 5.09 1.97 -50.10
CA LYS B 1016 4.61 0.59 -50.02
C LYS B 1016 5.64 -0.29 -49.32
N PRO B 1017 5.22 -1.21 -48.45
CA PRO B 1017 6.18 -2.15 -47.86
C PRO B 1017 6.75 -3.08 -48.92
N LYS B 1018 8.02 -3.42 -48.76
CA LYS B 1018 8.65 -4.38 -49.66
C LYS B 1018 8.12 -5.78 -49.39
N LEU B 1019 8.10 -6.61 -50.42
CA LEU B 1019 7.60 -7.97 -50.29
C LEU B 1019 8.64 -8.85 -49.61
N MET B 1020 8.29 -9.39 -48.46
CA MET B 1020 9.14 -10.37 -47.79
C MET B 1020 8.38 -11.67 -47.63
N SER B 1021 9.12 -12.76 -47.50
CA SER B 1021 8.52 -14.07 -47.30
C SER B 1021 8.08 -14.21 -45.85
N ALA B 1022 6.78 -14.36 -45.62
CA ALA B 1022 6.25 -14.54 -44.28
C ALA B 1022 5.40 -15.79 -44.25
N ILE B 1023 5.32 -16.40 -43.06
CA ILE B 1023 4.52 -17.61 -42.90
C ILE B 1023 3.07 -17.33 -43.28
N SER B 1024 2.52 -18.16 -44.15
CA SER B 1024 1.15 -17.98 -44.59
C SER B 1024 0.18 -18.18 -43.43
N LYS B 1025 -0.74 -17.24 -43.25
CA LYS B 1025 -1.76 -17.34 -42.23
C LYS B 1025 -3.10 -17.03 -42.88
N THR B 1026 -4.13 -17.75 -42.48
CA THR B 1026 -5.46 -17.57 -43.05
C THR B 1026 -6.09 -16.32 -42.45
N PHE B 1027 -6.39 -15.34 -43.30
CA PHE B 1027 -7.13 -14.16 -42.90
C PHE B 1027 -8.18 -13.88 -43.95
N CYS B 1028 -9.26 -13.22 -43.54
CA CYS B 1028 -10.37 -13.00 -44.44
C CYS B 1028 -10.73 -11.53 -44.52
N PRO B 1029 -11.16 -11.05 -45.68
CA PRO B 1029 -11.61 -9.66 -45.78
C PRO B 1029 -12.88 -9.44 -44.98
N ALA B 1030 -13.02 -8.23 -44.46
CA ALA B 1030 -14.22 -7.88 -43.70
C ALA B 1030 -15.42 -7.63 -44.60
N HIS B 1031 -15.19 -7.45 -45.89
CA HIS B 1031 -16.26 -7.16 -46.84
C HIS B 1031 -16.81 -8.41 -47.50
N LYS B 1032 -16.31 -9.59 -47.16
CA LYS B 1032 -16.73 -10.83 -47.79
C LYS B 1032 -17.55 -11.66 -46.81
N SER B 1033 -18.50 -12.41 -47.37
CA SER B 1033 -19.38 -13.28 -46.59
C SER B 1033 -18.89 -14.72 -46.67
N TYR B 1034 -19.00 -15.43 -45.56
CA TYR B 1034 -18.49 -16.78 -45.45
C TYR B 1034 -19.58 -17.70 -44.95
N ILE B 1035 -19.77 -18.83 -45.62
CA ILE B 1035 -20.83 -19.78 -45.31
C ILE B 1035 -20.23 -21.01 -44.67
N ILE B 1036 -20.83 -21.45 -43.58
CA ILE B 1036 -20.50 -22.74 -42.97
C ILE B 1036 -21.78 -23.57 -42.98
N ALA B 1037 -21.89 -24.45 -43.95
CA ALA B 1037 -23.00 -25.41 -43.95
C ALA B 1037 -22.82 -26.36 -42.77
N GLY B 1038 -23.83 -26.45 -41.92
CA GLY B 1038 -23.66 -27.16 -40.67
C GLY B 1038 -22.82 -26.40 -39.67
N GLY B 1039 -22.91 -25.07 -39.69
CA GLY B 1039 -22.12 -24.22 -38.84
C GLY B 1039 -22.59 -24.09 -37.41
N LEU B 1040 -23.72 -24.71 -37.08
CA LEU B 1040 -24.21 -24.72 -35.71
C LEU B 1040 -23.78 -25.95 -34.94
N GLY B 1041 -23.06 -26.87 -35.58
CA GLY B 1041 -22.51 -28.02 -34.88
C GLY B 1041 -21.29 -27.66 -34.06
N GLY B 1042 -20.73 -28.67 -33.43
CA GLY B 1042 -19.56 -28.47 -32.59
C GLY B 1042 -18.39 -27.92 -33.38
N PHE B 1043 -17.94 -28.71 -34.36
CA PHE B 1043 -16.90 -28.22 -35.25
C PHE B 1043 -17.37 -26.99 -36.02
N GLY B 1044 -18.66 -26.91 -36.35
CA GLY B 1044 -19.16 -25.74 -37.05
C GLY B 1044 -19.02 -24.47 -36.23
N LEU B 1045 -19.43 -24.52 -34.96
CA LEU B 1045 -19.31 -23.35 -34.10
C LEU B 1045 -17.86 -23.00 -33.84
N GLU B 1046 -17.01 -24.01 -33.65
CA GLU B 1046 -15.60 -23.75 -33.40
C GLU B 1046 -14.93 -23.12 -34.63
N LEU B 1047 -15.25 -23.63 -35.82
CA LEU B 1047 -14.74 -23.05 -37.05
C LEU B 1047 -15.26 -21.63 -37.25
N ALA B 1048 -16.52 -21.38 -36.90
CA ALA B 1048 -17.08 -20.05 -37.02
C ALA B 1048 -16.34 -19.06 -36.12
N GLN B 1049 -16.12 -19.44 -34.86
CA GLN B 1049 -15.33 -18.60 -33.96
C GLN B 1049 -13.93 -18.37 -34.50
N TRP B 1050 -13.29 -19.42 -35.01
CA TRP B 1050 -11.96 -19.28 -35.57
C TRP B 1050 -11.95 -18.32 -36.76
N LEU B 1051 -13.01 -18.36 -37.57
CA LEU B 1051 -13.09 -17.47 -38.73
C LEU B 1051 -13.31 -16.03 -38.29
N ILE B 1052 -14.16 -15.80 -37.29
CA ILE B 1052 -14.29 -14.44 -36.76
C ILE B 1052 -12.95 -13.95 -36.24
N GLN B 1053 -12.19 -14.83 -35.57
CA GLN B 1053 -10.86 -14.45 -35.11
C GLN B 1053 -9.90 -14.20 -36.27
N ARG B 1054 -10.23 -14.67 -37.47
CA ARG B 1054 -9.40 -14.47 -38.64
C ARG B 1054 -9.90 -13.36 -39.55
N GLY B 1055 -10.85 -12.54 -39.07
CA GLY B 1055 -11.32 -11.40 -39.82
C GLY B 1055 -12.67 -11.56 -40.49
N VAL B 1056 -13.32 -12.70 -40.36
CA VAL B 1056 -14.64 -12.88 -40.96
C VAL B 1056 -15.64 -12.00 -40.23
N GLN B 1057 -16.31 -11.14 -40.99
CA GLN B 1057 -17.31 -10.24 -40.44
C GLN B 1057 -18.72 -10.55 -40.90
N LYS B 1058 -18.89 -11.35 -41.94
CA LYS B 1058 -20.21 -11.71 -42.46
C LYS B 1058 -20.27 -13.23 -42.53
N LEU B 1059 -20.99 -13.83 -41.58
CA LEU B 1059 -21.08 -15.27 -41.46
C LEU B 1059 -22.50 -15.74 -41.77
N VAL B 1060 -22.60 -16.83 -42.51
CA VAL B 1060 -23.89 -17.48 -42.78
C VAL B 1060 -23.74 -18.93 -42.35
N LEU B 1061 -24.19 -19.25 -41.15
CA LEU B 1061 -24.24 -20.62 -40.67
C LEU B 1061 -25.59 -21.24 -41.04
N THR B 1062 -25.54 -22.44 -41.60
CA THR B 1062 -26.75 -23.13 -42.02
C THR B 1062 -26.98 -24.35 -41.15
N SER B 1063 -28.23 -24.56 -40.78
CA SER B 1063 -28.63 -25.73 -40.00
C SER B 1063 -30.08 -26.04 -40.36
N ARG B 1064 -30.41 -27.33 -40.41
CA ARG B 1064 -31.79 -27.72 -40.68
C ARG B 1064 -32.71 -27.29 -39.56
N SER B 1065 -32.25 -27.40 -38.31
CA SER B 1065 -33.08 -27.15 -37.15
C SER B 1065 -32.87 -25.78 -36.53
N GLY B 1066 -31.96 -24.97 -37.07
CA GLY B 1066 -31.73 -23.67 -36.49
C GLY B 1066 -31.07 -23.75 -35.13
N ILE B 1067 -31.17 -22.65 -34.39
CA ILE B 1067 -30.57 -22.56 -33.06
C ILE B 1067 -31.48 -23.26 -32.06
N ARG B 1068 -31.00 -24.35 -31.48
CA ARG B 1068 -31.73 -25.07 -30.44
C ARG B 1068 -31.01 -25.06 -29.11
N THR B 1069 -29.71 -25.35 -29.10
CA THR B 1069 -28.97 -25.42 -27.86
C THR B 1069 -28.63 -24.02 -27.34
N GLY B 1070 -28.39 -23.94 -26.03
CA GLY B 1070 -27.97 -22.68 -25.45
C GLY B 1070 -26.54 -22.32 -25.80
N TYR B 1071 -25.71 -23.32 -26.06
CA TYR B 1071 -24.34 -23.04 -26.52
C TYR B 1071 -24.34 -22.32 -27.86
N GLN B 1072 -25.15 -22.81 -28.80
CA GLN B 1072 -25.27 -22.17 -30.10
C GLN B 1072 -25.74 -20.73 -29.95
N ALA B 1073 -26.78 -20.52 -29.13
CA ALA B 1073 -27.31 -19.18 -28.93
C ALA B 1073 -26.26 -18.26 -28.33
N LYS B 1074 -25.53 -18.73 -27.32
CA LYS B 1074 -24.52 -17.91 -26.67
C LYS B 1074 -23.43 -17.53 -27.66
N GLN B 1075 -22.95 -18.51 -28.45
CA GLN B 1075 -21.89 -18.22 -29.42
C GLN B 1075 -22.36 -17.22 -30.47
N VAL B 1076 -23.55 -17.45 -31.03
CA VAL B 1076 -24.05 -16.60 -32.10
C VAL B 1076 -24.29 -15.19 -31.58
N ARG B 1077 -24.88 -15.06 -30.39
CA ARG B 1077 -25.14 -13.73 -29.86
C ARG B 1077 -23.86 -13.02 -29.48
N ARG B 1078 -22.85 -13.76 -29.02
CA ARG B 1078 -21.55 -13.15 -28.75
C ARG B 1078 -20.92 -12.63 -30.02
N TRP B 1079 -21.00 -13.40 -31.12
CA TRP B 1079 -20.45 -12.92 -32.39
C TRP B 1079 -21.21 -11.70 -32.89
N ARG B 1080 -22.53 -11.72 -32.78
CA ARG B 1080 -23.33 -10.58 -33.23
C ARG B 1080 -23.02 -9.33 -32.42
N ARG B 1081 -22.86 -9.48 -31.11
CA ARG B 1081 -22.48 -8.35 -30.27
C ARG B 1081 -21.07 -7.88 -30.58
N GLN B 1082 -20.19 -8.78 -30.99
CA GLN B 1082 -18.84 -8.39 -31.38
C GLN B 1082 -18.83 -7.58 -32.67
N GLY B 1083 -19.93 -7.60 -33.41
CA GLY B 1083 -20.03 -6.86 -34.66
C GLY B 1083 -20.08 -7.72 -35.91
N VAL B 1084 -20.18 -9.04 -35.79
CA VAL B 1084 -20.19 -9.91 -36.95
C VAL B 1084 -21.62 -10.17 -37.39
N GLN B 1085 -21.88 -10.01 -38.68
CA GLN B 1085 -23.20 -10.32 -39.24
C GLN B 1085 -23.30 -11.83 -39.37
N VAL B 1086 -23.85 -12.46 -38.33
CA VAL B 1086 -24.04 -13.91 -38.33
C VAL B 1086 -25.49 -14.20 -38.68
N GLN B 1087 -25.70 -14.88 -39.80
CA GLN B 1087 -27.02 -15.28 -40.25
C GLN B 1087 -27.15 -16.78 -40.09
N VAL B 1088 -28.16 -17.21 -39.34
CA VAL B 1088 -28.46 -18.62 -39.14
C VAL B 1088 -29.49 -18.98 -40.21
N SER B 1089 -29.02 -19.53 -41.32
CA SER B 1089 -29.88 -19.90 -42.43
C SER B 1089 -30.36 -21.33 -42.27
N THR B 1090 -31.55 -21.59 -42.82
CA THR B 1090 -32.12 -22.93 -42.85
C THR B 1090 -32.05 -23.53 -44.26
N SER B 1091 -31.52 -22.77 -45.22
CA SER B 1091 -31.43 -23.21 -46.59
C SER B 1091 -30.62 -24.50 -46.67
N ASN B 1092 -31.30 -25.60 -47.01
CA ASN B 1092 -30.65 -26.90 -47.08
C ASN B 1092 -29.87 -27.01 -48.39
N ILE B 1093 -28.55 -27.20 -48.27
CA ILE B 1093 -27.71 -27.35 -49.45
C ILE B 1093 -27.94 -28.65 -50.19
N SER B 1094 -28.73 -29.57 -49.62
CA SER B 1094 -29.02 -30.83 -50.29
C SER B 1094 -29.72 -30.59 -51.62
N SER B 1095 -30.63 -29.63 -51.66
CA SER B 1095 -31.31 -29.26 -52.90
C SER B 1095 -30.56 -28.13 -53.58
N LEU B 1096 -30.56 -28.15 -54.92
CA LEU B 1096 -29.89 -27.10 -55.67
C LEU B 1096 -30.52 -25.74 -55.42
N GLU B 1097 -31.85 -25.70 -55.31
CA GLU B 1097 -32.52 -24.44 -55.01
C GLU B 1097 -32.12 -23.93 -53.63
N GLY B 1098 -31.97 -24.84 -52.67
CA GLY B 1098 -31.54 -24.43 -51.34
C GLY B 1098 -30.15 -23.82 -51.33
N ALA B 1099 -29.21 -24.44 -52.06
CA ALA B 1099 -27.87 -23.89 -52.13
C ALA B 1099 -27.86 -22.55 -52.88
N ARG B 1100 -28.67 -22.43 -53.93
CA ARG B 1100 -28.77 -21.17 -54.63
C ARG B 1100 -29.27 -20.07 -53.71
N GLY B 1101 -30.33 -20.35 -52.95
CA GLY B 1101 -30.83 -19.36 -52.01
C GLY B 1101 -29.84 -19.04 -50.91
N LEU B 1102 -29.07 -20.05 -50.48
CA LEU B 1102 -28.05 -19.82 -49.47
C LEU B 1102 -26.98 -18.87 -49.98
N ILE B 1103 -26.48 -19.11 -51.19
CA ILE B 1103 -25.52 -18.19 -51.81
C ILE B 1103 -26.15 -16.82 -51.96
N ALA B 1104 -27.46 -16.76 -52.20
CA ALA B 1104 -28.13 -15.46 -52.30
C ALA B 1104 -28.09 -14.70 -50.98
N GLU B 1105 -28.48 -15.35 -49.88
CA GLU B 1105 -28.43 -14.67 -48.58
C GLU B 1105 -27.00 -14.32 -48.20
N ALA B 1106 -26.03 -15.12 -48.62
CA ALA B 1106 -24.63 -14.78 -48.37
C ALA B 1106 -24.22 -13.53 -49.14
N ALA B 1107 -24.52 -13.49 -50.44
CA ALA B 1107 -24.16 -12.35 -51.26
C ALA B 1107 -24.90 -11.10 -50.83
N GLN B 1108 -26.06 -11.26 -50.17
CA GLN B 1108 -26.75 -10.09 -49.64
C GLN B 1108 -25.89 -9.36 -48.63
N LEU B 1109 -25.17 -10.09 -47.78
CA LEU B 1109 -24.24 -9.45 -46.86
C LEU B 1109 -23.00 -8.94 -47.58
N GLY B 1110 -22.44 -9.76 -48.47
CA GLY B 1110 -21.26 -9.40 -49.21
C GLY B 1110 -20.83 -10.51 -50.14
N PRO B 1111 -19.87 -10.23 -51.02
CA PRO B 1111 -19.41 -11.25 -51.97
C PRO B 1111 -18.91 -12.48 -51.24
N VAL B 1112 -19.24 -13.65 -51.77
CA VAL B 1112 -18.95 -14.91 -51.09
C VAL B 1112 -17.46 -15.21 -51.22
N GLY B 1113 -16.75 -15.15 -50.08
CA GLY B 1113 -15.34 -15.44 -50.07
C GLY B 1113 -15.02 -16.87 -49.72
N GLY B 1114 -15.93 -17.55 -49.03
CA GLY B 1114 -15.70 -18.91 -48.62
C GLY B 1114 -16.94 -19.69 -48.24
N VAL B 1115 -16.92 -20.99 -48.55
CA VAL B 1115 -17.99 -21.91 -48.18
C VAL B 1115 -17.35 -23.11 -47.49
N PHE B 1116 -17.96 -23.53 -46.38
CA PHE B 1116 -17.45 -24.64 -45.58
C PHE B 1116 -18.56 -25.65 -45.37
N ASN B 1117 -18.36 -26.86 -45.89
CA ASN B 1117 -19.33 -27.94 -45.79
C ASN B 1117 -19.00 -28.77 -44.56
N LEU B 1118 -19.72 -28.50 -43.48
CA LEU B 1118 -19.66 -29.27 -42.25
C LEU B 1118 -20.98 -29.97 -41.96
N ALA B 1119 -21.95 -29.89 -42.87
CA ALA B 1119 -23.21 -30.58 -42.67
C ALA B 1119 -22.99 -32.09 -42.67
N VAL B 1120 -23.58 -32.78 -41.71
CA VAL B 1120 -23.45 -34.22 -41.60
C VAL B 1120 -24.69 -34.78 -40.93
N VAL B 1121 -25.18 -35.91 -41.46
CA VAL B 1121 -26.11 -36.75 -40.74
C VAL B 1121 -25.52 -38.16 -40.77
N LEU B 1122 -25.75 -38.91 -39.71
CA LEU B 1122 -25.14 -40.22 -39.54
C LEU B 1122 -26.22 -41.29 -39.53
N ARG B 1123 -26.06 -42.28 -40.41
CA ARG B 1123 -26.87 -43.50 -40.39
C ARG B 1123 -25.87 -44.65 -40.35
N ASP B 1124 -25.40 -44.96 -39.14
CA ASP B 1124 -24.37 -45.97 -38.96
C ASP B 1124 -24.99 -47.36 -39.11
N GLY B 1125 -24.20 -48.38 -38.84
CA GLY B 1125 -24.66 -49.73 -38.99
C GLY B 1125 -23.92 -50.46 -40.10
N LEU B 1126 -23.80 -51.78 -39.93
CA LEU B 1126 -23.06 -52.58 -40.89
C LEU B 1126 -23.83 -52.66 -42.22
N LEU B 1127 -23.15 -53.18 -43.24
CA LEU B 1127 -23.76 -53.28 -44.56
C LEU B 1127 -24.97 -54.19 -44.55
N GLU B 1128 -24.99 -55.20 -43.67
CA GLU B 1128 -26.13 -56.09 -43.56
C GLU B 1128 -27.38 -55.33 -43.15
N ASN B 1129 -27.28 -54.55 -42.06
CA ASN B 1129 -28.38 -53.70 -41.62
C ASN B 1129 -28.24 -52.28 -42.15
N GLN B 1130 -28.10 -52.15 -43.47
CA GLN B 1130 -27.97 -50.86 -44.12
C GLN B 1130 -29.04 -50.73 -45.19
N THR B 1131 -29.50 -49.50 -45.41
CA THR B 1131 -30.64 -49.22 -46.28
C THR B 1131 -30.23 -48.20 -47.33
N PRO B 1132 -30.71 -48.35 -48.57
CA PRO B 1132 -30.49 -47.29 -49.57
C PRO B 1132 -31.00 -45.93 -49.12
N GLU B 1133 -32.10 -45.90 -48.35
CA GLU B 1133 -32.56 -44.63 -47.79
C GLU B 1133 -31.56 -44.06 -46.81
N PHE B 1134 -30.87 -44.92 -46.06
CA PHE B 1134 -29.80 -44.45 -45.17
C PHE B 1134 -28.65 -43.85 -45.96
N PHE B 1135 -28.27 -44.49 -47.08
CA PHE B 1135 -27.24 -43.92 -47.93
C PHE B 1135 -27.66 -42.57 -48.49
N GLN B 1136 -28.91 -42.47 -48.94
CA GLN B 1136 -29.42 -41.20 -49.44
C GLN B 1136 -29.36 -40.13 -48.35
N ASP B 1137 -29.81 -40.47 -47.15
CA ASP B 1137 -29.83 -39.50 -46.06
C ASP B 1137 -28.43 -39.02 -45.71
N VAL B 1138 -27.48 -39.96 -45.64
CA VAL B 1138 -26.11 -39.58 -45.28
C VAL B 1138 -25.45 -38.77 -46.38
N CYS B 1139 -25.64 -39.16 -47.63
CA CYS B 1139 -24.97 -38.48 -48.73
C CYS B 1139 -25.61 -37.14 -49.09
N LYS B 1140 -26.88 -36.92 -48.74
CA LYS B 1140 -27.53 -35.69 -49.15
C LYS B 1140 -26.85 -34.44 -48.62
N PRO B 1141 -26.46 -34.35 -47.34
CA PRO B 1141 -25.70 -33.15 -46.91
C PRO B 1141 -24.31 -33.09 -47.50
N LYS B 1142 -23.65 -34.24 -47.71
CA LYS B 1142 -22.28 -34.22 -48.18
C LYS B 1142 -22.19 -34.33 -49.70
N TYR B 1143 -22.63 -35.45 -50.27
CA TYR B 1143 -22.57 -35.63 -51.72
C TYR B 1143 -23.35 -34.54 -52.45
N SER B 1144 -24.67 -34.52 -52.27
CA SER B 1144 -25.52 -33.56 -52.95
C SER B 1144 -25.24 -32.14 -52.48
N GLY B 1145 -24.94 -31.97 -51.19
CA GLY B 1145 -24.62 -30.65 -50.69
C GLY B 1145 -23.41 -30.04 -51.38
N THR B 1146 -22.37 -30.84 -51.59
CA THR B 1146 -21.16 -30.34 -52.25
C THR B 1146 -21.37 -30.21 -53.75
N LEU B 1147 -22.15 -31.12 -54.36
CA LEU B 1147 -22.61 -30.89 -55.73
C LEU B 1147 -23.19 -29.50 -55.89
N ASN B 1148 -24.18 -29.18 -55.07
CA ASN B 1148 -24.90 -27.92 -55.24
C ASN B 1148 -24.02 -26.73 -54.87
N LEU B 1149 -23.22 -26.84 -53.81
CA LEU B 1149 -22.31 -25.76 -53.44
C LEU B 1149 -21.33 -25.48 -54.57
N ASP B 1150 -20.74 -26.53 -55.14
CA ASP B 1150 -19.81 -26.36 -56.25
C ASP B 1150 -20.49 -25.71 -57.44
N ARG B 1151 -21.67 -26.20 -57.80
CA ARG B 1151 -22.38 -25.64 -58.96
C ARG B 1151 -22.68 -24.16 -58.76
N VAL B 1152 -23.27 -23.80 -57.62
CA VAL B 1152 -23.70 -22.43 -57.43
C VAL B 1152 -22.51 -21.51 -57.24
N THR B 1153 -21.41 -22.00 -56.67
CA THR B 1153 -20.22 -21.18 -56.56
C THR B 1153 -19.57 -20.97 -57.91
N ARG B 1154 -19.61 -21.97 -58.79
CA ARG B 1154 -19.14 -21.78 -60.16
C ARG B 1154 -20.00 -20.76 -60.89
N GLU B 1155 -21.31 -20.79 -60.64
CA GLU B 1155 -22.20 -19.88 -61.36
C GLU B 1155 -22.05 -18.44 -60.86
N ALA B 1156 -22.30 -18.20 -59.58
CA ALA B 1156 -22.44 -16.84 -59.07
C ALA B 1156 -21.58 -16.62 -57.84
N CYS B 1157 -20.31 -17.02 -57.89
CA CYS B 1157 -19.32 -16.70 -56.85
C CYS B 1157 -17.97 -16.49 -57.50
N PRO B 1158 -17.75 -15.31 -58.09
CA PRO B 1158 -16.45 -15.05 -58.73
C PRO B 1158 -15.34 -14.74 -57.74
N GLU B 1159 -15.69 -14.20 -56.57
CA GLU B 1159 -14.70 -13.79 -55.58
C GLU B 1159 -14.49 -14.84 -54.48
N LEU B 1160 -14.80 -16.11 -54.76
CA LEU B 1160 -14.68 -17.15 -53.76
C LEU B 1160 -13.22 -17.51 -53.56
N ASP B 1161 -12.79 -17.55 -52.29
CA ASP B 1161 -11.42 -17.91 -51.95
C ASP B 1161 -11.31 -19.27 -51.26
N TYR B 1162 -12.37 -19.75 -50.63
CA TYR B 1162 -12.33 -20.99 -49.88
C TYR B 1162 -13.51 -21.87 -50.25
N PHE B 1163 -13.24 -23.12 -50.57
CA PHE B 1163 -14.26 -24.15 -50.77
C PHE B 1163 -13.78 -25.37 -49.99
N VAL B 1164 -14.13 -25.44 -48.71
CA VAL B 1164 -13.61 -26.46 -47.81
C VAL B 1164 -14.76 -27.39 -47.44
N VAL B 1165 -14.46 -28.69 -47.40
CA VAL B 1165 -15.40 -29.69 -46.92
C VAL B 1165 -14.69 -30.52 -45.86
N PHE B 1166 -15.44 -30.94 -44.85
CA PHE B 1166 -14.88 -31.72 -43.75
C PHE B 1166 -15.22 -33.19 -43.98
N SER B 1167 -14.25 -33.95 -44.47
CA SER B 1167 -14.37 -35.39 -44.65
C SER B 1167 -13.83 -36.08 -43.40
N SER B 1168 -13.95 -37.40 -43.35
CA SER B 1168 -13.53 -38.18 -42.18
C SER B 1168 -12.32 -39.02 -42.53
N VAL B 1169 -11.55 -39.37 -41.49
CA VAL B 1169 -10.51 -40.39 -41.65
C VAL B 1169 -11.14 -41.73 -41.97
N SER B 1170 -12.41 -41.91 -41.60
CA SER B 1170 -13.14 -43.11 -42.00
C SER B 1170 -13.21 -43.25 -43.52
N CYS B 1171 -13.02 -42.14 -44.24
CA CYS B 1171 -12.90 -42.21 -45.69
C CYS B 1171 -11.56 -42.77 -46.12
N GLY B 1172 -10.47 -42.27 -45.53
CA GLY B 1172 -9.15 -42.66 -45.98
C GLY B 1172 -8.82 -44.11 -45.68
N ARG B 1173 -9.17 -44.57 -44.47
CA ARG B 1173 -8.84 -45.92 -44.04
C ARG B 1173 -10.07 -46.82 -43.95
N GLY B 1174 -11.15 -46.34 -43.37
CA GLY B 1174 -12.35 -47.13 -43.27
C GLY B 1174 -12.76 -47.38 -41.83
N ASN B 1175 -14.08 -47.37 -41.58
CA ASN B 1175 -14.61 -47.61 -40.26
C ASN B 1175 -15.67 -48.70 -40.33
N ALA B 1176 -15.80 -49.44 -39.24
CA ALA B 1176 -16.78 -50.52 -39.17
C ALA B 1176 -18.19 -49.94 -39.16
N GLY B 1177 -19.01 -50.37 -40.12
CA GLY B 1177 -20.39 -49.92 -40.16
C GLY B 1177 -20.57 -48.45 -40.45
N GLN B 1178 -19.79 -47.90 -41.37
CA GLN B 1178 -19.92 -46.50 -41.76
C GLN B 1178 -19.72 -46.35 -43.26
N SER B 1179 -20.29 -47.28 -44.03
CA SER B 1179 -20.04 -47.32 -45.48
C SER B 1179 -20.61 -46.08 -46.16
N ASN B 1180 -21.83 -45.67 -45.79
CA ASN B 1180 -22.44 -44.49 -46.40
C ASN B 1180 -21.68 -43.22 -46.03
N TYR B 1181 -21.19 -43.15 -44.80
CA TYR B 1181 -20.35 -42.02 -44.40
C TYR B 1181 -19.10 -41.93 -45.26
N GLY B 1182 -18.41 -43.05 -45.44
CA GLY B 1182 -17.21 -43.05 -46.27
C GLY B 1182 -17.52 -42.72 -47.72
N PHE B 1183 -18.66 -43.20 -48.22
CA PHE B 1183 -19.02 -42.92 -49.61
C PHE B 1183 -19.27 -41.43 -49.81
N ALA B 1184 -20.03 -40.81 -48.90
CA ALA B 1184 -20.28 -39.39 -49.00
C ALA B 1184 -18.99 -38.58 -48.87
N ASN B 1185 -18.11 -38.99 -47.95
CA ASN B 1185 -16.85 -38.28 -47.78
C ASN B 1185 -15.97 -38.38 -49.02
N SER B 1186 -15.90 -39.56 -49.63
CA SER B 1186 -15.11 -39.72 -50.85
C SER B 1186 -15.71 -38.93 -51.99
N ALA B 1187 -17.04 -38.87 -52.08
CA ALA B 1187 -17.65 -38.02 -53.10
C ALA B 1187 -17.26 -36.56 -52.90
N MET B 1188 -17.26 -36.10 -51.65
CA MET B 1188 -16.83 -34.74 -51.35
C MET B 1188 -15.38 -34.52 -51.78
N GLU B 1189 -14.50 -35.49 -51.49
CA GLU B 1189 -13.11 -35.38 -51.88
C GLU B 1189 -12.95 -35.31 -53.39
N ARG B 1190 -13.69 -36.15 -54.12
CA ARG B 1190 -13.62 -36.12 -55.58
C ARG B 1190 -14.09 -34.77 -56.11
N ILE B 1191 -15.14 -34.21 -55.50
CA ILE B 1191 -15.63 -32.90 -55.91
C ILE B 1191 -14.54 -31.85 -55.72
N CYS B 1192 -13.89 -31.86 -54.56
CA CYS B 1192 -12.87 -30.86 -54.27
C CYS B 1192 -11.68 -31.00 -55.19
N GLU B 1193 -11.30 -32.24 -55.51
CA GLU B 1193 -10.20 -32.48 -56.45
C GLU B 1193 -10.57 -31.95 -57.83
N LYS B 1194 -11.80 -32.21 -58.27
CA LYS B 1194 -12.25 -31.73 -59.57
C LYS B 1194 -12.25 -30.20 -59.61
N ARG B 1195 -12.66 -29.57 -58.51
CA ARG B 1195 -12.65 -28.11 -58.43
C ARG B 1195 -11.24 -27.56 -58.51
N ARG B 1196 -10.32 -28.14 -57.74
CA ARG B 1196 -8.94 -27.65 -57.73
C ARG B 1196 -8.26 -27.88 -59.07
N HIS B 1197 -8.66 -28.92 -59.80
CA HIS B 1197 -8.03 -29.20 -61.08
C HIS B 1197 -8.32 -28.09 -62.09
N GLU B 1198 -9.49 -27.47 -62.00
CA GLU B 1198 -9.84 -26.33 -62.83
C GLU B 1198 -9.33 -25.01 -62.28
N GLY B 1199 -8.55 -25.03 -61.20
CA GLY B 1199 -8.03 -23.83 -60.59
C GLY B 1199 -8.93 -23.20 -59.55
N LEU B 1200 -10.15 -23.69 -59.40
CA LEU B 1200 -11.05 -23.17 -58.39
C LEU B 1200 -10.60 -23.60 -56.99
N PRO B 1201 -10.92 -22.81 -55.96
CA PRO B 1201 -10.56 -23.22 -54.60
C PRO B 1201 -11.23 -24.53 -54.23
N GLY B 1202 -10.48 -25.38 -53.54
CA GLY B 1202 -10.99 -26.69 -53.16
C GLY B 1202 -10.14 -27.33 -52.09
N LEU B 1203 -10.79 -27.92 -51.10
CA LEU B 1203 -10.08 -28.49 -49.96
C LEU B 1203 -10.99 -29.50 -49.28
N ALA B 1204 -10.47 -30.70 -49.04
CA ALA B 1204 -11.17 -31.73 -48.30
C ALA B 1204 -10.30 -32.15 -47.13
N VAL B 1205 -10.74 -31.83 -45.92
CA VAL B 1205 -9.94 -32.10 -44.72
C VAL B 1205 -10.46 -33.38 -44.09
N GLN B 1206 -9.64 -34.43 -44.10
CA GLN B 1206 -9.99 -35.70 -43.47
C GLN B 1206 -9.68 -35.61 -41.98
N TRP B 1207 -10.71 -35.32 -41.20
CA TRP B 1207 -10.53 -35.18 -39.77
C TRP B 1207 -10.59 -36.53 -39.09
N GLY B 1208 -9.67 -36.76 -38.15
CA GLY B 1208 -9.76 -37.90 -37.26
C GLY B 1208 -10.79 -37.61 -36.18
N ALA B 1209 -10.74 -38.40 -35.12
CA ALA B 1209 -11.63 -38.17 -33.98
C ALA B 1209 -11.46 -36.74 -33.48
N ILE B 1210 -12.56 -36.00 -33.42
CA ILE B 1210 -12.54 -34.60 -33.02
C ILE B 1210 -12.90 -34.50 -31.54
N GLY B 1211 -12.13 -33.71 -30.81
CA GLY B 1211 -12.33 -33.57 -29.38
C GLY B 1211 -13.05 -32.32 -28.95
N ASP B 1212 -13.58 -32.36 -27.73
CA ASP B 1212 -14.17 -31.24 -27.01
C ASP B 1212 -15.54 -30.84 -27.56
N VAL B 1213 -15.82 -31.16 -28.82
CA VAL B 1213 -17.08 -30.80 -29.47
C VAL B 1213 -17.37 -31.81 -30.57
N GLY B 1214 -18.60 -31.80 -31.07
CA GLY B 1214 -18.96 -32.65 -32.19
C GLY B 1214 -19.83 -33.84 -31.83
N ILE B 1215 -19.91 -34.80 -32.75
CA ILE B 1215 -20.76 -35.97 -32.59
C ILE B 1215 -20.10 -37.04 -31.74
N LEU B 1216 -18.78 -37.18 -31.83
CA LEU B 1216 -18.07 -38.10 -30.94
C LEU B 1216 -18.11 -37.66 -29.49
N VAL B 1217 -18.11 -36.36 -29.22
CA VAL B 1217 -18.19 -35.88 -27.85
C VAL B 1217 -19.60 -36.09 -27.28
N GLU B 1218 -20.62 -35.82 -28.08
CA GLU B 1218 -22.00 -35.97 -27.62
C GLU B 1218 -22.38 -37.45 -27.48
N THR B 1219 -22.28 -38.20 -28.57
CA THR B 1219 -22.66 -39.60 -28.54
C THR B 1219 -21.71 -40.41 -27.67
N MET B 1220 -20.45 -40.53 -28.09
CA MET B 1220 -19.46 -41.26 -27.32
C MET B 1220 -18.94 -40.39 -26.18
N SER B 1221 -17.80 -40.79 -25.61
CA SER B 1221 -17.19 -40.03 -24.54
C SER B 1221 -15.96 -39.27 -25.04
N ASP B 1224 -11.40 -38.38 -24.15
CA ASP B 1224 -10.05 -38.93 -24.15
C ASP B 1224 -10.07 -40.45 -24.29
N THR B 1225 -11.03 -40.96 -25.05
CA THR B 1225 -11.21 -42.40 -25.24
C THR B 1225 -10.66 -42.80 -26.60
N ILE B 1226 -9.93 -43.91 -26.63
CA ILE B 1226 -9.34 -44.40 -27.87
C ILE B 1226 -10.47 -44.87 -28.79
N VAL B 1227 -10.54 -44.28 -29.98
CA VAL B 1227 -11.54 -44.64 -30.98
C VAL B 1227 -10.81 -45.09 -32.23
N SER B 1228 -10.93 -46.37 -32.57
CA SER B 1228 -10.30 -46.94 -33.76
C SER B 1228 -8.78 -46.73 -33.72
N GLY B 1229 -8.22 -46.77 -32.52
CA GLY B 1229 -6.79 -46.61 -32.33
C GLY B 1229 -6.29 -45.18 -32.34
N THR B 1230 -7.18 -44.20 -32.43
CA THR B 1230 -6.80 -42.79 -32.48
C THR B 1230 -7.51 -42.00 -31.41
N LEU B 1231 -6.77 -41.08 -30.78
CA LEU B 1231 -7.35 -40.21 -29.77
C LEU B 1231 -8.14 -39.08 -30.43
N PRO B 1232 -9.11 -38.51 -29.71
CA PRO B 1232 -9.84 -37.35 -30.26
C PRO B 1232 -8.96 -36.11 -30.25
N GLN B 1233 -8.77 -35.53 -31.44
CA GLN B 1233 -7.94 -34.34 -31.57
C GLN B 1233 -8.65 -33.13 -30.97
N ARG B 1234 -7.93 -32.39 -30.13
CA ARG B 1234 -8.53 -31.23 -29.47
C ARG B 1234 -8.79 -30.11 -30.45
N MET B 1235 -9.69 -29.21 -30.09
CA MET B 1235 -10.04 -28.10 -30.99
C MET B 1235 -8.81 -27.25 -31.30
N ALA B 1236 -8.05 -26.86 -30.28
CA ALA B 1236 -6.92 -25.99 -30.53
C ALA B 1236 -6.02 -26.57 -31.61
N SER B 1237 -5.69 -27.86 -31.49
CA SER B 1237 -4.91 -28.53 -32.50
C SER B 1237 -5.65 -28.60 -33.82
N CYS B 1238 -6.96 -28.84 -33.78
CA CYS B 1238 -7.74 -28.93 -35.01
C CYS B 1238 -7.72 -27.60 -35.76
N LEU B 1239 -7.88 -26.48 -35.05
CA LEU B 1239 -7.88 -25.19 -35.73
C LEU B 1239 -6.49 -24.80 -36.20
N GLU B 1240 -5.45 -25.17 -35.45
CA GLU B 1240 -4.09 -24.96 -35.93
C GLU B 1240 -3.85 -25.73 -37.23
N VAL B 1241 -4.26 -27.00 -37.26
CA VAL B 1241 -4.06 -27.82 -38.44
C VAL B 1241 -4.90 -27.31 -39.61
N LEU B 1242 -6.10 -26.80 -39.33
CA LEU B 1242 -6.92 -26.25 -40.39
C LEU B 1242 -6.30 -24.98 -40.97
N ASP B 1243 -5.75 -24.12 -40.10
CA ASP B 1243 -5.01 -22.96 -40.58
C ASP B 1243 -3.86 -23.39 -41.47
N LEU B 1244 -3.14 -24.43 -41.07
CA LEU B 1244 -2.06 -24.94 -41.91
C LEU B 1244 -2.58 -25.47 -43.24
N PHE B 1245 -3.72 -26.17 -43.21
CA PHE B 1245 -4.25 -26.83 -44.40
C PHE B 1245 -4.77 -25.81 -45.41
N LEU B 1246 -5.35 -24.72 -44.92
CA LEU B 1246 -5.92 -23.70 -45.80
C LEU B 1246 -4.85 -22.99 -46.63
N ASN B 1247 -3.58 -23.14 -46.28
CA ASN B 1247 -2.48 -22.52 -47.00
C ASN B 1247 -1.62 -23.57 -47.71
N GLN B 1248 -2.27 -24.63 -48.19
CA GLN B 1248 -1.56 -25.70 -48.88
C GLN B 1248 -2.10 -25.87 -50.29
N PRO B 1249 -1.32 -26.54 -51.16
CA PRO B 1249 -1.76 -26.76 -52.53
C PRO B 1249 -2.35 -28.16 -52.71
N HIS B 1250 -2.66 -28.84 -51.63
CA HIS B 1250 -3.16 -30.20 -51.71
C HIS B 1250 -4.69 -30.27 -51.69
N MET B 1251 -5.27 -31.00 -52.63
CA MET B 1251 -6.72 -31.09 -52.70
C MET B 1251 -7.30 -31.66 -51.41
N VAL B 1252 -6.72 -32.74 -50.91
CA VAL B 1252 -7.22 -33.45 -49.74
C VAL B 1252 -6.08 -33.66 -48.76
N LEU B 1253 -6.27 -33.24 -47.52
CA LEU B 1253 -5.34 -33.55 -46.46
C LEU B 1253 -6.09 -34.11 -45.26
N SER B 1254 -5.36 -34.85 -44.43
CA SER B 1254 -5.90 -35.55 -43.29
C SER B 1254 -5.14 -35.15 -42.03
N SER B 1255 -5.83 -35.23 -40.90
CA SER B 1255 -5.22 -34.94 -39.61
C SER B 1255 -5.82 -35.87 -38.58
N PHE B 1256 -4.97 -36.66 -37.92
CA PHE B 1256 -5.47 -37.52 -36.85
C PHE B 1256 -4.35 -37.79 -35.85
N VAL B 1257 -4.72 -37.83 -34.58
CA VAL B 1257 -3.78 -38.08 -33.49
C VAL B 1257 -3.81 -39.56 -33.15
N LEU B 1258 -2.65 -40.20 -33.22
CA LEU B 1258 -2.56 -41.62 -32.88
C LEU B 1258 -2.52 -41.80 -31.37
N ALA B 1259 -2.97 -42.98 -30.93
CA ALA B 1259 -2.98 -43.32 -29.51
C ALA B 1259 -1.64 -43.93 -29.08
C13 X5O C . 15.47 16.99 53.25
C15 X5O C . 16.80 16.72 51.19
C17 X5O C . 14.53 17.63 55.56
C20 X5O C . 12.09 16.40 54.99
C21 X5O C . 13.11 16.40 54.04
C22 X5O C . 11.16 17.02 57.25
C24 X5O C . 21.62 15.82 53.32
C01 X5O C . 19.84 19.29 48.90
C02 X5O C . 20.32 18.37 50.05
C03 X5O C . 21.54 17.68 49.96
C04 X5O C . 21.96 16.85 51.01
C05 X5O C . 21.16 16.72 52.15
C06 X5O C . 19.96 17.42 52.25
C07 X5O C . 19.52 18.24 51.20
C08 X5O C . 18.15 18.99 51.38
C11 X5O C . 15.50 18.83 51.56
C12 X5O C . 14.74 18.19 52.74
C14 X5O C . 15.79 16.07 52.13
C16 X5O C . 14.33 17.01 54.32
C18 X5O C . 13.51 17.64 56.51
C19 X5O C . 12.29 17.02 56.23
C27 X5O C . 22.66 15.06 55.07
C29 X5O C . 23.62 14.95 56.28
C30 X5O C . 23.30 16.06 50.93
C31 X5O C . 24.58 16.88 50.72
C32 X5O C . 24.93 16.03 49.50
C33 X5O C . 23.65 15.21 49.71
N10 X5O C . 16.87 18.21 51.37
N23 X5O C . 10.30 17.01 58.01
N25 X5O C . 21.14 14.61 53.60
N26 X5O C . 21.79 14.15 54.68
N28 X5O C . 22.57 16.11 54.22
O09 X5O C . 18.14 20.16 51.53
PA NDP D . -16.72 16.63 11.41
O1A NDP D . -16.51 16.75 12.91
O2A NDP D . -17.39 17.87 10.89
O5B NDP D . -17.67 15.32 11.11
C5B NDP D . -17.13 14.33 10.29
C4B NDP D . -18.17 13.18 10.08
O4B NDP D . -17.69 12.10 10.55
C3B NDP D . -19.49 13.40 10.89
O3B NDP D . -20.40 14.13 10.20
C2B NDP D . -19.97 11.96 10.96
O2B NDP D . -20.32 11.56 9.54
C1B NDP D . -18.90 11.35 11.32
N9A NDP D . -18.75 11.39 12.76
C8A NDP D . -19.42 10.63 13.61
N7A NDP D . -19.05 10.92 14.84
C5A NDP D . -18.13 11.89 14.81
C6A NDP D . -17.39 12.59 15.79
N6A NDP D . -17.56 12.29 17.20
N1A NDP D . -16.52 13.52 15.40
C2A NDP D . -16.35 13.79 14.12
N3A NDP D . -17.04 13.15 13.19
C4A NDP D . -17.93 12.19 13.48
O3 NDP D . -15.26 16.43 10.67
PN NDP D . -14.93 16.90 9.13
O1N NDP D . -16.03 16.45 8.20
O2N NDP D . -14.80 18.41 9.08
O5D NDP D . -13.53 16.21 8.63
C5D NDP D . -13.59 14.88 8.19
C4D NDP D . -12.44 14.24 8.56
O4D NDP D . -11.26 14.72 7.70
C3D NDP D . -12.04 14.58 10.07
O3D NDP D . -11.91 13.31 10.86
C2D NDP D . -10.95 15.22 10.00
O2D NDP D . -10.03 14.91 11.08
C1D NDP D . -10.27 14.84 8.51
N1N NDP D . -9.43 15.90 8.08
C2N NDP D . -8.37 15.61 7.36
C3N NDP D . -7.50 16.59 6.92
C7N NDP D . -6.28 16.21 6.09
O7N NDP D . -5.97 16.86 5.15
N7N NDP D . -5.49 15.05 6.47
C4N NDP D . -7.77 17.90 7.25
C5N NDP D . -8.91 18.19 8.00
C6N NDP D . -9.72 17.14 8.41
P2B NDP D . -21.22 10.21 9.27
O1X NDP D . -22.36 10.56 8.35
O2X NDP D . -20.35 9.16 8.62
O3X NDP D . -21.78 9.68 10.58
PA NDP E . 22.23 22.15 41.38
O1A NDP E . 22.78 21.97 42.77
O2A NDP E . 22.95 21.22 40.44
O5B NDP E . 22.47 23.72 40.95
C5B NDP E . 23.17 24.52 41.86
C4B NDP E . 23.87 25.70 41.13
O4B NDP E . 24.28 26.55 42.00
C3B NDP E . 25.16 25.23 40.37
O3B NDP E . 25.02 25.52 39.05
C2B NDP E . 26.28 26.06 40.97
O2B NDP E . 27.32 26.43 39.93
C1B NDP E . 25.64 27.12 41.34
N9A NDP E . 26.40 27.95 42.23
C8A NDP E . 26.83 27.64 43.43
N7A NDP E . 27.49 28.67 43.94
C5A NDP E . 27.49 29.66 43.02
C6A NDP E . 28.02 30.96 42.97
N6A NDP E . 28.76 31.51 44.09
N1A NDP E . 27.82 31.69 41.87
C2A NDP E . 27.15 31.20 40.84
N3A NDP E . 26.65 29.98 40.86
C4A NDP E . 26.79 29.20 41.93
O3 NDP E . 20.63 21.77 41.41
PN NDP E . 19.83 21.57 42.83
O1N NDP E . 20.56 20.53 43.68
O2N NDP E . 18.41 21.12 42.63
O5D NDP E . 19.87 23.01 43.62
C5D NDP E . 19.45 24.15 42.90
C4D NDP E . 18.54 24.83 43.67
O4D NDP E . 17.43 23.88 44.18
C3D NDP E . 19.26 25.40 44.98
O3D NDP E . 18.97 26.86 45.13
C2D NDP E . 18.80 24.73 45.93
O2D NDP E . 18.67 25.48 47.17
C1D NDP E . 17.31 24.15 45.44
N1N NDP E . 17.02 22.99 46.19
C2N NDP E . 17.41 21.80 45.79
C3N NDP E . 17.14 20.66 46.53
C7N NDP E . 17.59 19.27 46.06
O7N NDP E . 17.09 18.30 46.52
N7N NDP E . 18.64 19.14 45.06
C4N NDP E . 16.45 20.80 47.72
C5N NDP E . 16.05 22.06 48.13
C6N NDP E . 16.36 23.15 47.33
P2B NDP E . 28.87 26.70 40.44
O1X NDP E . 29.85 26.24 39.40
O2X NDP E . 29.08 28.17 40.68
O3X NDP E . 29.09 25.97 41.74
C13 X5O F . -12.39 -42.75 -36.84
C15 X5O F . -13.89 -41.19 -35.68
C17 X5O F . -11.30 -44.47 -38.43
C20 X5O F . -8.78 -44.01 -37.30
C21 X5O F . -9.90 -43.31 -36.82
C22 X5O F . -7.70 -45.70 -38.84
C24 X5O F . -18.25 -44.25 -35.23
C01 X5O F . -17.52 -38.63 -36.85
C02 X5O F . -17.73 -40.10 -36.42
C03 X5O F . -18.83 -40.46 -35.64
C04 X5O F . -19.00 -41.81 -35.25
C05 X5O F . -18.07 -42.78 -35.65
C06 X5O F . -16.98 -42.40 -36.44
C07 X5O F . -16.79 -41.07 -36.81
C08 X5O F . -15.53 -40.72 -37.70
C11 X5O F . -12.88 -40.53 -37.86
C12 X5O F . -11.91 -41.71 -37.80
C14 X5O F . -12.69 -42.13 -35.53
C16 X5O F . -11.15 -43.53 -37.40
C18 X5O F . -10.19 -45.17 -38.89
C19 X5O F . -8.93 -44.94 -38.34
C27 X5O F . -18.97 -46.30 -35.14
C29 X5O F . -19.75 -47.59 -35.41
C30 X5O F . -20.21 -42.25 -34.38
C31 X5O F . -21.61 -41.95 -34.93
C32 X5O F . -21.97 -41.22 -33.63
C33 X5O F . -20.57 -41.50 -33.08
N10 X5O F . -14.16 -40.80 -37.11
N23 X5O F . -6.78 -46.26 -39.20
N25 X5O F . -17.58 -44.87 -34.28
N26 X5O F . -18.03 -46.14 -34.24
N28 X5O F . -19.13 -45.12 -35.77
O09 X5O F . -15.67 -40.43 -38.84
PA NDP G . 14.73 -0.34 -21.53
O1A NDP G . 14.65 -1.63 -22.30
O2A NDP G . 15.16 0.77 -22.47
O5B NDP G . 15.85 -0.48 -20.33
C5B NDP G . 15.43 -0.19 -19.03
C4B NDP G . 16.63 -0.34 -18.06
O4B NDP G . 16.40 -1.30 -17.25
C3B NDP G . 17.96 -0.76 -18.77
O3B NDP G . 18.64 0.32 -19.23
C2B NDP G . 18.70 -1.33 -17.60
O2B NDP G . 18.98 -0.18 -16.66
C1B NDP G . 17.80 -2.10 -17.06
N9A NDP G . 17.79 -3.38 -17.71
C8A NDP G . 18.65 -4.36 -17.45
N7A NDP G . 18.38 -5.41 -18.20
C5A NDP G . 17.31 -5.12 -18.98
C6A NDP G . 16.58 -5.82 -19.96
N6A NDP G . 16.94 -7.18 -20.32
N1A NDP G . 15.56 -5.22 -20.54
C2A NDP G . 15.23 -3.98 -20.23
N3A NDP G . 15.90 -3.31 -19.30
C4A NDP G . 16.94 -3.83 -18.66
O3 NDP G . 13.27 0.01 -20.87
PN NDP G . 12.71 1.54 -20.61
O1N NDP G . 13.77 2.37 -19.92
O2N NDP G . 12.32 2.18 -21.92
O5D NDP G . 11.41 1.48 -19.61
C5D NDP G . 11.67 1.26 -18.26
C4D NDP G . 10.67 0.46 -17.74
O4D NDP G . 9.35 1.25 -17.68
C3D NDP G . 10.39 -0.79 -18.67
O3D NDP G . 10.54 -2.05 -17.89
C2D NDP G . 9.21 -0.63 -19.11
O2D NDP G . 8.46 -1.88 -19.22
C1D NDP G . 8.45 0.41 -18.04
N1N NDP G . 7.40 1.09 -18.70
C2N NDP G . 6.33 1.43 -18.01
C3N NDP G . 5.27 2.09 -18.59
C7N NDP G . 4.04 2.46 -17.76
O7N NDP G . 3.50 3.50 -17.92
N7N NDP G . 3.56 1.53 -16.76
C4N NDP G . 5.35 2.40 -19.95
C5N NDP G . 6.49 2.04 -20.64
C6N NDP G . 7.51 1.38 -19.98
P2B NDP G . 20.02 -0.37 -15.41
O1X NDP G . 20.99 0.80 -15.40
O2X NDP G . 19.24 -0.38 -14.12
O3X NDP G . 20.79 -1.67 -15.56
PA NDP H . -21.11 -31.36 -35.66
O1A NDP H . -21.50 -32.76 -36.03
O2A NDP H . -21.76 -31.01 -34.34
O5B NDP H . -21.65 -30.37 -36.86
C5B NDP H . -22.38 -30.98 -37.87
C4B NDP H . -23.36 -29.97 -38.53
O4B NDP H . -23.81 -30.45 -39.62
C3B NDP H . -24.63 -29.72 -37.64
O3B NDP H . -24.68 -28.41 -37.30
C2B NDP H . -25.81 -30.08 -38.54
O2B NDP H . -27.00 -29.17 -38.30
C1B NDP H . -25.32 -29.85 -39.71
N9A NDP H . -26.10 -30.44 -40.76
C8A NDP H . -26.38 -31.72 -40.94
N7A NDP H . -27.13 -31.85 -42.03
C5A NDP H . -27.33 -30.62 -42.55
C6A NDP H . -28.03 -30.12 -43.66
N6A NDP H . -28.74 -31.02 -44.55
N1A NDP H . -28.03 -28.81 -43.88
C2A NDP H . -27.39 -27.98 -43.08
N3A NDP H . -26.72 -28.42 -42.03
C4A NDP H . -26.67 -29.73 -41.73
O3 NDP H . -19.47 -31.30 -35.51
PN NDP H . -18.54 -32.55 -36.04
O1N NDP H . -18.98 -33.82 -35.37
O2N NDP H . -17.08 -32.30 -35.75
O5D NDP H . -18.78 -32.66 -37.67
C5D NDP H . -18.65 -31.50 -38.43
C4D NDP H . -17.75 -31.72 -39.43
O4D NDP H . -16.45 -32.37 -38.86
C3D NDP H . -18.33 -32.78 -40.46
O3D NDP H . -18.26 -32.23 -41.86
C2D NDP H . -17.65 -33.83 -40.31
O2D NDP H . -17.43 -34.57 -41.54
C1D NDP H . -16.18 -33.34 -39.65
N1N NDP H . -15.63 -34.46 -38.97
C2N NDP H . -15.88 -34.65 -37.69
C3N NDP H . -15.36 -35.73 -37.01
C7N NDP H . -15.63 -35.95 -35.52
O7N NDP H . -14.94 -36.68 -34.89
N7N NDP H . -16.74 -35.26 -34.87
C4N NDP H . -14.57 -36.63 -37.71
C5N NDP H . -14.33 -36.41 -39.06
C6N NDP H . -14.89 -35.30 -39.66
P2B NDP H . -28.49 -29.76 -38.65
O1X NDP H . -29.51 -29.20 -37.68
O2X NDP H . -28.88 -29.36 -40.05
O3X NDP H . -28.46 -31.26 -38.57
#